data_3IRO
#
_entry.id   3IRO
#
_cell.length_a   81.544
_cell.length_b   165.936
_cell.length_c   84.718
_cell.angle_alpha   90.000
_cell.angle_beta   113.410
_cell.angle_gamma   90.000
#
_symmetry.space_group_name_H-M   'P 1 21 1'
#
loop_
_entity.id
_entity.type
_entity.pdbx_description
1 polymer 'Bifunctional dihydrofolate reductase-thymidylate synthase'
2 non-polymer 5-[3-(3-fluorophenoxy)propoxy]quinazoline-2,4-diamine
3 non-polymer 'NADPH DIHYDRO-NICOTINAMIDE-ADENINE-DINUCLEOTIDE PHOSPHATE'
4 non-polymer 'PHOSPHATE ION'
5 non-polymer 'ACETATE ION'
6 non-polymer GLYCEROL
7 water water
#
_entity_poly.entity_id   1
_entity_poly.type   'polypeptide(L)'
_entity_poly.pdbx_seq_one_letter_code
;MSLFKIRMPETVAEGTRLALRAFSLVVAVDEHGGIGDGRSIPWNVPEDMKFFRDLTTKLRGKNVKPSPAKRNAVVMGRKT
WDSIPPKFRPLPGRLNVVLSSTLTTQHLLDGLPDEEKRNLHADSIVAVNGGLEQALRLLASPNYTPSIETVYCIGGGSVY
AEALRPPCVHLLQAIYRTTIRASESSCSVFFRVPESGTEAAAGIEWQRETISEELTSANGNETKYYFEKLIPRNREEEQY
LSLVDRIIREGNVKHDRTGVGTLSIFGAQMRFSLRNNRLPLLTTKRVFWRGVCEELLWFLRGETYAKKLSDKGVHIWDDN
GSRAFLDSRGLTEYEEMDLGPVYGFQWRHFGAAYTHHDANYDGQGVDQIKAIVETLKTNPDDRRMLFTAWNPSALPRMAL
PPCHLLAQFYVSNGELSCMLYQRSCDMGLGVPFNIASYALLTILIAKATGLRPGELVHTLGDAHVYSNHVEPCNEQLKRV
PRAFPYLVFRREREFLEDYEEGDMEVIDYAPYPPISMKMAV
;
_entity_poly.pdbx_strand_id   A,B,C,D
#
loop_
_chem_comp.id
_chem_comp.type
_chem_comp.name
_chem_comp.formula
2CY non-polymer 5-[3-(3-fluorophenoxy)propoxy]quinazoline-2,4-diamine 'C17 H17 F N4 O2'
ACT non-polymer 'ACETATE ION' 'C2 H3 O2 -1'
GOL non-polymer GLYCEROL 'C3 H8 O3'
NDP non-polymer 'NADPH DIHYDRO-NICOTINAMIDE-ADENINE-DINUCLEOTIDE PHOSPHATE' 'C21 H30 N7 O17 P3'
PO4 non-polymer 'PHOSPHATE ION' 'O4 P -3'
#
# COMPACT_ATOMS: atom_id res chain seq x y z
N MET A 1 0.67 51.49 -16.50
CA MET A 1 0.97 50.24 -15.74
C MET A 1 2.42 49.81 -15.88
N SER A 2 2.63 48.66 -16.50
CA SER A 2 3.98 48.11 -16.70
C SER A 2 4.55 47.73 -15.35
N LEU A 3 5.02 48.71 -14.57
CA LEU A 3 5.54 48.37 -13.25
C LEU A 3 4.38 47.73 -12.50
N PHE A 4 3.16 48.11 -12.85
CA PHE A 4 1.97 47.52 -12.24
C PHE A 4 1.90 46.09 -12.72
N LYS A 5 2.31 45.87 -13.98
CA LYS A 5 2.29 44.54 -14.58
C LYS A 5 3.57 43.75 -14.29
N ILE A 6 3.51 42.44 -14.56
CA ILE A 6 4.63 41.52 -14.35
C ILE A 6 5.41 41.25 -15.63
N ARG A 7 6.61 41.82 -15.73
CA ARG A 7 7.45 41.63 -16.92
C ARG A 7 8.06 40.23 -16.93
N MET A 8 7.94 39.55 -18.06
CA MET A 8 8.46 38.20 -18.22
C MET A 8 9.93 38.29 -18.50
N PRO A 9 10.74 37.47 -17.84
CA PRO A 9 12.19 37.46 -18.04
C PRO A 9 12.51 36.97 -19.44
N GLU A 10 13.74 37.25 -19.90
CA GLU A 10 14.20 36.87 -21.23
C GLU A 10 14.01 35.39 -21.52
N THR A 11 14.32 34.57 -20.53
CA THR A 11 14.21 33.12 -20.63
C THR A 11 12.75 32.67 -20.66
N VAL A 12 11.84 33.62 -20.86
CA VAL A 12 10.40 33.34 -20.89
C VAL A 12 9.99 32.16 -21.77
N ALA A 13 10.79 31.89 -22.80
CA ALA A 13 10.47 30.80 -23.72
C ALA A 13 11.39 29.59 -23.55
N GLU A 14 12.39 29.74 -22.70
CA GLU A 14 13.38 28.69 -22.45
C GLU A 14 12.88 27.48 -21.65
N GLY A 15 12.09 27.71 -20.61
CA GLY A 15 11.64 26.61 -19.79
C GLY A 15 10.37 25.89 -20.21
N THR A 16 9.68 26.39 -21.24
CA THR A 16 8.45 25.75 -21.69
C THR A 16 8.55 25.14 -23.08
N ARG A 17 9.64 25.41 -23.79
CA ARG A 17 9.79 24.88 -25.14
C ARG A 17 9.67 23.37 -25.08
N LEU A 18 8.91 22.80 -26.01
CA LEU A 18 8.68 21.37 -26.11
C LEU A 18 9.88 20.72 -26.84
N ALA A 19 10.52 19.76 -26.19
CA ALA A 19 11.68 19.08 -26.75
C ALA A 19 11.32 17.93 -27.65
N LEU A 20 10.50 17.02 -27.13
CA LEU A 20 10.08 15.87 -27.91
C LEU A 20 8.58 15.78 -27.96
N ARG A 21 8.04 15.66 -29.16
CA ARG A 21 6.60 15.55 -29.35
C ARG A 21 6.10 14.16 -28.97
N ALA A 22 4.89 14.09 -28.40
CA ALA A 22 4.34 12.81 -27.99
C ALA A 22 3.86 12.03 -29.20
N PHE A 23 3.80 10.70 -29.06
CA PHE A 23 3.39 9.86 -30.16
C PHE A 23 2.86 8.48 -29.77
N SER A 24 2.27 7.82 -30.74
CA SER A 24 1.74 6.48 -30.56
C SER A 24 2.57 5.56 -31.46
N LEU A 25 2.52 4.27 -31.20
CA LEU A 25 3.26 3.33 -31.99
C LEU A 25 2.34 2.23 -32.47
N VAL A 26 2.31 1.99 -33.79
CA VAL A 26 1.48 0.93 -34.37
C VAL A 26 2.40 -0.13 -34.98
N VAL A 27 2.22 -1.39 -34.57
CA VAL A 27 3.07 -2.50 -35.06
C VAL A 27 2.34 -3.86 -35.14
N ALA A 28 2.89 -4.77 -35.95
CA ALA A 28 2.33 -6.10 -36.12
C ALA A 28 3.39 -7.18 -35.84
N VAL A 29 3.03 -8.21 -35.07
CA VAL A 29 4.00 -9.27 -34.78
C VAL A 29 3.38 -10.63 -35.01
N ASP A 30 4.21 -11.66 -34.90
CA ASP A 30 3.76 -13.03 -35.05
C ASP A 30 3.76 -13.60 -33.63
N GLU A 31 3.03 -14.69 -33.42
CA GLU A 31 2.91 -15.33 -32.10
C GLU A 31 4.17 -15.35 -31.24
N HIS A 32 5.34 -15.25 -31.86
CA HIS A 32 6.58 -15.27 -31.11
C HIS A 32 7.16 -13.89 -30.88
N GLY A 33 6.48 -12.88 -31.41
CA GLY A 33 6.90 -11.51 -31.25
C GLY A 33 7.83 -11.00 -32.34
N GLY A 34 7.96 -11.76 -33.42
CA GLY A 34 8.81 -11.30 -34.49
C GLY A 34 8.05 -10.29 -35.31
N ILE A 35 8.75 -9.25 -35.76
CA ILE A 35 8.14 -8.22 -36.58
C ILE A 35 8.35 -8.57 -38.05
N GLY A 36 9.49 -9.20 -38.32
CA GLY A 36 9.85 -9.59 -39.67
C GLY A 36 11.31 -9.96 -39.68
N ASP A 37 11.73 -10.71 -40.70
CA ASP A 37 13.13 -11.13 -40.80
C ASP A 37 13.92 -10.10 -41.61
N GLY A 38 14.02 -8.89 -41.07
CA GLY A 38 14.75 -7.78 -41.68
C GLY A 38 14.81 -7.69 -43.20
N ARG A 39 13.88 -8.36 -43.87
CA ARG A 39 13.82 -8.37 -45.33
C ARG A 39 12.43 -8.01 -45.79
N SER A 40 11.43 -8.41 -45.01
CA SER A 40 10.05 -8.12 -45.38
C SER A 40 9.06 -8.63 -44.33
N ILE A 41 7.79 -8.30 -44.55
CA ILE A 41 6.72 -8.77 -43.68
C ILE A 41 6.22 -10.02 -44.42
N PRO A 42 6.72 -11.20 -44.03
CA PRO A 42 6.29 -12.46 -44.67
C PRO A 42 4.79 -12.78 -44.63
N TRP A 43 3.99 -11.91 -44.01
CA TRP A 43 2.55 -12.12 -43.89
C TRP A 43 1.71 -10.84 -43.90
N ASN A 44 0.80 -10.73 -44.86
CA ASN A 44 -0.08 -9.57 -44.98
C ASN A 44 -1.51 -9.96 -44.68
N VAL A 45 -2.07 -9.37 -43.63
CA VAL A 45 -3.44 -9.66 -43.24
C VAL A 45 -4.34 -8.46 -43.50
N PRO A 46 -5.31 -8.63 -44.42
CA PRO A 46 -6.29 -7.62 -44.85
C PRO A 46 -6.91 -6.76 -43.75
N GLU A 47 -7.62 -7.39 -42.83
CA GLU A 47 -8.26 -6.65 -41.74
C GLU A 47 -7.30 -5.73 -41.01
N ASP A 48 -6.11 -6.23 -40.72
CA ASP A 48 -5.11 -5.41 -40.04
C ASP A 48 -4.70 -4.27 -40.94
N MET A 49 -4.35 -4.62 -42.19
CA MET A 49 -3.90 -3.66 -43.19
C MET A 49 -4.83 -2.44 -43.25
N LYS A 50 -6.11 -2.68 -42.97
CA LYS A 50 -7.10 -1.61 -42.98
C LYS A 50 -6.98 -0.83 -41.67
N PHE A 51 -6.73 -1.54 -40.58
CA PHE A 51 -6.60 -0.92 -39.27
C PHE A 51 -5.44 0.05 -39.31
N PHE A 52 -4.30 -0.38 -39.84
CA PHE A 52 -3.17 0.51 -39.90
C PHE A 52 -3.52 1.77 -40.68
N ARG A 53 -4.21 1.59 -41.79
CA ARG A 53 -4.62 2.69 -42.64
C ARG A 53 -5.48 3.68 -41.87
N ASP A 54 -6.64 3.23 -41.43
CA ASP A 54 -7.54 4.12 -40.70
C ASP A 54 -6.93 4.72 -39.43
N LEU A 55 -6.23 3.90 -38.66
CA LEU A 55 -5.62 4.36 -37.42
C LEU A 55 -4.64 5.53 -37.60
N THR A 56 -3.79 5.44 -38.62
CA THR A 56 -2.80 6.49 -38.85
C THR A 56 -3.28 7.63 -39.76
N THR A 57 -4.45 7.46 -40.38
CA THR A 57 -4.99 8.49 -41.25
C THR A 57 -6.07 9.30 -40.57
N LYS A 58 -7.05 8.62 -39.98
CA LYS A 58 -8.14 9.31 -39.32
C LYS A 58 -7.75 10.27 -38.20
N LEU A 59 -8.60 11.28 -37.97
CA LEU A 59 -8.38 12.29 -36.94
C LEU A 59 -9.44 12.19 -35.85
N ARG A 60 -9.19 12.78 -34.69
CA ARG A 60 -10.14 12.76 -33.59
C ARG A 60 -11.37 13.51 -34.05
N GLY A 61 -12.55 12.97 -33.74
CA GLY A 61 -13.77 13.61 -34.16
C GLY A 61 -13.92 13.43 -35.66
N LYS A 62 -14.73 12.44 -36.05
CA LYS A 62 -14.96 12.15 -37.46
C LYS A 62 -15.54 13.33 -38.24
N ASN A 63 -15.85 13.08 -39.50
CA ASN A 63 -16.39 14.12 -40.38
C ASN A 63 -15.36 15.21 -40.60
N VAL A 64 -14.10 14.82 -40.54
CA VAL A 64 -12.98 15.73 -40.76
C VAL A 64 -11.91 14.92 -41.46
N LYS A 65 -11.68 15.21 -42.74
CA LYS A 65 -10.67 14.50 -43.50
C LYS A 65 -9.35 15.26 -43.36
N PRO A 66 -8.22 14.54 -43.35
CA PRO A 66 -6.89 15.17 -43.23
C PRO A 66 -6.68 16.31 -44.21
N SER A 67 -5.74 17.19 -43.86
CA SER A 67 -5.40 18.33 -44.69
C SER A 67 -4.01 18.79 -44.27
N PRO A 68 -3.34 19.57 -45.12
CA PRO A 68 -2.00 20.05 -44.80
C PRO A 68 -1.94 20.89 -43.51
N ALA A 69 -3.10 21.40 -43.10
CA ALA A 69 -3.21 22.23 -41.90
C ALA A 69 -3.62 21.40 -40.69
N LYS A 70 -4.03 20.16 -40.94
CA LYS A 70 -4.44 19.26 -39.87
C LYS A 70 -4.41 17.81 -40.38
N ARG A 71 -3.30 17.15 -40.13
CA ARG A 71 -3.09 15.76 -40.56
C ARG A 71 -2.25 15.03 -39.53
N ASN A 72 -2.24 13.70 -39.56
CA ASN A 72 -1.40 12.97 -38.61
C ASN A 72 -0.05 12.83 -39.32
N ALA A 73 0.92 12.23 -38.65
CA ALA A 73 2.19 12.04 -39.26
C ALA A 73 2.71 10.65 -38.86
N VAL A 74 3.50 10.03 -39.75
CA VAL A 74 4.08 8.73 -39.43
C VAL A 74 5.60 8.84 -39.54
N VAL A 75 6.30 8.20 -38.62
CA VAL A 75 7.77 8.22 -38.62
C VAL A 75 8.22 6.82 -38.99
N MET A 76 9.22 6.70 -39.85
CA MET A 76 9.69 5.37 -40.24
C MET A 76 11.16 5.35 -40.68
N GLY A 77 11.85 4.24 -40.42
CA GLY A 77 13.23 4.10 -40.84
C GLY A 77 13.27 4.10 -42.37
N ARG A 78 14.44 4.41 -42.93
CA ARG A 78 14.58 4.45 -44.39
C ARG A 78 14.21 3.16 -45.11
N LYS A 79 14.58 2.04 -44.51
CA LYS A 79 14.27 0.76 -45.12
C LYS A 79 12.76 0.60 -45.23
N THR A 80 12.03 0.76 -44.13
CA THR A 80 10.57 0.65 -44.17
C THR A 80 10.00 1.52 -45.26
N TRP A 81 10.57 2.70 -45.46
CA TRP A 81 10.11 3.60 -46.51
C TRP A 81 10.39 2.84 -47.81
N ASP A 82 11.61 2.35 -47.95
CA ASP A 82 12.02 1.59 -49.14
C ASP A 82 11.06 0.43 -49.41
N SER A 83 10.56 -0.18 -48.35
CA SER A 83 9.65 -1.32 -48.47
C SER A 83 8.22 -0.96 -48.86
N ILE A 84 7.91 0.32 -48.95
CA ILE A 84 6.57 0.69 -49.36
C ILE A 84 6.61 0.74 -50.89
N PRO A 85 5.72 -0.01 -51.57
CA PRO A 85 5.75 0.01 -53.04
C PRO A 85 5.73 1.46 -53.58
N PRO A 86 6.86 1.90 -54.18
CA PRO A 86 7.06 3.24 -54.75
C PRO A 86 5.81 3.91 -55.31
N LYS A 87 4.83 3.11 -55.69
CA LYS A 87 3.58 3.62 -56.24
C LYS A 87 2.63 4.16 -55.18
N PHE A 88 2.40 3.40 -54.12
CA PHE A 88 1.51 3.85 -53.05
C PHE A 88 2.26 4.74 -52.08
N ARG A 89 3.39 5.26 -52.56
CA ARG A 89 4.25 6.14 -51.79
C ARG A 89 4.03 7.57 -52.24
N PRO A 90 3.89 8.50 -51.28
CA PRO A 90 3.94 8.19 -49.84
C PRO A 90 2.55 7.91 -49.30
N LEU A 91 2.48 7.23 -48.16
CA LEU A 91 1.20 6.93 -47.54
C LEU A 91 0.40 8.23 -47.63
N PRO A 92 -0.79 8.19 -48.23
CA PRO A 92 -1.63 9.37 -48.38
C PRO A 92 -2.40 9.78 -47.13
N GLY A 93 -2.61 11.09 -46.99
CA GLY A 93 -3.34 11.62 -45.85
C GLY A 93 -2.50 11.81 -44.60
N ARG A 94 -1.20 11.60 -44.72
CA ARG A 94 -0.32 11.72 -43.57
C ARG A 94 1.02 12.35 -43.90
N LEU A 95 1.65 12.98 -42.91
CA LEU A 95 2.96 13.57 -43.13
C LEU A 95 3.92 12.39 -43.06
N ASN A 96 4.57 12.06 -44.15
CA ASN A 96 5.51 10.94 -44.15
C ASN A 96 6.89 11.39 -43.71
N VAL A 97 7.25 11.06 -42.47
CA VAL A 97 8.56 11.43 -41.94
C VAL A 97 9.46 10.20 -42.03
N VAL A 98 10.61 10.36 -42.67
CA VAL A 98 11.52 9.25 -42.82
C VAL A 98 12.86 9.49 -42.15
N LEU A 99 13.36 8.48 -41.45
CA LEU A 99 14.66 8.55 -40.81
C LEU A 99 15.65 7.99 -41.82
N SER A 100 16.73 8.70 -42.06
CA SER A 100 17.74 8.23 -42.99
C SER A 100 18.98 9.09 -42.92
N SER A 101 20.14 8.46 -42.79
CA SER A 101 21.39 9.20 -42.70
C SER A 101 22.04 9.34 -44.07
N THR A 102 21.41 8.76 -45.09
CA THR A 102 21.96 8.82 -46.45
C THR A 102 21.04 9.57 -47.41
N LEU A 103 19.75 9.53 -47.15
CA LEU A 103 18.79 10.22 -48.00
C LEU A 103 18.34 11.54 -47.42
N THR A 104 18.25 12.54 -48.29
CA THR A 104 17.79 13.88 -47.89
C THR A 104 16.33 13.94 -48.33
N THR A 105 15.60 14.95 -47.87
CA THR A 105 14.20 15.06 -48.27
C THR A 105 14.14 14.97 -49.79
N GLN A 106 15.04 15.69 -50.45
CA GLN A 106 15.11 15.71 -51.91
C GLN A 106 15.32 14.33 -52.50
N HIS A 107 16.25 13.56 -51.93
CA HIS A 107 16.53 12.21 -52.43
C HIS A 107 15.28 11.36 -52.40
N LEU A 108 14.55 11.41 -51.28
CA LEU A 108 13.32 10.65 -51.14
C LEU A 108 12.37 11.06 -52.26
N LEU A 109 12.34 12.35 -52.54
CA LEU A 109 11.47 12.88 -53.59
C LEU A 109 11.91 12.32 -54.93
N ASP A 110 13.21 12.38 -55.21
CA ASP A 110 13.73 11.85 -56.47
C ASP A 110 13.35 10.39 -56.65
N GLY A 111 13.00 9.71 -55.55
CA GLY A 111 12.64 8.31 -55.60
C GLY A 111 11.23 8.00 -56.08
N LEU A 112 10.40 9.02 -56.23
CA LEU A 112 9.04 8.80 -56.69
C LEU A 112 9.11 8.59 -58.21
N PRO A 113 8.04 8.08 -58.83
CA PRO A 113 7.99 7.83 -60.29
C PRO A 113 8.27 8.98 -61.24
N ASP A 114 7.58 10.12 -61.10
CA ASP A 114 7.83 11.23 -62.01
C ASP A 114 7.77 12.60 -61.32
N GLU A 115 8.13 13.65 -62.05
CA GLU A 115 8.11 15.00 -61.50
C GLU A 115 6.74 15.42 -60.99
N GLU A 116 5.68 14.97 -61.63
CA GLU A 116 4.35 15.35 -61.18
C GLU A 116 4.15 14.86 -59.75
N LYS A 117 4.37 13.57 -59.57
CA LYS A 117 4.23 12.93 -58.26
C LYS A 117 5.12 13.63 -57.23
N ARG A 118 6.29 14.10 -57.67
CA ARG A 118 7.23 14.79 -56.81
C ARG A 118 6.76 16.19 -56.42
N ASN A 119 5.82 16.75 -57.19
CA ASN A 119 5.32 18.09 -56.89
C ASN A 119 4.02 18.07 -56.11
N LEU A 120 3.37 16.92 -56.08
CA LEU A 120 2.11 16.78 -55.36
C LEU A 120 2.39 16.35 -53.91
N HIS A 121 3.53 15.72 -53.70
CA HIS A 121 3.91 15.22 -52.39
C HIS A 121 5.10 15.96 -51.80
N ALA A 122 5.30 17.20 -52.23
CA ALA A 122 6.42 17.98 -51.72
C ALA A 122 6.27 18.17 -50.22
N ASP A 123 5.14 18.74 -49.82
CA ASP A 123 4.88 19.02 -48.41
C ASP A 123 4.39 17.83 -47.59
N SER A 124 4.45 16.64 -48.15
CA SER A 124 4.00 15.47 -47.41
C SER A 124 5.15 14.50 -47.15
N ILE A 125 6.38 14.90 -47.52
CA ILE A 125 7.54 14.05 -47.33
C ILE A 125 8.74 14.83 -46.79
N VAL A 126 9.21 14.43 -45.61
CA VAL A 126 10.38 15.07 -45.00
C VAL A 126 11.32 14.02 -44.45
N ALA A 127 12.61 14.31 -44.57
CA ALA A 127 13.64 13.40 -44.11
C ALA A 127 14.33 14.00 -42.91
N VAL A 128 14.57 13.16 -41.91
CA VAL A 128 15.24 13.57 -40.70
C VAL A 128 16.51 12.74 -40.61
N ASN A 129 17.65 13.41 -40.55
CA ASN A 129 18.92 12.72 -40.48
C ASN A 129 19.21 12.41 -39.02
N GLY A 130 18.43 11.51 -38.44
CA GLY A 130 18.63 11.15 -37.05
C GLY A 130 17.76 9.97 -36.66
N GLY A 131 17.53 9.80 -35.36
CA GLY A 131 16.69 8.71 -34.91
C GLY A 131 15.26 9.15 -34.66
N LEU A 132 14.50 8.33 -33.96
CA LEU A 132 13.12 8.67 -33.64
C LEU A 132 13.18 9.97 -32.85
N GLU A 133 14.15 10.04 -31.94
CA GLU A 133 14.33 11.22 -31.09
C GLU A 133 14.46 12.54 -31.87
N GLN A 134 15.18 12.51 -32.99
CA GLN A 134 15.33 13.70 -33.82
C GLN A 134 14.03 13.94 -34.55
N ALA A 135 13.34 12.87 -34.92
CA ALA A 135 12.07 13.02 -35.62
C ALA A 135 11.03 13.64 -34.69
N LEU A 136 11.02 13.22 -33.43
CA LEU A 136 10.06 13.73 -32.44
C LEU A 136 10.43 15.17 -32.13
N ARG A 137 11.72 15.46 -32.20
CA ARG A 137 12.23 16.80 -31.94
C ARG A 137 11.77 17.74 -33.05
N LEU A 138 12.01 17.33 -34.29
CA LEU A 138 11.63 18.14 -35.42
C LEU A 138 10.11 18.30 -35.40
N LEU A 139 9.40 17.22 -35.11
CA LEU A 139 7.96 17.31 -35.07
C LEU A 139 7.47 18.24 -33.99
N ALA A 140 8.31 18.47 -32.98
CA ALA A 140 7.97 19.36 -31.87
C ALA A 140 7.98 20.83 -32.28
N SER A 141 8.46 21.11 -33.49
CA SER A 141 8.55 22.47 -34.02
C SER A 141 7.22 23.18 -34.24
N PRO A 142 7.25 24.52 -34.25
CA PRO A 142 6.03 25.31 -34.45
C PRO A 142 5.37 24.95 -35.76
N ASN A 143 6.17 24.40 -36.68
CA ASN A 143 5.66 24.02 -38.00
C ASN A 143 4.72 22.82 -37.97
N TYR A 144 5.06 21.84 -37.15
CA TYR A 144 4.26 20.62 -37.06
C TYR A 144 3.46 20.50 -35.77
N THR A 145 3.81 21.33 -34.79
CA THR A 145 3.11 21.35 -33.51
C THR A 145 2.44 22.72 -33.38
N PRO A 146 1.12 22.76 -33.16
CA PRO A 146 0.16 21.67 -33.02
C PRO A 146 -0.43 21.17 -34.35
N SER A 147 0.03 21.77 -35.45
CA SER A 147 -0.40 21.40 -36.79
C SER A 147 -0.68 19.89 -36.92
N ILE A 148 0.33 19.06 -36.66
CA ILE A 148 0.19 17.60 -36.73
C ILE A 148 -0.52 17.10 -35.47
N GLU A 149 -1.69 16.49 -35.64
CA GLU A 149 -2.44 15.99 -34.50
C GLU A 149 -1.82 14.80 -33.77
N THR A 150 -1.52 13.72 -34.48
CA THR A 150 -0.97 12.53 -33.85
C THR A 150 0.21 11.90 -34.61
N VAL A 151 1.32 11.67 -33.89
CA VAL A 151 2.49 11.07 -34.49
C VAL A 151 2.47 9.56 -34.22
N TYR A 152 2.59 8.77 -35.29
CA TYR A 152 2.61 7.32 -35.18
C TYR A 152 3.92 6.79 -35.69
N CYS A 153 4.62 6.03 -34.85
CA CYS A 153 5.86 5.39 -35.25
C CYS A 153 5.33 4.17 -35.97
N ILE A 154 5.50 4.13 -37.29
CA ILE A 154 4.94 3.01 -38.05
C ILE A 154 5.86 1.84 -38.29
N GLY A 155 7.10 1.92 -37.83
CA GLY A 155 7.94 0.77 -38.05
C GLY A 155 9.42 0.91 -38.27
N GLY A 156 10.06 -0.25 -38.13
CA GLY A 156 11.49 -0.36 -38.28
C GLY A 156 11.96 -0.91 -36.95
N GLY A 157 12.55 -2.11 -36.97
CA GLY A 157 13.07 -2.69 -35.75
C GLY A 157 13.90 -1.63 -35.07
N SER A 158 14.75 -1.00 -35.88
CA SER A 158 15.60 0.07 -35.39
C SER A 158 14.79 1.14 -34.65
N VAL A 159 13.64 1.52 -35.20
CA VAL A 159 12.80 2.55 -34.58
C VAL A 159 12.03 2.05 -33.36
N TYR A 160 11.40 0.88 -33.47
CA TYR A 160 10.67 0.35 -32.32
C TYR A 160 11.62 0.28 -31.13
N ALA A 161 12.82 -0.22 -31.37
CA ALA A 161 13.83 -0.33 -30.34
C ALA A 161 14.04 1.02 -29.67
N GLU A 162 14.22 2.06 -30.48
CA GLU A 162 14.43 3.39 -29.93
C GLU A 162 13.17 3.83 -29.23
N ALA A 163 12.03 3.62 -29.87
CA ALA A 163 10.73 3.99 -29.32
C ALA A 163 10.45 3.42 -27.92
N LEU A 164 10.86 2.18 -27.68
CA LEU A 164 10.60 1.51 -26.41
C LEU A 164 11.64 1.63 -25.30
N ARG A 165 12.49 2.66 -25.36
CA ARG A 165 13.51 2.88 -24.33
C ARG A 165 13.64 4.38 -24.07
N PRO A 166 14.17 4.77 -22.91
CA PRO A 166 14.31 6.21 -22.65
C PRO A 166 15.27 6.81 -23.67
N PRO A 167 15.09 8.10 -24.01
CA PRO A 167 14.09 9.05 -23.51
C PRO A 167 12.74 9.03 -24.23
N CYS A 168 12.71 8.47 -25.43
CA CYS A 168 11.48 8.44 -26.22
C CYS A 168 10.33 7.69 -25.61
N VAL A 169 10.62 6.66 -24.84
CA VAL A 169 9.54 5.88 -24.26
C VAL A 169 8.64 6.72 -23.36
N HIS A 170 9.21 7.76 -22.75
CA HIS A 170 8.43 8.61 -21.88
C HIS A 170 7.49 9.48 -22.68
N LEU A 171 7.48 9.28 -23.99
CA LEU A 171 6.57 10.04 -24.83
C LEU A 171 5.81 9.12 -25.76
N LEU A 172 5.45 7.95 -25.25
CA LEU A 172 4.73 6.96 -26.02
C LEU A 172 3.30 6.82 -25.47
N GLN A 173 2.43 7.72 -25.92
CA GLN A 173 1.04 7.78 -25.49
C GLN A 173 0.31 6.44 -25.56
N ALA A 174 0.67 5.59 -26.51
CA ALA A 174 0.01 4.29 -26.64
C ALA A 174 0.67 3.35 -27.64
N ILE A 175 0.51 2.06 -27.40
CA ILE A 175 1.06 1.02 -28.25
C ILE A 175 -0.08 0.23 -28.88
N TYR A 176 -0.15 0.21 -30.21
CA TYR A 176 -1.19 -0.55 -30.92
C TYR A 176 -0.53 -1.76 -31.55
N ARG A 177 -0.69 -2.92 -30.96
CA ARG A 177 -0.04 -4.11 -31.51
C ARG A 177 -1.01 -5.14 -32.06
N THR A 178 -0.68 -5.67 -33.22
CA THR A 178 -1.51 -6.71 -33.83
C THR A 178 -0.74 -8.02 -33.89
N THR A 179 -1.30 -9.04 -33.26
CA THR A 179 -0.66 -10.34 -33.22
C THR A 179 -1.34 -11.24 -34.24
N ILE A 180 -0.53 -11.81 -35.12
CA ILE A 180 -0.99 -12.69 -36.18
C ILE A 180 -0.33 -14.06 -36.06
N ARG A 181 -1.13 -15.11 -36.27
CA ARG A 181 -0.60 -16.46 -36.20
C ARG A 181 0.13 -16.74 -37.51
N ALA A 182 1.41 -16.41 -37.55
CA ALA A 182 2.22 -16.63 -38.74
C ALA A 182 2.87 -17.98 -38.60
N SER A 183 2.46 -18.91 -39.45
CA SER A 183 2.99 -20.26 -39.40
C SER A 183 4.44 -20.38 -39.88
N GLU A 184 5.28 -20.98 -39.04
CA GLU A 184 6.70 -21.20 -39.32
C GLU A 184 7.52 -19.96 -39.64
N SER A 185 6.87 -18.80 -39.78
CA SER A 185 7.56 -17.56 -40.11
C SER A 185 8.53 -17.10 -39.02
N SER A 186 9.58 -17.90 -38.82
CA SER A 186 10.61 -17.62 -37.81
C SER A 186 11.51 -16.44 -38.15
N CYS A 187 10.96 -15.23 -38.02
CA CYS A 187 11.70 -14.00 -38.29
C CYS A 187 12.86 -13.84 -37.32
N SER A 188 13.37 -12.62 -37.16
CA SER A 188 14.50 -12.41 -36.25
C SER A 188 14.32 -11.30 -35.21
N VAL A 189 13.82 -10.15 -35.64
CA VAL A 189 13.64 -9.02 -34.73
C VAL A 189 12.41 -9.20 -33.84
N PHE A 190 12.59 -9.09 -32.52
CA PHE A 190 11.49 -9.25 -31.57
C PHE A 190 11.03 -7.93 -30.93
N PHE A 191 9.71 -7.74 -30.90
CA PHE A 191 9.10 -6.55 -30.30
C PHE A 191 8.61 -6.93 -28.91
N ARG A 192 9.31 -6.48 -27.87
CA ARG A 192 8.90 -6.81 -26.51
C ARG A 192 8.62 -5.58 -25.64
N VAL A 193 7.41 -5.53 -25.07
CA VAL A 193 6.98 -4.42 -24.22
C VAL A 193 7.51 -4.60 -22.80
N PRO A 194 8.49 -3.80 -22.38
CA PRO A 194 9.06 -3.91 -21.02
C PRO A 194 8.01 -4.29 -19.99
N GLU A 195 8.34 -5.21 -19.09
CA GLU A 195 7.40 -5.64 -18.06
C GLU A 195 7.39 -4.70 -16.86
N SER A 196 6.31 -4.70 -16.09
CA SER A 196 6.22 -3.83 -14.91
C SER A 196 7.29 -4.15 -13.88
N GLY A 197 7.89 -3.11 -13.32
CA GLY A 197 8.90 -3.34 -12.31
C GLY A 197 10.32 -3.56 -12.79
N THR A 198 10.49 -3.95 -14.06
CA THR A 198 11.83 -4.17 -14.58
C THR A 198 12.53 -2.86 -14.90
N GLU A 199 13.86 -2.91 -14.95
CA GLU A 199 14.64 -1.73 -15.25
C GLU A 199 14.23 -1.15 -16.60
N ALA A 200 14.23 -1.99 -17.64
CA ALA A 200 13.88 -1.58 -18.99
C ALA A 200 12.56 -0.83 -19.14
N ALA A 201 11.59 -1.11 -18.27
CA ALA A 201 10.30 -0.44 -18.34
C ALA A 201 10.43 1.01 -17.90
N ALA A 202 11.62 1.38 -17.46
CA ALA A 202 11.92 2.73 -17.02
C ALA A 202 10.89 3.36 -16.07
N GLY A 203 10.21 2.54 -15.29
CA GLY A 203 9.24 3.06 -14.35
C GLY A 203 7.84 3.11 -14.90
N ILE A 204 7.68 2.73 -16.17
CA ILE A 204 6.36 2.75 -16.78
C ILE A 204 5.63 1.43 -16.54
N GLU A 205 4.31 1.50 -16.48
CA GLU A 205 3.51 0.30 -16.28
C GLU A 205 2.51 0.15 -17.39
N TRP A 206 2.91 -0.53 -18.46
CA TRP A 206 2.07 -0.77 -19.62
C TRP A 206 0.95 -1.72 -19.36
N GLN A 207 -0.28 -1.26 -19.51
CA GLN A 207 -1.44 -2.12 -19.33
C GLN A 207 -2.32 -2.06 -20.58
N ARG A 208 -3.12 -3.09 -20.78
CA ARG A 208 -4.00 -3.16 -21.95
C ARG A 208 -5.25 -2.31 -21.77
N GLU A 209 -5.49 -1.38 -22.68
CA GLU A 209 -6.71 -0.61 -22.56
C GLU A 209 -7.74 -1.57 -23.12
N THR A 210 -7.40 -2.13 -24.26
CA THR A 210 -8.28 -3.05 -24.96
C THR A 210 -7.58 -4.25 -25.60
N ILE A 211 -8.33 -5.33 -25.75
CA ILE A 211 -7.84 -6.52 -26.40
C ILE A 211 -9.04 -7.12 -27.13
N SER A 212 -8.81 -7.66 -28.32
CA SER A 212 -9.90 -8.22 -29.09
C SER A 212 -9.95 -9.73 -28.95
N GLU A 213 -11.10 -10.32 -29.27
CA GLU A 213 -11.26 -11.76 -29.20
C GLU A 213 -10.34 -12.27 -30.30
N GLU A 214 -10.04 -13.56 -30.29
CA GLU A 214 -9.21 -14.11 -31.33
C GLU A 214 -10.07 -13.94 -32.58
N LEU A 215 -9.57 -13.21 -33.56
CA LEU A 215 -10.35 -12.97 -34.78
C LEU A 215 -9.83 -13.80 -35.95
N THR A 216 -10.75 -14.19 -36.83
CA THR A 216 -10.38 -14.97 -37.99
C THR A 216 -10.44 -14.07 -39.23
N SER A 217 -9.35 -14.02 -39.99
CA SER A 217 -9.32 -13.19 -41.19
C SER A 217 -9.97 -13.85 -42.39
N ALA A 218 -10.84 -13.09 -43.04
CA ALA A 218 -11.55 -13.58 -44.21
C ALA A 218 -10.67 -13.52 -45.46
N ASN A 219 -9.36 -13.68 -45.28
CA ASN A 219 -8.42 -13.65 -46.40
C ASN A 219 -8.42 -14.97 -47.16
N GLY A 220 -7.27 -15.65 -47.15
CA GLY A 220 -7.15 -16.92 -47.84
C GLY A 220 -7.06 -18.12 -46.90
N ASN A 221 -6.01 -18.16 -46.09
CA ASN A 221 -5.81 -19.27 -45.15
C ASN A 221 -6.60 -19.16 -43.86
N GLU A 222 -7.24 -18.02 -43.64
CA GLU A 222 -8.02 -17.77 -42.42
C GLU A 222 -7.10 -17.51 -41.22
N THR A 223 -5.94 -16.92 -41.47
CA THR A 223 -4.99 -16.64 -40.40
C THR A 223 -5.67 -15.96 -39.23
N LYS A 224 -5.45 -16.52 -38.04
CA LYS A 224 -6.06 -15.97 -36.82
C LYS A 224 -5.15 -14.88 -36.27
N TYR A 225 -5.75 -13.78 -35.82
CA TYR A 225 -5.00 -12.65 -35.29
C TYR A 225 -5.85 -11.94 -34.24
N TYR A 226 -5.24 -11.04 -33.49
CA TYR A 226 -6.00 -10.30 -32.50
C TYR A 226 -5.40 -8.91 -32.28
N PHE A 227 -6.10 -8.10 -31.49
CA PHE A 227 -5.69 -6.73 -31.24
C PHE A 227 -5.43 -6.35 -29.78
N GLU A 228 -4.54 -5.38 -29.60
CA GLU A 228 -4.21 -4.87 -28.28
C GLU A 228 -3.88 -3.39 -28.35
N LYS A 229 -4.35 -2.64 -27.36
CA LYS A 229 -4.03 -1.24 -27.26
C LYS A 229 -3.42 -1.05 -25.87
N LEU A 230 -2.10 -1.02 -25.81
CA LEU A 230 -1.42 -0.85 -24.55
C LEU A 230 -1.15 0.61 -24.23
N ILE A 231 -1.30 0.98 -22.97
CA ILE A 231 -1.05 2.35 -22.58
C ILE A 231 -0.32 2.36 -21.26
N PRO A 232 0.39 3.45 -20.97
CA PRO A 232 1.18 3.67 -19.76
C PRO A 232 0.32 4.08 -18.56
N ARG A 233 0.15 3.14 -17.62
CA ARG A 233 -0.66 3.38 -16.44
C ARG A 233 -0.42 4.77 -15.87
N ASN A 234 -1.51 5.49 -15.64
CA ASN A 234 -1.46 6.84 -15.10
C ASN A 234 -1.99 6.88 -13.67
N ARG A 235 -1.12 6.60 -12.71
CA ARG A 235 -1.51 6.62 -11.31
C ARG A 235 -2.12 7.99 -10.97
N GLU A 236 -1.42 9.06 -11.34
CA GLU A 236 -1.90 10.41 -11.05
C GLU A 236 -3.41 10.59 -11.25
N GLU A 237 -3.94 10.17 -12.41
CA GLU A 237 -5.38 10.34 -12.64
C GLU A 237 -6.19 9.31 -11.84
N GLU A 238 -5.58 8.18 -11.51
CA GLU A 238 -6.29 7.17 -10.75
C GLU A 238 -6.50 7.72 -9.35
N GLN A 239 -5.64 8.67 -8.96
CA GLN A 239 -5.73 9.30 -7.65
C GLN A 239 -7.17 9.75 -7.50
N TYR A 240 -7.56 10.63 -8.42
CA TYR A 240 -8.89 11.20 -8.45
C TYR A 240 -9.95 10.12 -8.61
N LEU A 241 -9.68 9.13 -9.45
CA LEU A 241 -10.65 8.07 -9.65
C LEU A 241 -10.87 7.29 -8.37
N SER A 242 -9.81 7.09 -7.60
CA SER A 242 -9.96 6.35 -6.35
C SER A 242 -10.78 7.17 -5.37
N LEU A 243 -10.39 8.43 -5.17
CA LEU A 243 -11.11 9.29 -4.25
C LEU A 243 -12.58 9.42 -4.61
N VAL A 244 -12.88 9.62 -5.89
CA VAL A 244 -14.28 9.74 -6.29
C VAL A 244 -14.99 8.47 -5.83
N ASP A 245 -14.41 7.34 -6.19
CA ASP A 245 -14.97 6.04 -5.82
C ASP A 245 -15.10 5.91 -4.31
N ARG A 246 -14.07 6.29 -3.55
CA ARG A 246 -14.19 6.17 -2.11
C ARG A 246 -15.32 7.04 -1.56
N ILE A 247 -15.62 8.15 -2.25
CA ILE A 247 -16.68 9.06 -1.83
C ILE A 247 -18.06 8.44 -2.08
N ILE A 248 -18.21 7.83 -3.24
CA ILE A 248 -19.47 7.20 -3.57
C ILE A 248 -19.72 6.05 -2.60
N ARG A 249 -18.74 5.18 -2.45
CA ARG A 249 -18.89 4.02 -1.58
C ARG A 249 -18.89 4.26 -0.08
N GLU A 250 -18.20 5.30 0.37
CA GLU A 250 -18.12 5.55 1.81
C GLU A 250 -18.46 6.95 2.30
N GLY A 251 -18.53 7.91 1.39
CA GLY A 251 -18.83 9.28 1.80
C GLY A 251 -20.09 9.46 2.61
N ASN A 252 -20.22 10.63 3.22
CA ASN A 252 -21.38 10.96 4.03
C ASN A 252 -22.41 11.70 3.18
N VAL A 253 -23.67 11.28 3.29
CA VAL A 253 -24.74 11.91 2.52
C VAL A 253 -25.26 13.14 3.25
N LYS A 254 -25.52 14.21 2.49
CA LYS A 254 -26.01 15.46 3.05
C LYS A 254 -26.93 16.17 2.08
N HIS A 255 -27.96 16.81 2.61
CA HIS A 255 -28.91 17.58 1.82
C HIS A 255 -29.05 18.97 2.43
N ASP A 256 -28.62 20.00 1.69
CA ASP A 256 -28.72 21.39 2.17
C ASP A 256 -30.12 21.99 1.99
N ARG A 257 -30.27 23.26 2.34
CA ARG A 257 -31.56 23.95 2.23
C ARG A 257 -32.18 23.81 0.84
N THR A 258 -31.38 24.00 -0.20
CA THR A 258 -31.87 23.89 -1.58
C THR A 258 -32.46 22.50 -1.77
N GLY A 259 -32.00 21.58 -0.94
CA GLY A 259 -32.47 20.20 -1.02
C GLY A 259 -31.50 19.42 -1.89
N VAL A 260 -30.38 20.05 -2.22
CA VAL A 260 -29.35 19.44 -3.05
C VAL A 260 -28.56 18.45 -2.21
N GLY A 261 -28.58 17.19 -2.60
CA GLY A 261 -27.86 16.17 -1.85
C GLY A 261 -26.52 15.80 -2.41
N THR A 262 -25.59 15.45 -1.53
CA THR A 262 -24.24 15.07 -1.93
C THR A 262 -23.58 14.12 -0.92
N LEU A 263 -22.67 13.29 -1.42
CA LEU A 263 -21.92 12.38 -0.56
C LEU A 263 -20.55 13.03 -0.41
N SER A 264 -19.86 12.81 0.69
CA SER A 264 -18.56 13.45 0.80
C SER A 264 -17.68 12.98 1.94
N ILE A 265 -16.38 13.25 1.82
CA ILE A 265 -15.42 12.92 2.87
C ILE A 265 -14.75 14.24 3.20
N PHE A 266 -13.77 14.22 4.08
CA PHE A 266 -13.08 15.46 4.44
C PHE A 266 -11.58 15.22 4.54
N GLY A 267 -10.81 16.01 3.79
CA GLY A 267 -9.37 15.86 3.80
C GLY A 267 -8.78 14.86 2.83
N ALA A 268 -8.15 15.37 1.76
CA ALA A 268 -7.52 14.55 0.74
C ALA A 268 -6.41 15.37 0.08
N GLN A 269 -5.56 14.69 -0.71
CA GLN A 269 -4.45 15.37 -1.35
C GLN A 269 -3.89 14.55 -2.51
N MET A 270 -3.85 15.15 -3.71
CA MET A 270 -3.34 14.48 -4.89
C MET A 270 -2.07 15.17 -5.38
N ARG A 271 -1.36 14.52 -6.28
CA ARG A 271 -0.13 15.07 -6.83
C ARG A 271 -0.13 14.94 -8.35
N PHE A 272 0.35 15.98 -9.02
CA PHE A 272 0.40 15.97 -10.48
C PHE A 272 1.73 16.53 -10.98
N SER A 273 2.32 15.85 -11.95
CA SER A 273 3.60 16.28 -12.49
C SER A 273 3.41 17.26 -13.64
N LEU A 274 4.09 18.40 -13.57
CA LEU A 274 4.00 19.40 -14.62
C LEU A 274 5.32 19.45 -15.36
N ARG A 275 6.20 18.50 -15.08
CA ARG A 275 7.50 18.44 -15.72
C ARG A 275 7.36 18.14 -17.20
N ASN A 276 8.19 18.80 -18.00
CA ASN A 276 8.18 18.59 -19.45
C ASN A 276 6.85 18.85 -20.13
N ASN A 277 6.34 20.07 -20.01
CA ASN A 277 5.10 20.44 -20.67
C ASN A 277 3.90 19.55 -20.40
N ARG A 278 3.95 18.72 -19.36
CA ARG A 278 2.80 17.84 -19.07
C ARG A 278 1.63 18.64 -18.48
N LEU A 279 0.42 18.35 -18.94
CA LEU A 279 -0.74 19.05 -18.43
C LEU A 279 -1.72 18.04 -17.84
N PRO A 280 -1.96 18.09 -16.53
CA PRO A 280 -2.89 17.13 -15.96
C PRO A 280 -4.39 17.29 -16.30
N LEU A 281 -4.70 17.27 -17.59
CA LEU A 281 -6.10 17.36 -18.01
C LEU A 281 -6.67 15.95 -17.92
N LEU A 282 -7.66 15.75 -17.05
CA LEU A 282 -8.23 14.42 -16.90
C LEU A 282 -8.71 13.81 -18.22
N THR A 283 -8.44 12.52 -18.40
CA THR A 283 -8.79 11.82 -19.62
C THR A 283 -10.07 10.97 -19.58
N THR A 284 -10.57 10.66 -18.40
CA THR A 284 -11.79 9.85 -18.35
C THR A 284 -13.05 10.68 -18.52
N LYS A 285 -12.87 12.00 -18.58
CA LYS A 285 -13.97 12.94 -18.77
C LYS A 285 -13.37 14.26 -19.28
N ARG A 286 -13.72 14.64 -20.50
CA ARG A 286 -13.22 15.84 -21.13
C ARG A 286 -13.37 17.06 -20.24
N VAL A 287 -12.29 17.83 -20.14
CA VAL A 287 -12.28 19.04 -19.33
C VAL A 287 -12.42 20.26 -20.23
N PHE A 288 -13.23 21.22 -19.81
CA PHE A 288 -13.44 22.44 -20.58
C PHE A 288 -12.24 23.36 -20.36
N TRP A 289 -11.15 23.09 -21.07
CA TRP A 289 -9.91 23.85 -20.92
C TRP A 289 -9.90 25.28 -21.46
N ARG A 290 -10.64 25.52 -22.54
CA ARG A 290 -10.69 26.87 -23.10
C ARG A 290 -11.21 27.76 -21.99
N GLY A 291 -12.21 27.26 -21.25
CA GLY A 291 -12.76 28.01 -20.15
C GLY A 291 -11.76 28.15 -19.02
N VAL A 292 -11.12 27.05 -18.67
CA VAL A 292 -10.13 27.06 -17.62
C VAL A 292 -9.05 28.06 -17.91
N CYS A 293 -8.51 28.02 -19.12
CA CYS A 293 -7.44 28.93 -19.51
C CYS A 293 -7.92 30.38 -19.46
N GLU A 294 -9.14 30.61 -19.93
CA GLU A 294 -9.69 31.96 -19.95
C GLU A 294 -9.86 32.54 -18.56
N GLU A 295 -10.43 31.77 -17.66
CA GLU A 295 -10.69 32.23 -16.30
C GLU A 295 -9.43 32.40 -15.45
N LEU A 296 -8.41 31.57 -15.67
CA LEU A 296 -7.18 31.68 -14.89
C LEU A 296 -6.50 32.99 -15.28
N LEU A 297 -6.51 33.26 -16.59
CA LEU A 297 -5.94 34.47 -17.14
C LEU A 297 -6.81 35.63 -16.63
N TRP A 298 -8.09 35.34 -16.39
CA TRP A 298 -9.02 36.33 -15.85
C TRP A 298 -8.54 36.58 -14.42
N PHE A 299 -8.32 35.51 -13.65
CA PHE A 299 -7.88 35.64 -12.26
C PHE A 299 -6.58 36.44 -12.15
N LEU A 300 -5.55 36.07 -12.92
CA LEU A 300 -4.28 36.79 -12.87
C LEU A 300 -4.39 38.26 -13.26
N ARG A 301 -5.26 38.57 -14.22
CA ARG A 301 -5.42 39.95 -14.62
C ARG A 301 -6.07 40.79 -13.52
N GLY A 302 -6.59 40.13 -12.50
CA GLY A 302 -7.21 40.84 -11.39
C GLY A 302 -8.65 41.23 -11.66
N GLU A 303 -9.26 40.57 -12.65
CA GLU A 303 -10.63 40.85 -13.04
C GLU A 303 -11.64 40.51 -11.96
N THR A 304 -12.86 41.05 -12.11
CA THR A 304 -13.94 40.81 -11.16
C THR A 304 -15.28 40.84 -11.89
N TYR A 305 -15.25 41.34 -13.13
CA TYR A 305 -16.43 41.46 -13.96
C TYR A 305 -16.63 40.22 -14.84
N ALA A 306 -17.53 39.35 -14.39
CA ALA A 306 -17.81 38.11 -15.09
C ALA A 306 -18.03 38.24 -16.61
N LYS A 307 -18.73 39.30 -17.02
CA LYS A 307 -19.06 39.52 -18.42
C LYS A 307 -17.93 39.22 -19.40
N LYS A 308 -16.71 39.70 -19.11
CA LYS A 308 -15.59 39.45 -20.00
C LYS A 308 -15.42 37.95 -20.27
N LEU A 309 -16.02 37.13 -19.40
CA LEU A 309 -15.97 35.68 -19.57
C LEU A 309 -17.11 35.20 -20.44
N SER A 310 -18.31 35.71 -20.21
CA SER A 310 -19.48 35.31 -21.01
C SER A 310 -19.45 35.93 -22.41
N ASP A 311 -18.61 36.93 -22.61
CA ASP A 311 -18.50 37.52 -23.93
C ASP A 311 -17.56 36.65 -24.76
N LYS A 312 -16.80 35.81 -24.07
CA LYS A 312 -15.87 34.89 -24.71
C LYS A 312 -16.41 33.47 -24.76
N GLY A 313 -17.71 33.33 -24.55
CA GLY A 313 -18.34 32.03 -24.58
C GLY A 313 -18.15 31.19 -23.34
N VAL A 314 -17.74 31.82 -22.25
CA VAL A 314 -17.53 31.13 -20.98
C VAL A 314 -18.62 31.59 -20.00
N HIS A 315 -19.45 30.65 -19.53
CA HIS A 315 -20.53 31.03 -18.64
C HIS A 315 -20.50 30.39 -17.25
N ILE A 316 -19.31 30.01 -16.82
CA ILE A 316 -19.13 29.39 -15.51
C ILE A 316 -19.41 30.35 -14.37
N TRP A 317 -19.67 31.63 -14.68
CA TRP A 317 -19.98 32.62 -13.66
C TRP A 317 -21.33 33.27 -13.88
N ASP A 318 -22.07 32.83 -14.89
CA ASP A 318 -23.39 33.41 -15.17
C ASP A 318 -24.38 33.29 -14.01
N ASP A 319 -24.44 32.13 -13.40
CA ASP A 319 -25.37 31.92 -12.29
C ASP A 319 -25.03 32.77 -11.09
N ASN A 320 -23.75 32.90 -10.78
CA ASN A 320 -23.35 33.68 -9.63
C ASN A 320 -23.06 35.13 -9.93
N GLY A 321 -23.28 35.54 -11.17
CA GLY A 321 -23.03 36.92 -11.53
C GLY A 321 -24.31 37.61 -11.94
N SER A 322 -25.40 36.83 -11.95
CA SER A 322 -26.70 37.32 -12.34
C SER A 322 -27.20 38.47 -11.47
N ARG A 323 -28.41 38.89 -11.75
CA ARG A 323 -29.07 39.97 -11.03
C ARG A 323 -29.70 39.46 -9.73
N ALA A 324 -30.37 38.33 -9.82
CA ALA A 324 -31.03 37.75 -8.66
C ALA A 324 -30.05 37.21 -7.63
N PHE A 325 -29.09 36.42 -8.08
CA PHE A 325 -28.13 35.86 -7.15
C PHE A 325 -27.39 36.98 -6.45
N LEU A 326 -27.03 38.01 -7.23
CA LEU A 326 -26.31 39.15 -6.72
C LEU A 326 -27.11 39.83 -5.59
N ASP A 327 -28.39 40.09 -5.85
CA ASP A 327 -29.24 40.71 -4.85
C ASP A 327 -29.38 39.80 -3.65
N SER A 328 -29.66 38.54 -3.90
CA SER A 328 -29.84 37.56 -2.82
C SER A 328 -28.66 37.55 -1.84
N ARG A 329 -27.59 38.26 -2.17
CA ARG A 329 -26.43 38.34 -1.29
C ARG A 329 -26.30 39.74 -0.71
N GLY A 330 -27.28 40.59 -1.02
CA GLY A 330 -27.27 41.96 -0.53
C GLY A 330 -26.36 42.85 -1.36
N LEU A 331 -26.02 42.38 -2.55
CA LEU A 331 -25.14 43.12 -3.44
C LEU A 331 -25.93 43.91 -4.45
N THR A 332 -26.98 44.59 -3.99
CA THR A 332 -27.86 45.37 -4.86
C THR A 332 -27.16 46.48 -5.65
N GLU A 333 -26.14 47.09 -5.07
CA GLU A 333 -25.41 48.16 -5.74
C GLU A 333 -24.57 47.65 -6.92
N TYR A 334 -24.22 46.37 -6.91
CA TYR A 334 -23.43 45.79 -7.98
C TYR A 334 -24.15 45.65 -9.31
N GLU A 335 -23.47 46.03 -10.38
CA GLU A 335 -24.02 45.90 -11.72
C GLU A 335 -24.10 44.39 -11.97
N GLU A 336 -24.94 43.97 -12.91
CA GLU A 336 -25.06 42.55 -13.19
C GLU A 336 -23.73 42.04 -13.75
N MET A 337 -23.25 40.92 -13.22
CA MET A 337 -21.99 40.30 -13.64
C MET A 337 -20.75 40.90 -12.96
N ASP A 338 -20.98 41.82 -12.03
CA ASP A 338 -19.88 42.43 -11.29
C ASP A 338 -19.84 41.70 -9.95
N LEU A 339 -19.07 40.62 -9.92
CA LEU A 339 -18.91 39.76 -8.75
C LEU A 339 -18.28 40.40 -7.51
N GLY A 340 -17.66 41.56 -7.66
CA GLY A 340 -17.03 42.18 -6.52
C GLY A 340 -15.58 41.73 -6.36
N PRO A 341 -14.93 42.08 -5.23
CA PRO A 341 -13.53 41.75 -4.90
C PRO A 341 -13.19 40.26 -4.79
N VAL A 342 -13.76 39.47 -5.69
CA VAL A 342 -13.53 38.03 -5.70
C VAL A 342 -12.17 37.63 -6.24
N TYR A 343 -11.81 36.38 -5.99
CA TYR A 343 -10.54 35.79 -6.42
C TYR A 343 -9.39 36.72 -6.75
N GLY A 344 -9.12 36.90 -8.04
CA GLY A 344 -8.02 37.71 -8.51
C GLY A 344 -7.87 39.10 -7.91
N PHE A 345 -8.98 39.74 -7.54
CA PHE A 345 -8.89 41.06 -6.96
C PHE A 345 -8.09 40.93 -5.68
N GLN A 346 -8.34 39.86 -4.91
CA GLN A 346 -7.59 39.62 -3.68
C GLN A 346 -6.18 39.17 -4.03
N TRP A 347 -6.04 38.52 -5.17
CA TRP A 347 -4.74 38.04 -5.64
C TRP A 347 -3.80 39.23 -5.91
N ARG A 348 -4.35 40.27 -6.53
CA ARG A 348 -3.59 41.47 -6.90
C ARG A 348 -3.85 42.73 -6.08
N HIS A 349 -4.88 42.72 -5.24
CA HIS A 349 -5.24 43.89 -4.44
C HIS A 349 -5.76 43.47 -3.08
N PHE A 350 -5.11 42.51 -2.44
CA PHE A 350 -5.61 42.07 -1.16
C PHE A 350 -5.88 43.24 -0.22
N GLY A 351 -7.10 43.32 0.30
CA GLY A 351 -7.44 44.38 1.23
C GLY A 351 -7.93 45.68 0.62
N ALA A 352 -7.64 45.90 -0.66
CA ALA A 352 -8.04 47.11 -1.35
C ALA A 352 -9.53 47.27 -1.17
N ALA A 353 -10.04 48.48 -1.37
CA ALA A 353 -11.47 48.71 -1.22
C ALA A 353 -12.14 48.71 -2.57
N TYR A 354 -13.25 47.99 -2.65
CA TYR A 354 -14.00 47.86 -3.89
C TYR A 354 -15.17 48.83 -3.95
N THR A 355 -15.55 49.16 -5.17
CA THR A 355 -16.67 50.05 -5.43
C THR A 355 -17.40 49.40 -6.59
N HIS A 356 -16.71 49.31 -7.72
CA HIS A 356 -17.23 48.73 -8.95
C HIS A 356 -16.08 48.13 -9.74
N HIS A 357 -16.43 47.25 -10.68
CA HIS A 357 -15.46 46.56 -11.50
C HIS A 357 -14.69 47.44 -12.47
N ASP A 358 -15.32 48.50 -12.95
CA ASP A 358 -14.60 49.36 -13.89
C ASP A 358 -13.75 50.40 -13.17
N ALA A 359 -13.68 50.30 -11.85
CA ALA A 359 -12.89 51.24 -11.09
C ALA A 359 -11.41 50.99 -11.32
N ASN A 360 -10.57 51.98 -11.06
CA ASN A 360 -9.14 51.81 -11.24
C ASN A 360 -8.52 51.33 -9.94
N TYR A 361 -7.88 50.17 -9.98
CA TYR A 361 -7.32 49.60 -8.75
C TYR A 361 -5.80 49.49 -8.67
N ASP A 362 -5.12 49.99 -9.69
CA ASP A 362 -3.66 49.96 -9.73
C ASP A 362 -3.09 50.49 -8.44
N GLY A 363 -2.00 49.88 -7.98
CA GLY A 363 -1.36 50.34 -6.76
C GLY A 363 -2.14 50.13 -5.47
N GLN A 364 -3.37 49.65 -5.58
CA GLN A 364 -4.21 49.42 -4.41
C GLN A 364 -4.11 47.99 -3.86
N GLY A 365 -4.03 47.89 -2.54
CA GLY A 365 -3.94 46.60 -1.87
C GLY A 365 -2.61 45.90 -2.10
N VAL A 366 -2.47 44.71 -1.53
CA VAL A 366 -1.22 43.97 -1.70
C VAL A 366 -1.30 43.10 -2.97
N ASP A 367 -0.32 43.27 -3.86
CA ASP A 367 -0.25 42.49 -5.09
C ASP A 367 0.60 41.27 -4.73
N GLN A 368 -0.07 40.23 -4.24
CA GLN A 368 0.61 39.01 -3.82
C GLN A 368 1.36 38.32 -4.95
N ILE A 369 0.72 38.15 -6.09
CA ILE A 369 1.35 37.49 -7.23
C ILE A 369 2.62 38.22 -7.63
N LYS A 370 2.56 39.55 -7.65
CA LYS A 370 3.74 40.31 -8.02
C LYS A 370 4.89 40.06 -7.04
N ALA A 371 4.55 39.85 -5.76
CA ALA A 371 5.54 39.59 -4.73
C ALA A 371 6.13 38.18 -4.84
N ILE A 372 5.26 37.18 -4.94
CA ILE A 372 5.74 35.82 -5.08
C ILE A 372 6.71 35.76 -6.25
N VAL A 373 6.37 36.44 -7.34
CA VAL A 373 7.23 36.45 -8.52
C VAL A 373 8.64 36.99 -8.25
N GLU A 374 8.71 38.13 -7.57
CA GLU A 374 10.01 38.73 -7.29
C GLU A 374 10.86 37.91 -6.30
N THR A 375 10.20 37.25 -5.36
CA THR A 375 10.90 36.45 -4.36
C THR A 375 11.43 35.16 -4.99
N LEU A 376 10.59 34.49 -5.77
CA LEU A 376 10.98 33.25 -6.44
C LEU A 376 12.29 33.49 -7.16
N LYS A 377 12.42 34.68 -7.74
CA LYS A 377 13.61 35.05 -8.50
C LYS A 377 14.83 35.44 -7.67
N THR A 378 14.67 35.73 -6.39
CA THR A 378 15.84 36.15 -5.62
C THR A 378 16.10 35.32 -4.37
N ASN A 379 15.05 34.77 -3.79
CA ASN A 379 15.18 33.97 -2.58
C ASN A 379 14.23 32.79 -2.65
N PRO A 380 14.31 32.02 -3.75
CA PRO A 380 13.47 30.84 -3.99
C PRO A 380 13.26 29.83 -2.85
N ASP A 381 14.02 29.95 -1.77
CA ASP A 381 13.86 29.01 -0.65
C ASP A 381 12.95 29.59 0.42
N ASP A 382 12.51 30.83 0.21
CA ASP A 382 11.63 31.49 1.17
C ASP A 382 10.43 30.60 1.47
N ARG A 383 10.09 30.48 2.75
CA ARG A 383 8.98 29.64 3.13
C ARG A 383 7.69 30.42 3.37
N ARG A 384 7.49 31.46 2.57
CA ARG A 384 6.30 32.28 2.74
C ARG A 384 5.70 32.75 1.44
N MET A 385 6.02 32.09 0.33
CA MET A 385 5.48 32.51 -0.96
C MET A 385 4.12 31.91 -1.25
N LEU A 386 3.08 32.49 -0.66
CA LEU A 386 1.72 32.00 -0.90
C LEU A 386 0.72 33.12 -0.95
N PHE A 387 -0.17 33.08 -1.94
CA PHE A 387 -1.21 34.09 -2.06
C PHE A 387 -2.52 33.53 -1.53
N THR A 388 -3.38 34.41 -1.06
CA THR A 388 -4.64 33.96 -0.49
C THR A 388 -5.75 34.87 -0.97
N ALA A 389 -6.95 34.31 -1.05
CA ALA A 389 -8.13 35.07 -1.47
C ALA A 389 -9.17 34.90 -0.39
N TRP A 390 -8.81 34.21 0.69
CA TRP A 390 -9.75 34.06 1.76
C TRP A 390 -9.53 35.23 2.68
N ASN A 391 -10.27 36.30 2.40
CA ASN A 391 -10.18 37.53 3.15
C ASN A 391 -11.51 37.81 3.87
N PRO A 392 -11.61 37.40 5.15
CA PRO A 392 -12.82 37.60 5.97
C PRO A 392 -13.49 38.98 5.85
N SER A 393 -12.69 40.02 5.71
CA SER A 393 -13.21 41.38 5.59
C SER A 393 -14.09 41.54 4.34
N ALA A 394 -13.47 41.37 3.18
CA ALA A 394 -14.20 41.54 1.93
C ALA A 394 -15.17 40.42 1.59
N LEU A 395 -15.07 39.29 2.29
CA LEU A 395 -15.94 38.15 2.00
C LEU A 395 -17.41 38.53 1.73
N PRO A 396 -18.06 39.26 2.64
CA PRO A 396 -19.46 39.68 2.49
C PRO A 396 -19.71 40.52 1.24
N ARG A 397 -18.64 41.13 0.72
CA ARG A 397 -18.71 41.98 -0.45
C ARG A 397 -18.63 41.19 -1.78
N MET A 398 -18.06 39.99 -1.74
CA MET A 398 -17.94 39.13 -2.94
C MET A 398 -19.27 38.48 -3.29
N ALA A 399 -19.41 38.05 -4.53
CA ALA A 399 -20.63 37.38 -4.98
C ALA A 399 -20.75 36.09 -4.18
N LEU A 400 -19.61 35.59 -3.72
CA LEU A 400 -19.52 34.39 -2.89
C LEU A 400 -18.04 34.10 -2.64
N PRO A 401 -17.72 33.40 -1.54
CA PRO A 401 -16.35 33.05 -1.14
C PRO A 401 -15.55 32.19 -2.12
N PRO A 402 -14.22 32.27 -2.05
CA PRO A 402 -13.39 31.48 -2.96
C PRO A 402 -13.40 29.98 -2.61
N CYS A 403 -13.37 29.13 -3.64
CA CYS A 403 -13.33 27.69 -3.42
C CYS A 403 -11.86 27.31 -3.40
N HIS A 404 -11.07 27.91 -4.30
CA HIS A 404 -9.64 27.66 -4.26
C HIS A 404 -9.11 28.98 -3.67
N LEU A 405 -8.99 28.97 -2.35
CA LEU A 405 -8.60 30.13 -1.57
C LEU A 405 -7.14 30.27 -1.16
N LEU A 406 -6.31 29.29 -1.47
CA LEU A 406 -4.90 29.41 -1.07
C LEU A 406 -3.92 28.61 -1.91
N ALA A 407 -2.79 29.23 -2.26
CA ALA A 407 -1.76 28.55 -3.03
C ALA A 407 -0.36 28.87 -2.47
N GLN A 408 0.54 27.89 -2.46
CA GLN A 408 1.89 28.11 -1.92
C GLN A 408 2.94 27.55 -2.86
N PHE A 409 3.95 28.37 -3.17
CA PHE A 409 4.98 27.92 -4.09
C PHE A 409 6.23 27.41 -3.40
N TYR A 410 6.85 26.42 -4.03
CA TYR A 410 8.05 25.79 -3.52
C TYR A 410 9.07 25.62 -4.64
N VAL A 411 10.35 25.78 -4.32
CA VAL A 411 11.39 25.62 -5.32
C VAL A 411 12.38 24.55 -4.91
N SER A 412 12.82 23.77 -5.89
CA SER A 412 13.78 22.69 -5.72
C SER A 412 14.39 22.36 -7.08
N ASN A 413 15.70 22.35 -7.19
CA ASN A 413 16.37 22.05 -8.45
C ASN A 413 15.84 22.91 -9.59
N GLY A 414 15.51 24.16 -9.28
CA GLY A 414 15.01 25.07 -10.30
C GLY A 414 13.62 24.75 -10.83
N GLU A 415 12.93 23.83 -10.14
CA GLU A 415 11.57 23.43 -10.52
C GLU A 415 10.55 23.99 -9.54
N LEU A 416 9.62 24.78 -10.07
CA LEU A 416 8.58 25.40 -9.26
C LEU A 416 7.38 24.52 -9.03
N SER A 417 7.16 24.15 -7.77
CA SER A 417 6.02 23.33 -7.40
C SER A 417 4.99 24.25 -6.77
N CYS A 418 3.74 23.79 -6.73
CA CYS A 418 2.69 24.62 -6.16
C CYS A 418 1.60 23.84 -5.45
N MET A 419 1.33 24.20 -4.21
CA MET A 419 0.28 23.51 -3.47
C MET A 419 -0.94 24.43 -3.46
N LEU A 420 -2.12 23.81 -3.51
CA LEU A 420 -3.40 24.53 -3.51
C LEU A 420 -4.28 24.04 -2.36
N TYR A 421 -5.09 24.93 -1.79
CA TYR A 421 -5.99 24.56 -0.72
C TYR A 421 -7.41 24.89 -1.12
N GLN A 422 -8.22 23.86 -1.29
CA GLN A 422 -9.61 24.03 -1.71
C GLN A 422 -10.59 23.49 -0.67
N ARG A 423 -11.43 24.39 -0.13
CA ARG A 423 -12.41 23.99 0.89
C ARG A 423 -13.57 23.18 0.30
N SER A 424 -14.18 23.65 -0.77
CA SER A 424 -15.28 22.90 -1.36
C SER A 424 -14.85 22.37 -2.72
N CYS A 425 -14.80 21.05 -2.83
CA CYS A 425 -14.37 20.40 -4.04
C CYS A 425 -15.42 19.52 -4.67
N ASP A 426 -15.95 19.94 -5.82
CA ASP A 426 -16.93 19.16 -6.53
C ASP A 426 -16.13 18.22 -7.44
N MET A 427 -16.02 16.95 -7.06
CA MET A 427 -15.25 15.95 -7.80
C MET A 427 -15.64 15.74 -9.28
N GLY A 428 -16.93 15.90 -9.58
CA GLY A 428 -17.40 15.70 -10.93
C GLY A 428 -17.04 16.82 -11.90
N LEU A 429 -17.48 18.03 -11.60
CA LEU A 429 -17.22 19.14 -12.50
C LEU A 429 -16.17 20.12 -11.98
N GLY A 430 -16.09 20.27 -10.67
CA GLY A 430 -15.14 21.19 -10.08
C GLY A 430 -13.67 20.80 -10.10
N VAL A 431 -13.34 19.76 -9.34
CA VAL A 431 -11.97 19.26 -9.23
C VAL A 431 -11.11 19.17 -10.49
N PRO A 432 -11.65 18.58 -11.59
CA PRO A 432 -10.83 18.49 -12.80
C PRO A 432 -10.45 19.85 -13.38
N PHE A 433 -11.37 20.80 -13.24
CA PHE A 433 -11.20 22.17 -13.73
C PHE A 433 -10.08 22.86 -12.93
N ASN A 434 -10.15 22.74 -11.61
CA ASN A 434 -9.17 23.35 -10.72
C ASN A 434 -7.78 22.77 -10.87
N ILE A 435 -7.71 21.47 -11.14
CA ILE A 435 -6.42 20.83 -11.30
C ILE A 435 -5.80 21.37 -12.57
N ALA A 436 -6.63 21.89 -13.46
CA ALA A 436 -6.10 22.46 -14.71
C ALA A 436 -5.70 23.91 -14.46
N SER A 437 -6.50 24.61 -13.66
CA SER A 437 -6.23 26.02 -13.33
C SER A 437 -4.88 26.18 -12.65
N TYR A 438 -4.69 25.45 -11.57
CA TYR A 438 -3.46 25.57 -10.83
C TYR A 438 -2.30 24.88 -11.52
N ALA A 439 -2.59 24.20 -12.62
CA ALA A 439 -1.52 23.54 -13.35
C ALA A 439 -1.03 24.62 -14.29
N LEU A 440 -1.97 25.39 -14.82
CA LEU A 440 -1.70 26.48 -15.76
C LEU A 440 -0.96 27.63 -15.05
N LEU A 441 -1.47 28.02 -13.89
CA LEU A 441 -0.84 29.09 -13.12
C LEU A 441 0.61 28.72 -12.78
N THR A 442 0.83 27.51 -12.27
CA THR A 442 2.18 27.08 -11.92
C THR A 442 3.09 27.23 -13.13
N ILE A 443 2.59 26.79 -14.29
CA ILE A 443 3.35 26.88 -15.53
C ILE A 443 3.63 28.35 -15.86
N LEU A 444 2.60 29.20 -15.77
CA LEU A 444 2.76 30.62 -16.06
C LEU A 444 3.72 31.32 -15.10
N ILE A 445 3.61 31.03 -13.80
CA ILE A 445 4.46 31.65 -12.79
C ILE A 445 5.90 31.18 -12.96
N ALA A 446 6.10 29.93 -13.37
CA ALA A 446 7.44 29.40 -13.60
C ALA A 446 8.07 30.17 -14.73
N LYS A 447 7.29 30.40 -15.79
CA LYS A 447 7.78 31.14 -16.96
C LYS A 447 8.22 32.55 -16.59
N ALA A 448 7.42 33.18 -15.74
CA ALA A 448 7.66 34.55 -15.28
C ALA A 448 8.83 34.65 -14.31
N THR A 449 9.43 33.53 -13.96
CA THR A 449 10.54 33.55 -13.01
C THR A 449 11.75 32.68 -13.36
N GLY A 450 11.94 32.41 -14.65
CA GLY A 450 13.08 31.59 -15.03
C GLY A 450 13.18 30.29 -14.24
N LEU A 451 12.09 29.54 -14.23
CA LEU A 451 12.04 28.27 -13.52
C LEU A 451 11.29 27.26 -14.38
N ARG A 452 11.56 25.98 -14.15
CA ARG A 452 10.90 24.93 -14.88
C ARG A 452 9.80 24.37 -13.98
N PRO A 453 8.58 24.20 -14.52
CA PRO A 453 7.43 23.68 -13.78
C PRO A 453 7.77 22.37 -13.09
N GLY A 454 7.29 22.20 -11.87
CA GLY A 454 7.55 20.98 -11.13
C GLY A 454 6.28 20.19 -10.89
N GLU A 455 5.84 20.14 -9.63
CA GLU A 455 4.63 19.41 -9.27
C GLU A 455 3.53 20.32 -8.77
N LEU A 456 2.30 19.79 -8.81
CA LEU A 456 1.12 20.49 -8.32
C LEU A 456 0.54 19.59 -7.25
N VAL A 457 0.44 20.08 -6.03
CA VAL A 457 -0.16 19.28 -4.97
C VAL A 457 -1.50 19.94 -4.70
N HIS A 458 -2.55 19.12 -4.73
CA HIS A 458 -3.90 19.61 -4.54
C HIS A 458 -4.43 19.10 -3.21
N THR A 459 -4.79 20.01 -2.31
CA THR A 459 -5.32 19.61 -1.01
C THR A 459 -6.81 19.86 -1.03
N LEU A 460 -7.59 18.81 -0.81
CA LEU A 460 -9.05 18.94 -0.81
C LEU A 460 -9.57 19.04 0.61
N GLY A 461 -10.57 19.89 0.81
CA GLY A 461 -11.18 20.08 2.15
C GLY A 461 -12.45 19.24 2.22
N ASP A 462 -13.55 19.79 1.74
CA ASP A 462 -14.82 19.08 1.70
C ASP A 462 -14.98 18.59 0.26
N ALA A 463 -14.62 17.32 0.02
CA ALA A 463 -14.70 16.73 -1.31
C ALA A 463 -15.98 15.93 -1.46
N HIS A 464 -16.85 16.34 -2.37
CA HIS A 464 -18.13 15.65 -2.57
C HIS A 464 -18.41 15.15 -3.99
N VAL A 465 -19.56 14.51 -4.13
CA VAL A 465 -20.04 13.99 -5.41
C VAL A 465 -21.54 14.18 -5.29
N TYR A 466 -22.15 14.90 -6.23
CA TYR A 466 -23.60 15.12 -6.18
C TYR A 466 -24.30 13.80 -6.40
N SER A 467 -25.51 13.67 -5.87
CA SER A 467 -26.28 12.44 -6.01
C SER A 467 -26.68 12.22 -7.47
N ASN A 468 -26.86 13.34 -8.16
CA ASN A 468 -27.25 13.34 -9.55
C ASN A 468 -26.09 12.82 -10.39
N HIS A 469 -24.88 13.00 -9.89
CA HIS A 469 -23.68 12.57 -10.60
C HIS A 469 -23.25 11.15 -10.23
N VAL A 470 -23.87 10.57 -9.21
CA VAL A 470 -23.48 9.24 -8.76
C VAL A 470 -23.46 8.13 -9.82
N GLU A 471 -24.53 7.95 -10.59
CA GLU A 471 -24.52 6.89 -11.60
C GLU A 471 -23.48 7.14 -12.68
N PRO A 472 -23.46 8.34 -13.27
CA PRO A 472 -22.46 8.59 -14.31
C PRO A 472 -21.01 8.54 -13.79
N CYS A 473 -20.77 9.16 -12.63
CA CYS A 473 -19.42 9.17 -12.04
C CYS A 473 -19.05 7.75 -11.68
N ASN A 474 -19.95 6.82 -12.00
CA ASN A 474 -19.74 5.40 -11.72
C ASN A 474 -19.38 4.72 -13.04
N GLU A 475 -19.90 5.27 -14.13
CA GLU A 475 -19.60 4.73 -15.45
C GLU A 475 -18.15 5.13 -15.74
N GLN A 476 -17.84 6.38 -15.43
CA GLN A 476 -16.53 6.94 -15.66
C GLN A 476 -15.47 6.11 -14.95
N LEU A 477 -15.79 5.68 -13.73
CA LEU A 477 -14.87 4.87 -12.95
C LEU A 477 -14.36 3.69 -13.76
N LYS A 478 -15.26 3.09 -14.54
CA LYS A 478 -14.89 1.95 -15.38
C LYS A 478 -13.66 2.32 -16.19
N ARG A 479 -13.74 3.47 -16.84
CA ARG A 479 -12.66 3.95 -17.71
C ARG A 479 -11.28 3.97 -17.10
N VAL A 480 -10.33 3.43 -17.84
CA VAL A 480 -8.94 3.36 -17.42
C VAL A 480 -8.23 4.58 -17.98
N PRO A 481 -7.60 5.38 -17.10
CA PRO A 481 -6.89 6.58 -17.55
C PRO A 481 -5.90 6.37 -18.69
N ARG A 482 -5.72 7.39 -19.52
CA ARG A 482 -4.78 7.36 -20.63
C ARG A 482 -3.72 8.37 -20.29
N ALA A 483 -2.68 8.45 -21.10
CA ALA A 483 -1.62 9.39 -20.85
C ALA A 483 -2.15 10.83 -20.98
N PHE A 484 -1.60 11.75 -20.18
CA PHE A 484 -2.04 13.13 -20.24
C PHE A 484 -1.46 13.82 -21.46
N PRO A 485 -2.06 14.95 -21.86
CA PRO A 485 -1.60 15.72 -23.01
C PRO A 485 -0.46 16.66 -22.60
N TYR A 486 -0.23 17.68 -23.40
CA TYR A 486 0.83 18.61 -23.11
C TYR A 486 0.39 20.03 -23.40
N LEU A 487 1.16 21.00 -22.91
CA LEU A 487 0.87 22.40 -23.15
C LEU A 487 2.08 23.05 -23.82
N VAL A 488 1.85 23.70 -24.96
CA VAL A 488 2.90 24.42 -25.67
C VAL A 488 2.39 25.81 -25.95
N PHE A 489 3.31 26.77 -25.90
CA PHE A 489 2.97 28.16 -26.14
C PHE A 489 3.33 28.53 -27.57
N ARG A 490 2.37 29.04 -28.33
CA ARG A 490 2.68 29.42 -29.70
C ARG A 490 3.30 30.82 -29.74
N ARG A 491 3.13 31.58 -28.66
CA ARG A 491 3.73 32.92 -28.56
C ARG A 491 3.95 33.38 -27.11
N GLU A 492 4.71 34.45 -26.94
CA GLU A 492 4.99 34.95 -25.60
C GLU A 492 4.55 36.40 -25.44
N ARG A 493 4.69 36.92 -24.23
CA ARG A 493 4.29 38.29 -23.96
C ARG A 493 5.33 39.08 -23.21
N GLU A 494 5.16 40.40 -23.21
CA GLU A 494 6.09 41.29 -22.52
C GLU A 494 5.75 41.16 -21.04
N PHE A 495 4.46 41.11 -20.74
CA PHE A 495 3.99 41.00 -19.37
C PHE A 495 3.05 39.81 -19.20
N LEU A 496 3.09 39.24 -18.01
CA LEU A 496 2.26 38.10 -17.64
C LEU A 496 0.78 38.35 -17.93
N GLU A 497 0.29 39.55 -17.65
CA GLU A 497 -1.12 39.88 -17.86
C GLU A 497 -1.54 39.91 -19.34
N ASP A 498 -0.55 39.95 -20.23
CA ASP A 498 -0.79 40.01 -21.67
C ASP A 498 -1.22 38.71 -22.34
N TYR A 499 -0.89 37.57 -21.74
CA TYR A 499 -1.24 36.28 -22.33
C TYR A 499 -2.73 36.09 -22.56
N GLU A 500 -3.04 35.61 -23.75
CA GLU A 500 -4.41 35.33 -24.14
C GLU A 500 -4.51 33.83 -24.34
N GLU A 501 -5.72 33.30 -24.33
CA GLU A 501 -5.91 31.86 -24.50
C GLU A 501 -5.32 31.31 -25.79
N GLY A 502 -5.19 32.17 -26.80
CA GLY A 502 -4.64 31.71 -28.06
C GLY A 502 -3.13 31.56 -28.13
N ASP A 503 -2.42 32.12 -27.17
CA ASP A 503 -0.97 32.05 -27.16
C ASP A 503 -0.47 30.65 -26.82
N MET A 504 -1.41 29.75 -26.51
CA MET A 504 -1.05 28.39 -26.14
C MET A 504 -2.03 27.35 -26.68
N GLU A 505 -1.59 26.11 -26.73
CA GLU A 505 -2.47 25.05 -27.21
C GLU A 505 -2.17 23.69 -26.63
N VAL A 506 -3.23 22.98 -26.27
CA VAL A 506 -3.11 21.64 -25.71
C VAL A 506 -3.01 20.64 -26.87
N ILE A 507 -1.99 19.80 -26.85
CA ILE A 507 -1.84 18.83 -27.91
C ILE A 507 -1.88 17.41 -27.34
N ASP A 508 -2.27 16.47 -28.17
CA ASP A 508 -2.31 15.08 -27.78
C ASP A 508 -3.18 14.84 -26.56
N TYR A 509 -4.37 15.41 -26.56
CA TYR A 509 -5.34 15.22 -25.48
C TYR A 509 -6.34 14.24 -26.08
N ALA A 510 -6.42 13.04 -25.51
CA ALA A 510 -7.30 12.02 -26.04
C ALA A 510 -8.34 11.54 -25.03
N PRO A 511 -9.28 12.42 -24.68
CA PRO A 511 -10.33 12.12 -23.72
C PRO A 511 -11.36 11.07 -24.18
N TYR A 512 -11.83 10.26 -23.22
CA TYR A 512 -12.84 9.25 -23.54
C TYR A 512 -14.13 9.95 -23.92
N PRO A 513 -14.89 9.35 -24.83
CA PRO A 513 -16.17 9.91 -25.31
C PRO A 513 -17.13 10.29 -24.21
N PRO A 514 -18.03 11.24 -24.49
CA PRO A 514 -19.01 11.67 -23.49
C PRO A 514 -19.74 10.49 -22.87
N ILE A 515 -20.17 10.66 -21.63
CA ILE A 515 -20.87 9.60 -20.90
C ILE A 515 -22.26 9.29 -21.47
N SER A 516 -22.61 8.01 -21.46
CA SER A 516 -23.88 7.49 -21.99
C SER A 516 -25.08 7.60 -21.02
N MET A 517 -25.36 8.81 -20.58
CA MET A 517 -26.48 9.11 -19.68
C MET A 517 -26.76 10.62 -19.78
N LYS A 518 -28.00 10.98 -20.07
CA LYS A 518 -28.35 12.41 -20.19
C LYS A 518 -28.88 12.94 -18.86
N LEU B 3 -20.97 38.73 26.05
CA LEU B 3 -21.43 39.52 24.86
C LEU B 3 -20.39 39.40 23.76
N PHE B 4 -19.13 39.35 24.17
CA PHE B 4 -18.02 39.23 23.22
C PHE B 4 -17.43 37.82 23.29
N LYS B 5 -17.49 37.22 24.48
CA LYS B 5 -16.97 35.88 24.73
C LYS B 5 -17.94 34.80 24.24
N ILE B 6 -17.41 33.62 23.92
CA ILE B 6 -18.25 32.51 23.46
C ILE B 6 -18.75 31.71 24.65
N ARG B 7 -20.06 31.78 24.90
CA ARG B 7 -20.71 31.09 26.00
C ARG B 7 -20.90 29.60 25.74
N MET B 8 -20.22 28.78 26.54
CA MET B 8 -20.28 27.33 26.42
C MET B 8 -21.71 26.80 26.63
N PRO B 9 -22.10 25.78 25.84
CA PRO B 9 -23.44 25.19 25.91
C PRO B 9 -23.65 24.32 27.15
N GLU B 10 -24.90 23.92 27.37
CA GLU B 10 -25.28 23.10 28.53
C GLU B 10 -24.83 21.65 28.41
N THR B 11 -24.19 21.32 27.30
CA THR B 11 -23.69 19.98 27.06
C THR B 11 -22.19 19.95 27.39
N VAL B 12 -21.57 21.12 27.34
CA VAL B 12 -20.15 21.33 27.61
C VAL B 12 -19.34 20.08 28.01
N ALA B 13 -19.68 19.51 29.16
CA ALA B 13 -18.99 18.32 29.68
C ALA B 13 -19.38 17.00 29.03
N GLU B 14 -20.67 16.83 28.75
CA GLU B 14 -21.18 15.61 28.12
C GLU B 14 -20.44 15.26 26.83
N GLY B 15 -19.75 16.25 26.27
CA GLY B 15 -19.03 16.05 25.05
C GLY B 15 -17.77 15.21 25.22
N THR B 16 -16.96 15.55 26.21
CA THR B 16 -15.73 14.83 26.44
C THR B 16 -15.70 13.94 27.70
N ARG B 17 -16.86 13.58 28.22
CA ARG B 17 -16.87 12.74 29.42
C ARG B 17 -16.16 11.39 29.14
N LEU B 18 -15.13 11.11 29.94
CA LEU B 18 -14.34 9.88 29.80
C LEU B 18 -15.11 8.64 30.20
N ALA B 19 -15.54 7.86 29.21
CA ALA B 19 -16.31 6.62 29.42
C ALA B 19 -15.61 5.56 30.25
N LEU B 20 -14.39 5.23 29.86
CA LEU B 20 -13.61 4.22 30.56
C LEU B 20 -12.16 4.66 30.61
N ARG B 21 -11.52 4.47 31.76
CA ARG B 21 -10.12 4.84 31.93
C ARG B 21 -9.30 3.79 31.21
N ALA B 22 -8.24 4.19 30.51
CA ALA B 22 -7.43 3.20 29.81
C ALA B 22 -6.71 2.37 30.87
N PHE B 23 -5.93 1.38 30.43
CA PHE B 23 -5.21 0.50 31.38
C PHE B 23 -4.28 -0.49 30.68
N SER B 24 -3.32 -1.02 31.45
CA SER B 24 -2.36 -2.01 30.97
C SER B 24 -2.74 -3.35 31.58
N LEU B 25 -2.07 -4.41 31.17
CA LEU B 25 -2.40 -5.74 31.67
C LEU B 25 -1.14 -6.55 31.98
N VAL B 26 -1.09 -7.15 33.17
CA VAL B 26 0.06 -7.96 33.60
C VAL B 26 -0.31 -9.43 33.80
N VAL B 27 0.46 -10.33 33.20
CA VAL B 27 0.15 -11.75 33.35
C VAL B 27 1.37 -12.67 33.27
N ALA B 28 1.22 -13.89 33.76
CA ALA B 28 2.27 -14.89 33.71
C ALA B 28 1.66 -16.12 33.04
N VAL B 29 2.42 -16.71 32.13
CA VAL B 29 1.92 -17.86 31.38
C VAL B 29 3.00 -18.93 31.26
N ASP B 30 2.61 -20.19 31.09
CA ASP B 30 3.59 -21.26 30.93
C ASP B 30 3.85 -21.50 29.44
N GLU B 31 4.81 -22.36 29.11
CA GLU B 31 5.10 -22.61 27.70
C GLU B 31 3.87 -22.93 26.85
N HIS B 32 2.81 -23.45 27.48
CA HIS B 32 1.59 -23.81 26.75
C HIS B 32 0.55 -22.69 26.70
N GLY B 33 0.90 -21.52 27.22
CA GLY B 33 -0.05 -20.43 27.22
C GLY B 33 -0.97 -20.48 28.43
N GLY B 34 -0.82 -21.51 29.26
CA GLY B 34 -1.66 -21.66 30.44
C GLY B 34 -1.36 -20.65 31.53
N ILE B 35 -2.36 -20.30 32.33
CA ILE B 35 -2.19 -19.31 33.40
C ILE B 35 -2.25 -19.86 34.83
N GLY B 36 -3.13 -20.83 35.04
CA GLY B 36 -3.31 -21.44 36.36
C GLY B 36 -4.69 -22.07 36.46
N ASP B 37 -4.90 -22.92 37.47
CA ASP B 37 -6.21 -23.56 37.61
C ASP B 37 -7.03 -23.09 38.80
N GLY B 38 -8.07 -22.32 38.51
CA GLY B 38 -8.98 -21.83 39.53
C GLY B 38 -8.47 -21.02 40.72
N ARG B 39 -7.68 -21.64 41.60
CA ARG B 39 -7.19 -20.94 42.80
C ARG B 39 -5.68 -21.01 43.12
N SER B 40 -4.80 -21.07 42.12
CA SER B 40 -3.36 -21.14 42.41
C SER B 40 -2.37 -21.05 41.24
N ILE B 41 -1.19 -20.53 41.56
CA ILE B 41 -0.08 -20.40 40.60
C ILE B 41 1.05 -21.32 41.11
N PRO B 42 0.86 -22.65 41.01
CA PRO B 42 1.81 -23.69 41.45
C PRO B 42 3.30 -23.29 41.51
N TRP B 43 3.83 -22.81 40.39
CA TRP B 43 5.23 -22.38 40.29
C TRP B 43 5.42 -20.97 40.84
N ASN B 44 6.66 -20.64 41.21
CA ASN B 44 6.94 -19.32 41.74
C ASN B 44 8.34 -18.88 41.39
N VAL B 45 8.43 -17.90 40.50
CA VAL B 45 9.70 -17.36 40.06
C VAL B 45 9.96 -15.98 40.68
N PRO B 46 10.80 -15.92 41.72
CA PRO B 46 11.10 -14.64 42.39
C PRO B 46 11.30 -13.44 41.46
N GLU B 47 12.02 -13.62 40.36
CA GLU B 47 12.25 -12.51 39.43
C GLU B 47 10.92 -11.99 38.89
N ASP B 48 10.06 -12.89 38.46
CA ASP B 48 8.77 -12.47 37.94
C ASP B 48 8.00 -11.74 39.03
N MET B 49 7.98 -12.33 40.21
CA MET B 49 7.28 -11.75 41.37
C MET B 49 7.71 -10.30 41.60
N LYS B 50 9.02 -10.07 41.50
CA LYS B 50 9.60 -8.73 41.70
C LYS B 50 9.14 -7.79 40.59
N PHE B 51 9.24 -8.25 39.35
CA PHE B 51 8.83 -7.46 38.19
C PHE B 51 7.41 -6.96 38.46
N PHE B 52 6.54 -7.88 38.86
CA PHE B 52 5.14 -7.54 39.14
C PHE B 52 5.07 -6.44 40.21
N ARG B 53 5.69 -6.70 41.35
CA ARG B 53 5.74 -5.76 42.45
C ARG B 53 6.12 -4.35 41.96
N ASP B 54 7.27 -4.25 41.30
CA ASP B 54 7.77 -2.96 40.79
C ASP B 54 6.89 -2.31 39.73
N LEU B 55 6.53 -3.08 38.70
CA LEU B 55 5.70 -2.56 37.62
C LEU B 55 4.43 -1.91 38.15
N THR B 56 3.56 -2.74 38.69
CA THR B 56 2.29 -2.27 39.21
C THR B 56 2.34 -1.21 40.33
N THR B 57 3.46 -1.08 41.03
CA THR B 57 3.54 -0.12 42.14
C THR B 57 4.23 1.23 41.90
N LYS B 58 5.34 1.22 41.20
CA LYS B 58 6.08 2.45 40.92
C LYS B 58 5.34 3.39 39.96
N LEU B 59 5.64 4.67 40.06
CA LEU B 59 5.05 5.68 39.21
C LEU B 59 6.17 6.16 38.30
N ARG B 60 5.84 6.73 37.14
CA ARG B 60 6.86 7.19 36.21
C ARG B 60 7.72 8.27 36.87
N GLY B 61 7.06 9.21 37.55
CA GLY B 61 7.79 10.27 38.22
C GLY B 61 8.81 9.68 39.17
N LYS B 62 10.04 9.46 38.67
CA LYS B 62 11.13 8.89 39.45
C LYS B 62 11.51 9.77 40.63
N ASN B 63 10.54 10.02 41.52
CA ASN B 63 10.75 10.85 42.69
C ASN B 63 9.60 10.70 43.68
N VAL B 64 8.42 10.40 43.15
CA VAL B 64 7.22 10.25 43.98
C VAL B 64 6.94 8.83 44.40
N LYS B 65 6.51 8.69 45.65
CA LYS B 65 6.16 7.39 46.20
C LYS B 65 4.64 7.37 46.22
N PRO B 66 4.03 6.21 45.96
CA PRO B 66 2.57 6.14 45.95
C PRO B 66 1.90 6.74 47.19
N SER B 67 0.85 7.53 46.95
CA SER B 67 0.09 8.18 48.00
C SER B 67 -1.36 8.14 47.54
N PRO B 68 -2.29 8.55 48.42
CA PRO B 68 -3.71 8.53 48.02
C PRO B 68 -4.02 9.67 47.04
N ALA B 69 -3.00 10.45 46.72
CA ALA B 69 -3.14 11.55 45.78
C ALA B 69 -2.65 11.06 44.41
N LYS B 70 -1.58 10.25 44.45
CA LYS B 70 -1.00 9.68 43.25
C LYS B 70 -0.50 8.30 43.55
N ARG B 71 -1.15 7.29 42.97
CA ARG B 71 -0.78 5.89 43.17
C ARG B 71 -1.28 5.15 41.94
N ASN B 72 -0.80 3.92 41.75
CA ASN B 72 -1.25 3.11 40.62
C ASN B 72 -2.40 2.29 41.16
N ALA B 73 -3.20 1.73 40.27
CA ALA B 73 -4.31 0.91 40.70
C ALA B 73 -4.17 -0.50 40.15
N VAL B 74 -4.69 -1.45 40.90
CA VAL B 74 -4.63 -2.83 40.49
C VAL B 74 -6.06 -3.37 40.50
N VAL B 75 -6.56 -3.79 39.34
CA VAL B 75 -7.92 -4.33 39.23
C VAL B 75 -7.79 -5.85 39.13
N MET B 76 -8.58 -6.58 39.90
CA MET B 76 -8.52 -8.04 39.89
C MET B 76 -9.88 -8.68 40.17
N GLY B 77 -10.02 -9.94 39.76
CA GLY B 77 -11.25 -10.69 39.98
C GLY B 77 -11.19 -11.25 41.38
N ARG B 78 -12.37 -11.44 42.00
CA ARG B 78 -12.44 -11.94 43.38
C ARG B 78 -11.52 -13.11 43.66
N LYS B 79 -11.73 -14.19 42.93
CA LYS B 79 -10.92 -15.38 43.14
C LYS B 79 -9.44 -15.04 43.23
N THR B 80 -8.96 -14.14 42.37
CA THR B 80 -7.56 -13.73 42.40
C THR B 80 -7.21 -13.05 43.71
N TRP B 81 -8.15 -12.27 44.24
CA TRP B 81 -7.95 -11.61 45.52
C TRP B 81 -7.87 -12.71 46.59
N ASP B 82 -8.79 -13.67 46.51
CA ASP B 82 -8.80 -14.79 47.43
C ASP B 82 -7.45 -15.48 47.32
N SER B 83 -6.88 -15.47 46.12
CA SER B 83 -5.61 -16.11 45.85
C SER B 83 -4.40 -15.43 46.46
N ILE B 84 -4.58 -14.26 47.05
CA ILE B 84 -3.45 -13.56 47.65
C ILE B 84 -3.31 -13.92 49.12
N PRO B 85 -2.07 -14.23 49.56
CA PRO B 85 -1.84 -14.57 50.96
C PRO B 85 -2.46 -13.50 51.84
N PRO B 86 -3.46 -13.88 52.66
CA PRO B 86 -4.13 -12.92 53.54
C PRO B 86 -3.14 -11.94 54.19
N LYS B 87 -1.86 -12.27 54.10
CA LYS B 87 -0.81 -11.43 54.65
C LYS B 87 -0.47 -10.30 53.68
N PHE B 88 -0.29 -10.64 52.39
CA PHE B 88 0.03 -9.66 51.36
C PHE B 88 -1.16 -8.82 50.89
N ARG B 89 -2.33 -9.04 51.50
CA ARG B 89 -3.53 -8.31 51.11
C ARG B 89 -3.95 -7.20 52.05
N PRO B 90 -4.31 -6.03 51.50
CA PRO B 90 -4.32 -5.79 50.05
C PRO B 90 -2.89 -5.62 49.57
N LEU B 91 -2.66 -5.68 48.27
CA LEU B 91 -1.31 -5.50 47.76
C LEU B 91 -0.93 -4.05 48.09
N PRO B 92 0.15 -3.85 48.86
CA PRO B 92 0.65 -2.53 49.29
C PRO B 92 1.04 -1.50 48.23
N GLY B 93 0.73 -0.23 48.54
CA GLY B 93 1.05 0.86 47.63
C GLY B 93 0.20 0.97 46.39
N ARG B 94 -0.90 0.22 46.36
CA ARG B 94 -1.78 0.23 45.20
C ARG B 94 -3.24 0.12 45.61
N LEU B 95 -4.09 0.87 44.92
CA LEU B 95 -5.52 0.85 45.19
C LEU B 95 -5.99 -0.50 44.70
N ASN B 96 -6.43 -1.36 45.60
CA ASN B 96 -6.88 -2.70 45.21
C ASN B 96 -8.35 -2.75 44.80
N VAL B 97 -8.59 -3.00 43.51
CA VAL B 97 -9.96 -3.07 42.99
C VAL B 97 -10.36 -4.52 42.74
N VAL B 98 -11.21 -5.06 43.61
CA VAL B 98 -11.67 -6.45 43.45
C VAL B 98 -13.05 -6.48 42.80
N LEU B 99 -13.20 -7.37 41.84
CA LEU B 99 -14.46 -7.53 41.13
C LEU B 99 -15.20 -8.70 41.78
N SER B 100 -16.48 -8.52 42.09
CA SER B 100 -17.28 -9.57 42.71
C SER B 100 -18.73 -9.18 42.87
N SER B 101 -19.63 -10.10 42.58
CA SER B 101 -21.05 -9.82 42.73
C SER B 101 -21.55 -10.30 44.09
N THR B 102 -20.63 -10.47 45.04
CA THR B 102 -21.01 -10.89 46.39
C THR B 102 -20.30 -10.04 47.45
N LEU B 103 -18.99 -10.24 47.56
CA LEU B 103 -18.18 -9.49 48.51
C LEU B 103 -18.27 -8.00 48.27
N THR B 104 -18.29 -7.23 49.34
CA THR B 104 -18.39 -5.78 49.26
C THR B 104 -17.14 -5.14 49.87
N THR B 105 -17.01 -3.83 49.72
CA THR B 105 -15.84 -3.11 50.27
C THR B 105 -15.62 -3.47 51.74
N GLN B 106 -16.70 -3.56 52.51
CA GLN B 106 -16.56 -3.89 53.92
C GLN B 106 -16.18 -5.36 54.12
N HIS B 107 -16.72 -6.23 53.27
CA HIS B 107 -16.45 -7.66 53.36
C HIS B 107 -14.96 -7.98 53.22
N LEU B 108 -14.40 -7.69 52.05
CA LEU B 108 -12.99 -7.94 51.79
C LEU B 108 -12.16 -7.45 52.95
N LEU B 109 -12.47 -6.21 53.35
CA LEU B 109 -11.79 -5.54 54.43
C LEU B 109 -11.77 -6.28 55.77
N ASP B 110 -12.86 -6.99 56.09
CA ASP B 110 -12.95 -7.72 57.35
C ASP B 110 -12.22 -9.06 57.39
N GLY B 111 -11.88 -9.59 56.23
CA GLY B 111 -11.16 -10.86 56.18
C GLY B 111 -9.71 -10.64 56.54
N LEU B 112 -9.38 -9.37 56.81
CA LEU B 112 -8.01 -8.99 57.17
C LEU B 112 -7.79 -9.08 58.67
N PRO B 113 -6.70 -9.74 59.09
CA PRO B 113 -6.31 -9.93 60.49
C PRO B 113 -6.30 -8.67 61.36
N ASP B 114 -5.10 -8.17 61.64
CA ASP B 114 -4.92 -6.97 62.47
C ASP B 114 -5.79 -5.80 62.05
N GLU B 115 -6.71 -5.41 62.92
CA GLU B 115 -7.61 -4.30 62.66
C GLU B 115 -6.84 -3.00 62.41
N GLU B 116 -5.56 -3.00 62.79
CA GLU B 116 -4.71 -1.84 62.59
C GLU B 116 -4.74 -1.49 61.11
N LYS B 117 -4.63 -2.51 60.27
CA LYS B 117 -4.64 -2.32 58.83
C LYS B 117 -6.07 -2.31 58.30
N ARG B 118 -7.01 -2.82 59.10
CA ARG B 118 -8.41 -2.84 58.69
C ARG B 118 -8.94 -1.42 58.55
N ASN B 119 -8.05 -0.45 58.80
CA ASN B 119 -8.37 0.96 58.69
C ASN B 119 -7.30 1.65 57.85
N LEU B 120 -6.05 1.24 58.03
CA LEU B 120 -4.96 1.80 57.27
C LEU B 120 -5.11 1.35 55.82
N HIS B 121 -5.93 0.34 55.63
CA HIS B 121 -6.21 -0.20 54.31
C HIS B 121 -7.68 -0.01 53.97
N ALA B 122 -8.23 1.12 54.40
CA ALA B 122 -9.64 1.43 54.14
C ALA B 122 -9.75 2.19 52.83
N ASP B 123 -8.70 2.92 52.50
CA ASP B 123 -8.64 3.71 51.28
C ASP B 123 -7.91 2.90 50.23
N SER B 124 -7.47 1.70 50.63
CA SER B 124 -6.72 0.83 49.74
C SER B 124 -7.53 -0.27 49.08
N ILE B 125 -8.76 -0.48 49.54
CA ILE B 125 -9.56 -1.55 48.97
C ILE B 125 -10.94 -1.07 48.52
N VAL B 126 -11.34 -1.49 47.33
CA VAL B 126 -12.65 -1.15 46.78
C VAL B 126 -13.11 -2.26 45.85
N ALA B 127 -14.36 -2.67 46.00
CA ALA B 127 -14.91 -3.72 45.17
C ALA B 127 -15.97 -3.16 44.25
N VAL B 128 -16.17 -3.81 43.11
CA VAL B 128 -17.19 -3.38 42.16
C VAL B 128 -18.08 -4.58 41.85
N ASN B 129 -19.38 -4.35 41.74
CA ASN B 129 -20.29 -5.44 41.43
C ASN B 129 -20.43 -5.51 39.92
N GLY B 130 -19.32 -5.82 39.24
CA GLY B 130 -19.36 -5.90 37.79
C GLY B 130 -18.05 -6.42 37.25
N GLY B 131 -17.87 -6.28 35.94
CA GLY B 131 -16.65 -6.76 35.31
C GLY B 131 -15.64 -5.65 35.08
N LEU B 132 -14.51 -6.02 34.48
CA LEU B 132 -13.47 -5.06 34.19
C LEU B 132 -14.04 -3.76 33.65
N GLU B 133 -14.94 -3.85 32.67
CA GLU B 133 -15.55 -2.66 32.08
C GLU B 133 -16.14 -1.69 33.11
N GLN B 134 -16.84 -2.24 34.09
CA GLN B 134 -17.45 -1.42 35.12
C GLN B 134 -16.39 -0.83 36.03
N ALA B 135 -15.33 -1.57 36.27
CA ALA B 135 -14.27 -1.05 37.12
C ALA B 135 -13.52 0.03 36.33
N LEU B 136 -13.25 -0.24 35.05
CA LEU B 136 -12.55 0.71 34.21
C LEU B 136 -13.39 1.97 34.16
N ARG B 137 -14.69 1.77 34.31
CA ARG B 137 -15.67 2.84 34.30
C ARG B 137 -15.67 3.61 35.61
N LEU B 138 -15.49 2.88 36.72
CA LEU B 138 -15.46 3.53 38.03
C LEU B 138 -14.10 4.19 38.22
N LEU B 139 -13.11 3.74 37.44
CA LEU B 139 -11.76 4.33 37.51
C LEU B 139 -11.68 5.61 36.68
N ALA B 140 -12.70 5.83 35.85
CA ALA B 140 -12.76 7.01 34.98
C ALA B 140 -13.36 8.25 35.65
N SER B 141 -13.98 8.07 36.82
CA SER B 141 -14.59 9.17 37.57
C SER B 141 -13.55 10.13 38.13
N PRO B 142 -13.98 11.34 38.54
CA PRO B 142 -13.06 12.35 39.09
C PRO B 142 -12.25 11.87 40.30
N ASN B 143 -12.84 11.01 41.11
CA ASN B 143 -12.13 10.52 42.28
C ASN B 143 -10.83 9.87 41.87
N TYR B 144 -10.94 8.88 40.99
CA TYR B 144 -9.80 8.09 40.54
C TYR B 144 -8.97 8.61 39.37
N THR B 145 -9.57 9.47 38.54
CA THR B 145 -8.86 10.05 37.39
C THR B 145 -8.78 11.58 37.56
N PRO B 146 -7.57 12.15 37.50
CA PRO B 146 -6.23 11.56 37.29
C PRO B 146 -5.43 11.09 38.51
N SER B 147 -6.03 11.06 39.69
CA SER B 147 -5.30 10.62 40.87
C SER B 147 -4.56 9.31 40.57
N ILE B 148 -5.29 8.30 40.11
CA ILE B 148 -4.70 7.00 39.75
C ILE B 148 -3.90 7.16 38.46
N GLU B 149 -2.60 7.02 38.55
CA GLU B 149 -1.75 7.17 37.38
C GLU B 149 -1.95 6.08 36.31
N THR B 150 -1.79 4.80 36.69
CA THR B 150 -1.94 3.71 35.73
C THR B 150 -2.74 2.53 36.29
N VAL B 151 -3.67 2.00 35.51
CA VAL B 151 -4.45 0.86 36.00
C VAL B 151 -3.84 -0.45 35.48
N TYR B 152 -3.69 -1.44 36.37
CA TYR B 152 -3.14 -2.72 35.94
C TYR B 152 -4.09 -3.87 36.18
N CYS B 153 -4.65 -4.43 35.11
CA CYS B 153 -5.56 -5.57 35.22
C CYS B 153 -4.70 -6.79 35.49
N ILE B 154 -4.60 -7.15 36.77
CA ILE B 154 -3.75 -8.24 37.20
C ILE B 154 -4.29 -9.65 37.33
N GLY B 155 -5.56 -9.91 37.10
CA GLY B 155 -5.95 -11.28 37.28
C GLY B 155 -7.34 -11.83 37.09
N GLY B 156 -7.37 -13.05 36.54
CA GLY B 156 -8.61 -13.73 36.29
C GLY B 156 -8.76 -14.07 34.83
N GLY B 157 -8.73 -15.37 34.53
CA GLY B 157 -8.89 -15.78 33.15
C GLY B 157 -10.18 -15.18 32.62
N SER B 158 -11.07 -14.81 33.53
CA SER B 158 -12.36 -14.21 33.16
C SER B 158 -12.18 -12.71 32.95
N VAL B 159 -11.36 -12.08 33.77
CA VAL B 159 -11.11 -10.67 33.64
C VAL B 159 -10.19 -10.46 32.44
N TYR B 160 -9.36 -11.45 32.13
CA TYR B 160 -8.47 -11.33 30.99
C TYR B 160 -9.26 -11.41 29.70
N ALA B 161 -10.18 -12.36 29.63
CA ALA B 161 -11.00 -12.54 28.44
C ALA B 161 -11.71 -11.25 28.05
N GLU B 162 -12.18 -10.52 29.06
CA GLU B 162 -12.90 -9.27 28.83
C GLU B 162 -11.93 -8.19 28.39
N ALA B 163 -10.78 -8.10 29.05
CA ALA B 163 -9.77 -7.11 28.71
C ALA B 163 -9.26 -7.30 27.29
N LEU B 164 -9.38 -8.52 26.77
CA LEU B 164 -8.92 -8.83 25.42
C LEU B 164 -10.01 -8.81 24.36
N ARG B 165 -11.15 -8.24 24.70
CA ARG B 165 -12.27 -8.14 23.76
C ARG B 165 -12.99 -6.81 23.92
N PRO B 166 -13.61 -6.31 22.84
CA PRO B 166 -14.32 -5.04 22.93
C PRO B 166 -15.39 -5.10 24.01
N PRO B 167 -15.71 -3.97 24.64
CA PRO B 167 -15.15 -2.63 24.40
C PRO B 167 -13.85 -2.32 25.15
N CYS B 168 -13.44 -3.17 26.09
CA CYS B 168 -12.23 -2.94 26.85
C CYS B 168 -10.91 -2.88 26.07
N VAL B 169 -10.61 -3.86 25.23
CA VAL B 169 -9.36 -3.85 24.47
C VAL B 169 -8.98 -2.52 23.85
N HIS B 170 -9.98 -1.77 23.40
CA HIS B 170 -9.71 -0.48 22.78
C HIS B 170 -9.07 0.49 23.78
N LEU B 171 -9.08 0.09 25.04
CA LEU B 171 -8.51 0.89 26.11
C LEU B 171 -7.29 0.26 26.75
N LEU B 172 -6.80 -0.82 26.15
CA LEU B 172 -5.63 -1.55 26.63
C LEU B 172 -4.35 -0.94 26.08
N GLN B 173 -3.66 -0.16 26.91
CA GLN B 173 -2.41 0.52 26.52
C GLN B 173 -1.20 -0.38 26.25
N ALA B 174 -1.14 -1.54 26.91
CA ALA B 174 -0.02 -2.45 26.74
C ALA B 174 -0.26 -3.78 27.45
N ILE B 175 0.40 -4.84 27.00
CA ILE B 175 0.28 -6.16 27.61
C ILE B 175 1.64 -6.70 28.02
N TYR B 176 1.85 -6.91 29.32
CA TYR B 176 3.12 -7.44 29.82
C TYR B 176 2.92 -8.92 30.10
N ARG B 177 3.69 -9.77 29.42
CA ARG B 177 3.52 -11.22 29.58
C ARG B 177 4.79 -12.03 29.86
N THR B 178 4.87 -12.53 31.09
CA THR B 178 6.00 -13.36 31.51
C THR B 178 5.68 -14.82 31.19
N THR B 179 6.58 -15.48 30.46
CA THR B 179 6.41 -16.89 30.09
C THR B 179 7.34 -17.75 30.91
N ILE B 180 6.77 -18.49 31.87
CA ILE B 180 7.53 -19.37 32.75
C ILE B 180 7.57 -20.75 32.11
N ARG B 181 8.71 -21.08 31.50
CA ARG B 181 8.88 -22.36 30.84
C ARG B 181 9.01 -23.49 31.86
N ALA B 182 7.90 -23.77 32.54
CA ALA B 182 7.84 -24.82 33.54
C ALA B 182 6.60 -25.67 33.25
N SER B 183 6.76 -26.63 32.35
CA SER B 183 5.67 -27.51 31.93
C SER B 183 4.75 -27.88 33.08
N GLU B 184 3.49 -27.48 32.93
CA GLU B 184 2.48 -27.74 33.95
C GLU B 184 1.10 -27.75 33.31
N SER B 185 0.28 -28.73 33.69
CA SER B 185 -1.09 -28.83 33.16
C SER B 185 -2.09 -28.26 34.17
N SER B 186 -1.57 -27.78 35.30
CA SER B 186 -2.40 -27.19 36.36
C SER B 186 -3.37 -26.23 35.67
N CYS B 187 -2.79 -25.29 34.93
CA CYS B 187 -3.53 -24.28 34.20
C CYS B 187 -4.47 -24.91 33.18
N SER B 188 -5.68 -24.37 33.10
CA SER B 188 -6.67 -24.88 32.18
C SER B 188 -6.94 -23.80 31.14
N VAL B 189 -7.14 -22.58 31.63
CA VAL B 189 -7.43 -21.45 30.77
C VAL B 189 -6.17 -20.91 30.12
N PHE B 190 -6.18 -20.88 28.80
CA PHE B 190 -5.05 -20.38 28.03
C PHE B 190 -5.20 -18.87 27.82
N PHE B 191 -4.08 -18.17 27.71
CA PHE B 191 -4.05 -16.73 27.49
C PHE B 191 -3.64 -16.43 26.06
N ARG B 192 -4.56 -15.87 25.28
CA ARG B 192 -4.27 -15.56 23.89
C ARG B 192 -4.40 -14.10 23.50
N VAL B 193 -3.33 -13.55 22.97
CA VAL B 193 -3.35 -12.18 22.50
C VAL B 193 -3.96 -12.33 21.10
N PRO B 194 -5.08 -11.63 20.84
CA PRO B 194 -5.75 -11.70 19.54
C PRO B 194 -4.79 -11.57 18.37
N GLU B 195 -4.93 -12.44 17.39
CA GLU B 195 -4.06 -12.41 16.23
C GLU B 195 -4.35 -11.21 15.31
N SER B 196 -3.30 -10.68 14.72
CA SER B 196 -3.42 -9.54 13.81
C SER B 196 -4.32 -9.86 12.62
N GLY B 197 -5.17 -8.91 12.26
CA GLY B 197 -6.04 -9.13 11.13
C GLY B 197 -7.27 -9.96 11.36
N THR B 198 -7.38 -10.67 12.50
CA THR B 198 -8.58 -11.47 12.72
C THR B 198 -9.70 -10.62 13.32
N GLU B 199 -10.91 -11.18 13.35
CA GLU B 199 -12.06 -10.47 13.88
C GLU B 199 -12.02 -10.21 15.39
N ALA B 200 -11.20 -10.99 16.11
CA ALA B 200 -11.12 -10.82 17.55
C ALA B 200 -10.23 -9.65 17.85
N ALA B 201 -9.36 -9.32 16.91
CA ALA B 201 -8.44 -8.20 17.11
C ALA B 201 -9.13 -6.86 16.93
N ALA B 202 -10.42 -6.87 16.61
CA ALA B 202 -11.20 -5.64 16.42
C ALA B 202 -10.40 -4.46 15.84
N GLY B 203 -9.50 -4.76 14.91
CA GLY B 203 -8.73 -3.71 14.27
C GLY B 203 -7.38 -3.44 14.88
N ILE B 204 -7.19 -3.87 16.12
CA ILE B 204 -5.93 -3.68 16.84
C ILE B 204 -4.85 -4.66 16.41
N GLU B 205 -3.66 -4.13 16.15
CA GLU B 205 -2.56 -4.98 15.74
C GLU B 205 -1.56 -5.07 16.89
N TRP B 206 -1.61 -6.18 17.63
CA TRP B 206 -0.69 -6.36 18.74
C TRP B 206 0.70 -6.68 18.22
N GLN B 207 1.68 -5.97 18.77
CA GLN B 207 3.06 -6.16 18.37
C GLN B 207 3.98 -6.10 19.59
N ARG B 208 5.06 -6.86 19.55
CA ARG B 208 6.02 -6.89 20.64
C ARG B 208 6.85 -5.60 20.64
N GLU B 209 6.97 -4.96 21.79
CA GLU B 209 7.79 -3.75 21.87
C GLU B 209 9.15 -4.21 22.37
N THR B 210 9.12 -5.22 23.23
CA THR B 210 10.33 -5.77 23.83
C THR B 210 10.13 -7.21 24.25
N ILE B 211 11.08 -8.06 23.89
CA ILE B 211 11.03 -9.45 24.30
C ILE B 211 12.44 -9.68 24.83
N SER B 212 12.54 -10.31 26.00
CA SER B 212 13.84 -10.56 26.59
C SER B 212 14.43 -11.88 26.11
N GLU B 213 15.64 -12.17 26.58
CA GLU B 213 16.34 -13.40 26.23
C GLU B 213 15.96 -14.39 27.33
N GLU B 214 16.21 -15.68 27.10
CA GLU B 214 15.85 -16.66 28.12
C GLU B 214 16.62 -16.43 29.40
N LEU B 215 15.87 -16.34 30.49
CA LEU B 215 16.46 -16.12 31.80
C LEU B 215 16.25 -17.34 32.68
N THR B 216 17.04 -17.41 33.76
CA THR B 216 16.94 -18.51 34.70
C THR B 216 16.87 -17.88 36.09
N SER B 217 15.81 -18.20 36.83
CA SER B 217 15.62 -17.65 38.17
C SER B 217 16.56 -18.27 39.19
N ALA B 218 17.00 -17.43 40.13
CA ALA B 218 17.89 -17.87 41.19
C ALA B 218 17.07 -18.47 42.32
N ASN B 219 16.26 -19.48 42.00
CA ASN B 219 15.43 -20.10 43.01
C ASN B 219 15.75 -21.59 43.13
N GLY B 220 16.95 -21.97 42.69
CA GLY B 220 17.35 -23.35 42.76
C GLY B 220 16.39 -24.31 42.08
N ASN B 221 16.09 -24.02 40.81
CA ASN B 221 15.21 -24.86 40.00
C ASN B 221 15.60 -24.67 38.55
N GLU B 222 16.44 -23.66 38.31
CA GLU B 222 16.92 -23.37 36.97
C GLU B 222 15.73 -23.13 36.06
N THR B 223 14.67 -22.53 36.59
CA THR B 223 13.48 -22.27 35.79
C THR B 223 13.81 -21.35 34.63
N LYS B 224 13.33 -21.72 33.46
CA LYS B 224 13.56 -20.92 32.28
C LYS B 224 12.33 -20.05 32.12
N TYR B 225 12.54 -18.75 31.93
CA TYR B 225 11.44 -17.80 31.76
C TYR B 225 11.96 -16.61 30.96
N TYR B 226 11.03 -15.76 30.49
CA TYR B 226 11.40 -14.56 29.73
C TYR B 226 10.24 -13.56 29.75
N PHE B 227 10.51 -12.30 29.42
CA PHE B 227 9.47 -11.27 29.43
C PHE B 227 8.99 -10.83 28.04
N GLU B 228 7.89 -10.12 28.03
CA GLU B 228 7.29 -9.59 26.80
C GLU B 228 6.42 -8.37 27.09
N LYS B 229 6.61 -7.30 26.33
CA LYS B 229 5.75 -6.15 26.48
C LYS B 229 5.14 -5.99 25.09
N LEU B 230 3.83 -6.22 24.99
CA LEU B 230 3.16 -6.08 23.71
C LEU B 230 2.37 -4.78 23.74
N ILE B 231 2.29 -4.10 22.59
CA ILE B 231 1.57 -2.84 22.48
C ILE B 231 0.72 -2.78 21.23
N PRO B 232 -0.32 -1.94 21.21
CA PRO B 232 -1.17 -1.84 20.02
C PRO B 232 -0.52 -0.91 19.01
N ARG B 233 -0.23 -1.43 17.83
CA ARG B 233 0.42 -0.66 16.79
C ARG B 233 -0.32 0.64 16.54
N ASN B 234 0.42 1.74 16.64
CA ASN B 234 -0.11 3.07 16.43
C ASN B 234 0.26 3.56 15.04
N ARG B 235 -0.57 3.24 14.06
CA ARG B 235 -0.30 3.69 12.70
C ARG B 235 -0.15 5.21 12.69
N GLU B 236 -1.10 5.92 13.28
CA GLU B 236 -1.07 7.37 13.30
C GLU B 236 0.34 7.95 13.52
N GLU B 237 0.93 7.71 14.69
CA GLU B 237 2.26 8.24 14.96
C GLU B 237 3.25 7.81 13.89
N GLU B 238 2.98 6.68 13.24
CA GLU B 238 3.90 6.20 12.22
C GLU B 238 3.96 7.18 11.05
N GLN B 239 2.79 7.69 10.64
CA GLN B 239 2.70 8.67 9.55
C GLN B 239 3.83 9.67 9.75
N TYR B 240 3.83 10.25 10.94
CA TYR B 240 4.81 11.23 11.32
C TYR B 240 6.20 10.68 11.07
N LEU B 241 6.53 9.58 11.75
CA LEU B 241 7.84 8.98 11.60
C LEU B 241 8.20 8.64 10.15
N SER B 242 7.24 8.18 9.36
CA SER B 242 7.51 7.88 7.96
C SER B 242 7.91 9.17 7.26
N LEU B 243 7.02 10.16 7.29
CA LEU B 243 7.30 11.44 6.65
C LEU B 243 8.70 11.95 7.02
N VAL B 244 9.07 11.83 8.29
CA VAL B 244 10.39 12.24 8.78
C VAL B 244 11.49 11.44 8.08
N ASP B 245 11.48 10.13 8.28
CA ASP B 245 12.46 9.23 7.68
C ASP B 245 12.60 9.50 6.17
N ARG B 246 11.50 9.85 5.51
CA ARG B 246 11.54 10.14 4.08
C ARG B 246 12.30 11.43 3.87
N ILE B 247 11.98 12.43 4.67
CA ILE B 247 12.64 13.72 4.54
C ILE B 247 14.14 13.48 4.69
N ILE B 248 14.55 12.88 5.78
CA ILE B 248 15.97 12.63 5.98
C ILE B 248 16.62 11.90 4.81
N ARG B 249 15.99 10.82 4.37
CA ARG B 249 16.49 10.01 3.24
C ARG B 249 16.49 10.64 1.85
N GLU B 250 15.39 11.32 1.50
CA GLU B 250 15.24 11.89 0.16
C GLU B 250 14.99 13.39 0.07
N GLY B 251 14.98 14.08 1.20
CA GLY B 251 14.72 15.51 1.18
C GLY B 251 15.72 16.35 0.44
N ASN B 252 15.38 17.61 0.20
CA ASN B 252 16.28 18.51 -0.47
C ASN B 252 17.04 19.32 0.57
N VAL B 253 18.36 19.24 0.54
CA VAL B 253 19.17 19.99 1.49
C VAL B 253 19.30 21.43 1.01
N LYS B 254 18.71 22.36 1.77
CA LYS B 254 18.78 23.78 1.45
C LYS B 254 19.53 24.43 2.58
N HIS B 255 20.32 25.47 2.29
CA HIS B 255 21.07 26.17 3.35
C HIS B 255 20.70 27.64 3.47
N ASP B 256 20.41 28.07 4.69
CA ASP B 256 20.03 29.45 5.02
C ASP B 256 21.03 30.50 4.57
N ARG B 257 20.73 31.76 4.88
CA ARG B 257 21.62 32.87 4.57
C ARG B 257 22.41 33.05 5.86
N THR B 258 21.94 32.37 6.90
CA THR B 258 22.54 32.40 8.23
C THR B 258 23.29 31.09 8.38
N GLY B 259 23.34 30.33 7.29
CA GLY B 259 24.04 29.05 7.28
C GLY B 259 23.28 27.87 7.87
N VAL B 260 21.98 28.03 8.10
CA VAL B 260 21.18 26.96 8.67
C VAL B 260 20.82 25.91 7.63
N GLY B 261 21.01 24.64 7.97
CA GLY B 261 20.69 23.58 7.02
C GLY B 261 19.38 22.85 7.29
N THR B 262 18.69 22.49 6.21
CA THR B 262 17.43 21.78 6.31
C THR B 262 17.23 20.82 5.15
N LEU B 263 16.70 19.64 5.44
CA LEU B 263 16.40 18.69 4.38
C LEU B 263 14.89 18.83 4.36
N SER B 264 14.28 18.89 3.18
CA SER B 264 12.83 19.06 3.12
C SER B 264 12.13 18.51 1.89
N ILE B 265 10.81 18.40 1.99
CA ILE B 265 9.97 17.94 0.89
C ILE B 265 8.76 18.88 0.93
N PHE B 266 8.02 18.97 -0.17
CA PHE B 266 6.88 19.87 -0.22
C PHE B 266 5.53 19.18 -0.37
N GLY B 267 4.61 19.45 0.55
CA GLY B 267 3.30 18.83 0.47
C GLY B 267 3.22 17.48 1.18
N ALA B 268 2.28 17.36 2.11
CA ALA B 268 2.11 16.12 2.87
C ALA B 268 0.88 16.29 3.72
N GLN B 269 0.27 15.15 4.10
CA GLN B 269 -0.94 15.16 4.91
C GLN B 269 -0.99 13.98 5.86
N MET B 270 -1.40 14.22 7.11
CA MET B 270 -1.53 13.16 8.12
C MET B 270 -2.91 13.26 8.75
N ARG B 271 -3.33 12.18 9.40
CA ARG B 271 -4.65 12.13 10.01
C ARG B 271 -4.62 11.55 11.44
N PHE B 272 -5.39 12.14 12.35
CA PHE B 272 -5.43 11.72 13.75
C PHE B 272 -6.84 11.64 14.33
N SER B 273 -7.11 10.63 15.16
CA SER B 273 -8.44 10.48 15.75
C SER B 273 -8.56 11.13 17.12
N LEU B 274 -9.42 12.13 17.23
CA LEU B 274 -9.68 12.82 18.49
C LEU B 274 -10.86 12.15 19.19
N ARG B 275 -11.21 10.95 18.74
CA ARG B 275 -12.33 10.20 19.30
C ARG B 275 -12.08 9.54 20.65
N ASN B 276 -13.12 9.55 21.48
CA ASN B 276 -13.08 8.93 22.79
C ASN B 276 -11.95 9.41 23.67
N ASN B 277 -11.84 10.72 23.82
CA ASN B 277 -10.84 11.31 24.70
C ASN B 277 -9.38 11.15 24.27
N ARG B 278 -9.15 10.56 23.10
CA ARG B 278 -7.78 10.36 22.61
C ARG B 278 -7.09 11.65 22.24
N LEU B 279 -5.88 11.83 22.76
CA LEU B 279 -5.11 13.01 22.46
C LEU B 279 -3.87 12.54 21.73
N PRO B 280 -3.67 12.99 20.49
CA PRO B 280 -2.48 12.55 19.76
C PRO B 280 -1.16 13.23 20.09
N LEU B 281 -0.66 13.01 21.31
CA LEU B 281 0.64 13.54 21.74
C LEU B 281 1.64 12.44 21.37
N LEU B 282 2.56 12.71 20.47
CA LEU B 282 3.52 11.70 20.08
C LEU B 282 4.12 11.03 21.30
N THR B 283 4.58 9.79 21.12
CA THR B 283 5.16 9.01 22.21
C THR B 283 6.64 8.76 22.00
N THR B 284 7.13 9.00 20.79
CA THR B 284 8.55 8.77 20.49
C THR B 284 9.47 9.90 20.94
N LYS B 285 8.86 10.94 21.52
CA LYS B 285 9.55 12.10 22.08
C LYS B 285 8.48 12.95 22.72
N ARG B 286 8.56 13.08 24.04
CA ARG B 286 7.61 13.85 24.81
C ARG B 286 7.38 15.24 24.25
N VAL B 287 6.12 15.65 24.23
CA VAL B 287 5.74 16.98 23.75
C VAL B 287 5.51 17.84 24.98
N PHE B 288 5.78 19.13 24.88
CA PHE B 288 5.59 20.02 26.01
C PHE B 288 4.12 20.43 26.02
N TRP B 289 3.24 19.52 26.45
CA TRP B 289 1.81 19.80 26.46
C TRP B 289 1.42 21.11 27.13
N ARG B 290 2.04 21.43 28.27
CA ARG B 290 1.69 22.65 28.97
C ARG B 290 1.92 23.90 28.13
N GLY B 291 2.98 23.91 27.34
CA GLY B 291 3.23 25.07 26.48
C GLY B 291 2.19 25.14 25.37
N VAL B 292 1.69 23.97 25.00
CA VAL B 292 0.68 23.84 23.98
C VAL B 292 -0.61 24.47 24.51
N CYS B 293 -1.07 23.93 25.63
CA CYS B 293 -2.31 24.37 26.25
C CYS B 293 -2.29 25.86 26.61
N GLU B 294 -1.20 26.31 27.21
CA GLU B 294 -1.10 27.72 27.58
C GLU B 294 -1.08 28.63 26.35
N GLU B 295 -0.45 28.18 25.27
CA GLU B 295 -0.40 28.97 24.06
C GLU B 295 -1.71 28.91 23.30
N LEU B 296 -2.27 27.71 23.12
CA LEU B 296 -3.54 27.61 22.41
C LEU B 296 -4.54 28.52 23.10
N LEU B 297 -4.72 28.29 24.40
CA LEU B 297 -5.63 29.07 25.19
C LEU B 297 -5.35 30.57 24.91
N TRP B 298 -4.08 30.92 24.79
CA TRP B 298 -3.64 32.29 24.52
C TRP B 298 -4.17 32.73 23.15
N PHE B 299 -4.10 31.84 22.16
CA PHE B 299 -4.60 32.15 20.83
C PHE B 299 -6.09 32.47 20.89
N LEU B 300 -6.87 31.54 21.45
CA LEU B 300 -8.33 31.67 21.59
C LEU B 300 -8.79 33.02 22.11
N ARG B 301 -8.07 33.57 23.09
CA ARG B 301 -8.40 34.87 23.67
C ARG B 301 -7.91 36.04 22.80
N GLY B 302 -7.47 35.76 21.58
CA GLY B 302 -6.98 36.79 20.70
C GLY B 302 -5.80 37.53 21.28
N GLU B 303 -5.20 36.97 22.33
CA GLU B 303 -4.06 37.60 22.97
C GLU B 303 -2.93 37.90 22.00
N THR B 304 -2.18 38.97 22.25
CA THR B 304 -1.06 39.32 21.38
C THR B 304 0.19 39.60 22.21
N TYR B 305 0.01 39.69 23.53
CA TYR B 305 1.12 39.95 24.45
C TYR B 305 1.78 38.64 24.91
N ALA B 306 3.02 38.43 24.46
CA ALA B 306 3.76 37.21 24.79
C ALA B 306 4.23 37.10 26.24
N LYS B 307 4.32 38.22 26.94
CA LYS B 307 4.77 38.20 28.33
C LYS B 307 3.89 37.26 29.13
N LYS B 308 2.65 37.13 28.72
CA LYS B 308 1.70 36.25 29.38
C LYS B 308 2.15 34.79 29.38
N LEU B 309 2.60 34.27 28.23
CA LEU B 309 3.05 32.86 28.21
C LEU B 309 4.40 32.77 28.94
N SER B 310 5.12 33.87 28.94
CA SER B 310 6.45 33.96 29.57
C SER B 310 6.38 33.88 31.09
N ASP B 311 5.40 34.57 31.67
CA ASP B 311 5.22 34.59 33.11
C ASP B 311 4.62 33.25 33.55
N LYS B 312 4.40 32.37 32.57
CA LYS B 312 3.85 31.04 32.83
C LYS B 312 4.82 29.89 32.53
N GLY B 313 6.07 30.21 32.19
CA GLY B 313 7.04 29.17 31.91
C GLY B 313 7.15 28.82 30.44
N VAL B 314 6.14 29.22 29.67
CA VAL B 314 6.13 28.96 28.23
C VAL B 314 6.97 30.06 27.58
N HIS B 315 8.13 29.71 27.05
CA HIS B 315 9.01 30.71 26.45
C HIS B 315 9.08 30.69 24.93
N ILE B 316 8.20 29.91 24.29
CA ILE B 316 8.22 29.80 22.83
C ILE B 316 8.23 31.10 22.02
N TRP B 317 7.88 32.23 22.63
CA TRP B 317 7.87 33.51 21.91
C TRP B 317 8.90 34.53 22.37
N ASP B 318 9.78 34.15 23.29
CA ASP B 318 10.77 35.10 23.77
C ASP B 318 11.63 35.69 22.65
N ASP B 319 12.35 34.84 21.93
CA ASP B 319 13.22 35.30 20.85
C ASP B 319 12.57 36.26 19.85
N ASN B 320 11.34 35.99 19.45
CA ASN B 320 10.67 36.86 18.50
C ASN B 320 9.94 38.00 19.18
N GLY B 321 10.19 38.18 20.47
CA GLY B 321 9.55 39.26 21.20
C GLY B 321 10.60 40.18 21.79
N SER B 322 11.86 39.96 21.43
CA SER B 322 12.96 40.77 21.93
C SER B 322 12.90 42.18 21.37
N ARG B 323 13.38 43.14 22.15
CA ARG B 323 13.40 44.54 21.73
C ARG B 323 14.21 44.67 20.44
N ALA B 324 15.24 43.84 20.30
CA ALA B 324 16.09 43.85 19.12
C ALA B 324 15.28 43.40 17.91
N PHE B 325 14.73 42.20 18.02
CA PHE B 325 13.94 41.64 16.94
C PHE B 325 12.83 42.61 16.51
N LEU B 326 11.97 42.99 17.45
CA LEU B 326 10.88 43.89 17.15
C LEU B 326 11.31 45.12 16.37
N ASP B 327 12.43 45.72 16.77
CA ASP B 327 12.93 46.90 16.08
C ASP B 327 13.48 46.53 14.72
N SER B 328 13.99 45.31 14.57
CA SER B 328 14.53 44.89 13.28
C SER B 328 13.37 44.70 12.31
N ARG B 329 12.15 44.86 12.81
CA ARG B 329 10.95 44.73 12.00
C ARG B 329 10.31 46.10 11.85
N GLY B 330 10.92 47.11 12.44
CA GLY B 330 10.37 48.46 12.35
C GLY B 330 9.17 48.64 13.24
N LEU B 331 8.99 47.72 14.19
CA LEU B 331 7.87 47.80 15.13
C LEU B 331 8.42 48.48 16.37
N THR B 332 9.08 49.60 16.14
CA THR B 332 9.70 50.38 17.21
C THR B 332 8.75 50.87 18.31
N GLU B 333 7.49 51.06 17.98
CA GLU B 333 6.55 51.53 19.00
C GLU B 333 6.03 50.37 19.85
N TYR B 334 6.25 49.14 19.41
CA TYR B 334 5.78 47.97 20.16
C TYR B 334 6.65 47.77 21.39
N GLU B 335 6.00 47.64 22.55
CA GLU B 335 6.72 47.41 23.79
C GLU B 335 7.33 46.00 23.71
N GLU B 336 8.44 45.76 24.40
CA GLU B 336 9.04 44.43 24.34
C GLU B 336 7.99 43.39 24.71
N MET B 337 7.91 42.34 23.89
CA MET B 337 6.97 41.24 24.05
C MET B 337 5.61 41.49 23.40
N ASP B 338 5.39 42.68 22.84
CA ASP B 338 4.14 42.98 22.14
C ASP B 338 4.42 42.54 20.73
N LEU B 339 3.92 41.36 20.38
CA LEU B 339 4.15 40.76 19.07
C LEU B 339 3.42 41.43 17.90
N GLY B 340 2.32 42.13 18.18
CA GLY B 340 1.58 42.75 17.11
C GLY B 340 0.31 41.97 16.87
N PRO B 341 -0.38 42.16 15.73
CA PRO B 341 -1.61 41.38 15.53
C PRO B 341 -1.40 39.98 14.98
N VAL B 342 -0.64 39.16 15.70
CA VAL B 342 -0.38 37.78 15.27
C VAL B 342 -1.46 36.80 15.70
N TYR B 343 -1.52 35.67 15.01
CA TYR B 343 -2.46 34.59 15.33
C TYR B 343 -3.84 34.91 15.90
N GLY B 344 -4.02 34.59 17.19
CA GLY B 344 -5.29 34.82 17.86
C GLY B 344 -5.96 36.14 17.55
N PHE B 345 -5.16 37.19 17.35
CA PHE B 345 -5.73 38.51 17.06
C PHE B 345 -6.51 38.49 15.75
N GLN B 346 -5.94 37.85 14.75
CA GLN B 346 -6.61 37.76 13.46
C GLN B 346 -7.78 36.78 13.57
N TRP B 347 -7.70 35.81 14.49
CA TRP B 347 -8.77 34.84 14.67
C TRP B 347 -10.02 35.52 15.18
N ARG B 348 -9.84 36.28 16.25
CA ARG B 348 -10.94 36.98 16.89
C ARG B 348 -11.20 38.37 16.32
N HIS B 349 -10.19 38.99 15.72
CA HIS B 349 -10.34 40.34 15.18
C HIS B 349 -9.71 40.52 13.80
N PHE B 350 -10.07 39.68 12.83
CA PHE B 350 -9.47 39.81 11.50
C PHE B 350 -9.44 41.25 10.97
N GLY B 351 -8.23 41.72 10.66
CA GLY B 351 -8.05 43.05 10.10
C GLY B 351 -8.26 44.30 10.95
N ALA B 352 -8.50 44.15 12.25
CA ALA B 352 -8.71 45.32 13.11
C ALA B 352 -7.40 46.11 13.22
N ALA B 353 -7.49 47.43 13.33
CA ALA B 353 -6.30 48.27 13.44
C ALA B 353 -5.55 47.99 14.72
N TYR B 354 -4.24 47.76 14.63
CA TYR B 354 -3.45 47.46 15.81
C TYR B 354 -2.54 48.60 16.17
N THR B 355 -2.51 48.95 17.45
CA THR B 355 -1.67 50.02 17.95
C THR B 355 -0.78 49.40 19.00
N HIS B 356 -1.41 48.86 20.05
CA HIS B 356 -0.70 48.21 21.15
C HIS B 356 -1.52 47.10 21.77
N HIS B 357 -0.86 46.17 22.45
CA HIS B 357 -1.57 45.04 23.05
C HIS B 357 -2.44 45.48 24.21
N ASP B 358 -2.21 46.70 24.69
CA ASP B 358 -2.98 47.26 25.80
C ASP B 358 -4.43 47.49 25.39
N ALA B 359 -4.61 48.28 24.33
CA ALA B 359 -5.92 48.64 23.81
C ALA B 359 -6.96 47.53 23.88
N ASN B 360 -8.22 47.93 24.05
CA ASN B 360 -9.30 46.95 24.11
C ASN B 360 -9.68 46.67 22.67
N TYR B 361 -9.93 45.40 22.35
CA TYR B 361 -10.28 45.03 21.00
C TYR B 361 -11.62 44.35 20.85
N ASP B 362 -12.40 44.36 21.92
CA ASP B 362 -13.71 43.74 21.89
C ASP B 362 -14.49 44.35 20.74
N GLY B 363 -15.24 43.52 20.01
CA GLY B 363 -16.03 43.99 18.89
C GLY B 363 -15.25 44.25 17.61
N GLN B 364 -13.99 44.64 17.74
CA GLN B 364 -13.10 44.95 16.63
C GLN B 364 -12.88 43.80 15.64
N GLY B 365 -12.82 44.16 14.37
CA GLY B 365 -12.57 43.18 13.34
C GLY B 365 -13.65 42.12 13.20
N VAL B 366 -13.27 41.05 12.50
CA VAL B 366 -14.14 39.91 12.26
C VAL B 366 -13.75 38.79 13.20
N ASP B 367 -14.67 38.34 14.04
CA ASP B 367 -14.34 37.26 14.95
C ASP B 367 -14.68 35.94 14.24
N GLN B 368 -13.73 35.43 13.47
CA GLN B 368 -13.96 34.19 12.74
C GLN B 368 -14.42 33.04 13.65
N ILE B 369 -13.80 32.92 14.83
CA ILE B 369 -14.16 31.84 15.74
C ILE B 369 -15.60 31.91 16.28
N LYS B 370 -16.02 33.08 16.76
CA LYS B 370 -17.38 33.19 17.29
C LYS B 370 -18.37 32.79 16.22
N ALA B 371 -18.01 33.07 14.98
CA ALA B 371 -18.83 32.76 13.82
C ALA B 371 -18.81 31.28 13.44
N ILE B 372 -17.68 30.61 13.63
CA ILE B 372 -17.55 29.19 13.32
C ILE B 372 -18.34 28.39 14.36
N VAL B 373 -18.37 28.92 15.57
CA VAL B 373 -19.08 28.29 16.68
C VAL B 373 -20.57 28.37 16.39
N GLU B 374 -21.05 29.52 15.95
CA GLU B 374 -22.47 29.71 15.69
C GLU B 374 -23.03 28.97 14.47
N THR B 375 -22.20 28.76 13.47
CA THR B 375 -22.63 28.04 12.27
C THR B 375 -22.64 26.56 12.57
N LEU B 376 -21.60 26.10 13.23
CA LEU B 376 -21.46 24.71 13.62
C LEU B 376 -22.74 24.22 14.33
N LYS B 377 -23.34 25.10 15.14
CA LYS B 377 -24.55 24.78 15.88
C LYS B 377 -25.88 24.97 15.15
N THR B 378 -25.86 25.59 13.98
CA THR B 378 -27.10 25.82 13.23
C THR B 378 -27.11 25.20 11.86
N ASN B 379 -25.93 25.06 11.26
CA ASN B 379 -25.80 24.47 9.93
C ASN B 379 -24.42 23.86 9.76
N PRO B 380 -24.14 22.78 10.50
CA PRO B 380 -22.86 22.07 10.49
C PRO B 380 -22.38 21.51 9.14
N ASP B 381 -23.21 21.65 8.11
CA ASP B 381 -22.81 21.14 6.81
C ASP B 381 -22.33 22.26 5.92
N ASP B 382 -22.27 23.46 6.50
CA ASP B 382 -21.75 24.63 5.81
C ASP B 382 -20.33 24.28 5.32
N ARG B 383 -19.86 24.94 4.29
CA ARG B 383 -18.52 24.66 3.77
C ARG B 383 -17.67 25.91 3.73
N ARG B 384 -17.73 26.71 4.79
CA ARG B 384 -16.98 27.95 4.83
C ARG B 384 -16.57 28.20 6.25
N MET B 385 -16.60 27.13 7.04
CA MET B 385 -16.23 27.19 8.44
C MET B 385 -14.72 27.05 8.57
N LEU B 386 -14.00 28.10 8.19
CA LEU B 386 -12.55 28.10 8.33
C LEU B 386 -12.12 29.50 8.70
N PHE B 387 -11.08 29.58 9.53
CA PHE B 387 -10.56 30.86 10.01
C PHE B 387 -9.12 30.98 9.55
N THR B 388 -8.64 32.21 9.47
CA THR B 388 -7.28 32.41 9.02
C THR B 388 -6.57 33.54 9.73
N ALA B 389 -5.25 33.42 9.81
CA ALA B 389 -4.42 34.43 10.44
C ALA B 389 -3.51 34.99 9.39
N TRP B 390 -3.57 34.38 8.20
CA TRP B 390 -2.74 34.85 7.11
C TRP B 390 -3.44 36.04 6.48
N ASN B 391 -3.08 37.22 6.97
CA ASN B 391 -3.63 38.48 6.52
C ASN B 391 -2.55 39.32 5.88
N PRO B 392 -2.37 39.21 4.56
CA PRO B 392 -1.37 39.96 3.80
C PRO B 392 -1.19 41.41 4.21
N SER B 393 -2.30 42.08 4.51
CA SER B 393 -2.25 43.48 4.91
C SER B 393 -1.60 43.72 6.27
N ALA B 394 -1.87 42.82 7.20
CA ALA B 394 -1.36 42.93 8.56
C ALA B 394 -0.02 42.25 8.77
N LEU B 395 0.46 41.47 7.81
CA LEU B 395 1.73 40.78 7.99
C LEU B 395 2.86 41.69 8.45
N PRO B 396 3.05 42.84 7.79
CA PRO B 396 4.12 43.78 8.16
C PRO B 396 4.08 44.29 9.60
N ARG B 397 2.90 44.34 10.21
CA ARG B 397 2.78 44.85 11.58
C ARG B 397 2.95 43.72 12.60
N MET B 398 3.17 42.51 12.08
CA MET B 398 3.35 41.33 12.92
C MET B 398 4.80 41.03 13.21
N ALA B 399 5.07 40.59 14.44
CA ALA B 399 6.41 40.25 14.82
C ALA B 399 6.83 39.17 13.85
N LEU B 400 5.86 38.43 13.35
CA LEU B 400 6.15 37.34 12.45
C LEU B 400 4.90 36.84 11.70
N PRO B 401 5.09 36.21 10.53
CA PRO B 401 3.93 35.70 9.77
C PRO B 401 3.57 34.37 10.43
N PRO B 402 2.29 34.01 10.45
CA PRO B 402 1.92 32.74 11.08
C PRO B 402 2.35 31.52 10.28
N CYS B 403 2.70 30.42 10.97
CA CYS B 403 3.09 29.16 10.32
C CYS B 403 1.84 28.34 10.11
N HIS B 404 1.07 28.13 11.18
CA HIS B 404 -0.21 27.43 11.03
C HIS B 404 -1.15 28.59 10.72
N LEU B 405 -1.40 28.79 9.43
CA LEU B 405 -2.18 29.91 8.93
C LEU B 405 -3.64 29.70 8.51
N LEU B 406 -4.14 28.48 8.59
CA LEU B 406 -5.52 28.24 8.18
C LEU B 406 -6.05 26.94 8.74
N ALA B 407 -7.35 26.90 8.98
CA ALA B 407 -8.02 25.70 9.51
C ALA B 407 -9.51 25.73 9.16
N GLN B 408 -10.01 24.58 8.73
CA GLN B 408 -11.40 24.42 8.32
C GLN B 408 -12.06 23.34 9.18
N PHE B 409 -13.36 23.48 9.40
CA PHE B 409 -14.06 22.49 10.19
C PHE B 409 -15.03 21.74 9.32
N TYR B 410 -15.40 20.54 9.74
CA TYR B 410 -16.33 19.69 9.00
C TYR B 410 -17.13 18.86 9.98
N VAL B 411 -18.40 18.68 9.67
CA VAL B 411 -19.27 17.95 10.58
C VAL B 411 -20.00 16.80 9.90
N SER B 412 -19.96 15.64 10.56
CA SER B 412 -20.63 14.44 10.06
C SER B 412 -20.94 13.50 11.21
N ASN B 413 -22.22 13.16 11.36
CA ASN B 413 -22.63 12.26 12.41
C ASN B 413 -22.23 12.78 13.79
N GLY B 414 -22.48 14.06 14.01
CA GLY B 414 -22.17 14.66 15.31
C GLY B 414 -20.73 14.82 15.75
N GLU B 415 -19.77 14.47 14.88
CA GLU B 415 -18.38 14.61 15.25
C GLU B 415 -17.75 15.76 14.47
N LEU B 416 -17.01 16.60 15.18
CA LEU B 416 -16.36 17.73 14.54
C LEU B 416 -14.97 17.32 14.12
N SER B 417 -14.62 17.61 12.87
CA SER B 417 -13.29 17.31 12.35
C SER B 417 -12.64 18.63 11.96
N CYS B 418 -11.31 18.68 12.02
CA CYS B 418 -10.59 19.90 11.71
C CYS B 418 -9.41 19.64 10.80
N MET B 419 -9.21 20.53 9.84
CA MET B 419 -8.12 20.43 8.89
C MET B 419 -7.23 21.65 9.04
N LEU B 420 -5.98 21.41 9.38
CA LEU B 420 -5.00 22.46 9.61
C LEU B 420 -4.09 22.64 8.40
N TYR B 421 -3.75 23.89 8.08
CA TYR B 421 -2.85 24.15 6.96
C TYR B 421 -1.63 24.88 7.50
N GLN B 422 -0.48 24.22 7.46
CA GLN B 422 0.78 24.79 7.93
C GLN B 422 1.74 25.02 6.77
N ARG B 423 1.99 26.27 6.45
CA ARG B 423 2.89 26.62 5.36
C ARG B 423 4.27 26.04 5.56
N SER B 424 4.85 26.24 6.73
CA SER B 424 6.17 25.71 7.04
C SER B 424 6.15 24.96 8.36
N CYS B 425 6.78 23.80 8.40
CA CYS B 425 6.80 23.01 9.62
C CYS B 425 8.08 22.26 9.91
N ASP B 426 8.57 22.47 11.13
CA ASP B 426 9.78 21.81 11.60
C ASP B 426 9.32 20.48 12.17
N MET B 427 9.82 19.37 11.62
CA MET B 427 9.42 18.04 12.08
C MET B 427 9.99 17.68 13.45
N GLY B 428 11.13 18.28 13.79
CA GLY B 428 11.75 18.00 15.06
C GLY B 428 10.99 18.50 16.28
N LEU B 429 10.57 19.77 16.27
CA LEU B 429 9.86 20.36 17.41
C LEU B 429 8.48 20.97 17.14
N GLY B 430 8.32 21.58 15.97
CA GLY B 430 7.06 22.22 15.64
C GLY B 430 5.83 21.34 15.40
N VAL B 431 5.90 20.46 14.41
CA VAL B 431 4.80 19.58 14.04
C VAL B 431 4.14 18.80 15.18
N PRO B 432 4.93 18.17 16.07
CA PRO B 432 4.34 17.43 17.18
C PRO B 432 3.57 18.38 18.08
N PHE B 433 4.17 19.54 18.29
CA PHE B 433 3.61 20.59 19.12
C PHE B 433 2.27 21.07 18.52
N ASN B 434 2.27 21.32 17.21
CA ASN B 434 1.08 21.80 16.51
C ASN B 434 -0.04 20.79 16.41
N ILE B 435 0.31 19.51 16.23
CA ILE B 435 -0.70 18.48 16.15
C ILE B 435 -1.42 18.55 17.48
N ALA B 436 -0.67 18.79 18.54
CA ALA B 436 -1.23 18.91 19.87
C ALA B 436 -2.15 20.11 19.88
N SER B 437 -1.59 21.26 19.54
CA SER B 437 -2.38 22.49 19.52
C SER B 437 -3.74 22.38 18.85
N TYR B 438 -3.80 21.79 17.66
CA TYR B 438 -5.08 21.72 16.98
C TYR B 438 -6.02 20.61 17.41
N ALA B 439 -5.47 19.61 18.11
CA ALA B 439 -6.30 18.53 18.62
C ALA B 439 -7.01 19.15 19.81
N LEU B 440 -6.29 20.03 20.51
CA LEU B 440 -6.84 20.72 21.66
C LEU B 440 -7.85 21.78 21.23
N LEU B 441 -7.58 22.45 20.11
CA LEU B 441 -8.49 23.46 19.62
C LEU B 441 -9.79 22.82 19.13
N THR B 442 -9.67 21.69 18.43
CA THR B 442 -10.84 21.00 17.90
C THR B 442 -11.72 20.48 19.04
N ILE B 443 -11.09 19.91 20.06
CA ILE B 443 -11.85 19.38 21.17
C ILE B 443 -12.67 20.48 21.85
N LEU B 444 -12.04 21.61 22.16
CA LEU B 444 -12.74 22.74 22.79
C LEU B 444 -13.89 23.22 21.90
N ILE B 445 -13.59 23.52 20.64
CA ILE B 445 -14.61 23.99 19.71
C ILE B 445 -15.81 23.03 19.67
N ALA B 446 -15.57 21.75 19.91
CA ALA B 446 -16.63 20.76 19.91
C ALA B 446 -17.44 20.94 21.19
N LYS B 447 -16.73 20.94 22.32
CA LYS B 447 -17.37 21.12 23.61
C LYS B 447 -18.22 22.39 23.54
N ALA B 448 -17.74 23.38 22.80
CA ALA B 448 -18.43 24.65 22.67
C ALA B 448 -19.56 24.63 21.65
N THR B 449 -19.71 23.53 20.91
CA THR B 449 -20.76 23.48 19.92
C THR B 449 -21.68 22.30 20.06
N GLY B 450 -21.55 21.56 21.13
CA GLY B 450 -22.42 20.43 21.34
C GLY B 450 -22.12 19.29 20.38
N LEU B 451 -20.87 19.19 19.98
CA LEU B 451 -20.45 18.12 19.08
C LEU B 451 -19.44 17.26 19.82
N ARG B 452 -19.00 16.18 19.17
CA ARG B 452 -18.02 15.29 19.75
C ARG B 452 -16.79 15.30 18.88
N PRO B 453 -15.59 15.41 19.49
CA PRO B 453 -14.34 15.44 18.73
C PRO B 453 -14.24 14.31 17.70
N GLY B 454 -13.75 14.64 16.50
CA GLY B 454 -13.61 13.64 15.45
C GLY B 454 -12.17 13.40 15.01
N GLU B 455 -11.74 14.06 13.94
CA GLU B 455 -10.38 13.91 13.46
C GLU B 455 -9.73 15.25 13.19
N LEU B 456 -8.40 15.22 13.14
CA LEU B 456 -7.61 16.40 12.87
C LEU B 456 -6.80 16.03 11.64
N VAL B 457 -6.96 16.79 10.56
CA VAL B 457 -6.18 16.50 9.38
C VAL B 457 -5.13 17.60 9.28
N HIS B 458 -3.88 17.17 9.15
CA HIS B 458 -2.74 18.09 9.08
C HIS B 458 -2.12 18.11 7.69
N THR B 459 -2.18 19.28 7.05
CA THR B 459 -1.58 19.48 5.73
C THR B 459 -0.31 20.31 5.90
N LEU B 460 0.83 19.74 5.52
CA LEU B 460 2.10 20.45 5.64
C LEU B 460 2.49 21.02 4.30
N GLY B 461 3.06 22.21 4.30
CA GLY B 461 3.52 22.79 3.06
C GLY B 461 4.98 22.41 2.93
N ASP B 462 5.84 23.20 3.58
CA ASP B 462 7.28 22.94 3.58
C ASP B 462 7.65 22.19 4.86
N ALA B 463 7.75 20.86 4.72
CA ALA B 463 8.09 19.98 5.83
C ALA B 463 9.59 19.76 5.81
N HIS B 464 10.25 20.12 6.90
CA HIS B 464 11.69 20.01 6.97
C HIS B 464 12.25 19.57 8.31
N VAL B 465 13.27 18.72 8.25
CA VAL B 465 13.97 18.25 9.44
C VAL B 465 15.24 19.10 9.40
N TYR B 466 15.52 19.87 10.45
CA TYR B 466 16.73 20.69 10.44
C TYR B 466 17.97 19.82 10.28
N SER B 467 19.05 20.40 9.76
CA SER B 467 20.26 19.64 9.53
C SER B 467 20.83 18.93 10.74
N ASN B 468 20.91 19.60 11.88
CA ASN B 468 21.46 18.94 13.06
C ASN B 468 20.39 18.26 13.91
N HIS B 469 19.43 17.63 13.25
CA HIS B 469 18.37 16.90 13.92
C HIS B 469 18.48 15.49 13.37
N VAL B 470 19.12 15.39 12.21
CA VAL B 470 19.29 14.12 11.52
C VAL B 470 19.70 13.00 12.47
N GLU B 471 20.78 13.17 13.22
CA GLU B 471 21.19 12.10 14.13
C GLU B 471 20.16 11.82 15.21
N PRO B 472 19.68 12.87 15.90
CA PRO B 472 18.68 12.63 16.93
C PRO B 472 17.40 12.01 16.36
N CYS B 473 16.84 12.65 15.34
CA CYS B 473 15.62 12.16 14.70
C CYS B 473 15.81 10.73 14.20
N ASN B 474 17.06 10.28 14.08
CA ASN B 474 17.36 8.92 13.66
C ASN B 474 17.23 8.01 14.87
N GLU B 475 17.66 8.51 16.03
CA GLU B 475 17.56 7.74 17.26
C GLU B 475 16.07 7.54 17.50
N GLN B 476 15.32 8.63 17.38
CA GLN B 476 13.88 8.57 17.59
C GLN B 476 13.22 7.65 16.58
N LEU B 477 13.56 7.79 15.29
CA LEU B 477 12.98 6.93 14.28
C LEU B 477 13.11 5.45 14.62
N LYS B 478 13.99 5.13 15.56
CA LYS B 478 14.18 3.75 15.97
C LYS B 478 13.03 3.25 16.87
N ARG B 479 12.56 4.12 17.77
CA ARG B 479 11.49 3.78 18.69
C ARG B 479 10.15 3.40 18.03
N VAL B 480 9.49 2.37 18.57
CA VAL B 480 8.20 1.94 18.05
C VAL B 480 7.16 2.79 18.77
N PRO B 481 6.25 3.42 18.01
CA PRO B 481 5.23 4.26 18.64
C PRO B 481 4.32 3.49 19.59
N ARG B 482 4.05 4.09 20.75
CA ARG B 482 3.18 3.47 21.74
C ARG B 482 1.76 3.96 21.57
N ALA B 483 0.93 3.72 22.58
CA ALA B 483 -0.47 4.12 22.54
C ALA B 483 -0.68 5.55 23.06
N PHE B 484 -1.29 6.40 22.24
CA PHE B 484 -1.55 7.79 22.66
C PHE B 484 -2.32 7.90 23.98
N PRO B 485 -2.12 9.02 24.69
CA PRO B 485 -2.76 9.31 25.98
C PRO B 485 -4.19 9.80 25.78
N TYR B 486 -4.80 10.28 26.86
CA TYR B 486 -6.16 10.79 26.79
C TYR B 486 -6.31 12.13 27.52
N LEU B 487 -7.25 12.94 27.06
CA LEU B 487 -7.48 14.23 27.66
C LEU B 487 -8.81 14.29 28.40
N VAL B 488 -8.74 14.59 29.69
CA VAL B 488 -9.97 14.70 30.47
C VAL B 488 -10.07 16.15 30.92
N PHE B 489 -11.25 16.51 31.43
CA PHE B 489 -11.48 17.86 31.92
C PHE B 489 -11.88 17.79 33.39
N ARG B 490 -11.01 18.30 34.27
CA ARG B 490 -11.29 18.29 35.70
C ARG B 490 -12.63 19.02 35.87
N ARG B 491 -12.70 20.22 35.30
CA ARG B 491 -13.89 21.05 35.37
C ARG B 491 -14.10 21.81 34.08
N GLU B 492 -15.19 22.57 34.03
CA GLU B 492 -15.53 23.37 32.86
C GLU B 492 -15.54 24.87 33.14
N ARG B 493 -16.10 25.62 32.20
CA ARG B 493 -16.19 27.06 32.30
C ARG B 493 -17.49 27.46 31.62
N GLU B 494 -17.92 28.69 31.86
CA GLU B 494 -19.14 29.16 31.25
C GLU B 494 -18.78 29.72 29.87
N PHE B 495 -17.59 30.29 29.76
CA PHE B 495 -17.12 30.86 28.50
C PHE B 495 -15.83 30.23 28.02
N LEU B 496 -15.76 29.93 26.73
CA LEU B 496 -14.58 29.33 26.12
C LEU B 496 -13.33 30.10 26.52
N GLU B 497 -13.40 31.42 26.40
CA GLU B 497 -12.29 32.31 26.72
C GLU B 497 -11.79 32.19 28.16
N ASP B 498 -12.61 31.62 29.03
CA ASP B 498 -12.26 31.47 30.43
C ASP B 498 -11.53 30.18 30.83
N TYR B 499 -11.37 29.24 29.89
CA TYR B 499 -10.70 27.97 30.19
C TYR B 499 -9.20 28.10 30.52
N GLU B 500 -8.81 27.51 31.65
CA GLU B 500 -7.41 27.55 32.09
C GLU B 500 -6.75 26.18 31.91
N GLU B 501 -5.41 26.18 31.83
CA GLU B 501 -4.66 24.95 31.65
C GLU B 501 -4.85 23.97 32.81
N GLY B 502 -5.28 24.47 33.95
CA GLY B 502 -5.50 23.57 35.09
C GLY B 502 -6.84 22.85 35.07
N ASP B 503 -7.60 23.04 33.99
CA ASP B 503 -8.92 22.43 33.84
C ASP B 503 -8.90 21.14 33.07
N MET B 504 -7.81 20.88 32.37
CA MET B 504 -7.67 19.68 31.58
C MET B 504 -6.40 18.94 32.00
N GLU B 505 -6.55 17.64 32.23
CA GLU B 505 -5.45 16.80 32.66
C GLU B 505 -5.13 15.71 31.65
N VAL B 506 -3.87 15.61 31.25
CA VAL B 506 -3.46 14.59 30.31
C VAL B 506 -3.16 13.33 31.12
N ILE B 507 -3.75 12.20 30.73
CA ILE B 507 -3.55 10.95 31.44
C ILE B 507 -3.06 9.83 30.54
N ASP B 508 -2.32 8.91 31.13
CA ASP B 508 -1.77 7.75 30.45
C ASP B 508 -0.83 8.06 29.30
N TYR B 509 -0.13 9.18 29.39
CA TYR B 509 0.83 9.59 28.39
C TYR B 509 2.10 8.91 28.86
N ALA B 510 2.64 7.98 28.07
CA ALA B 510 3.85 7.27 28.46
C ALA B 510 4.98 7.37 27.45
N PRO B 511 5.49 8.58 27.19
CA PRO B 511 6.58 8.76 26.22
C PRO B 511 7.88 8.00 26.53
N TYR B 512 8.76 7.88 25.53
CA TYR B 512 10.05 7.20 25.69
C TYR B 512 11.02 8.24 26.26
N PRO B 513 12.20 7.81 26.75
CA PRO B 513 13.22 8.70 27.32
C PRO B 513 13.82 9.71 26.36
N PRO B 514 14.38 10.80 26.90
CA PRO B 514 14.98 11.84 26.06
C PRO B 514 15.97 11.19 25.08
N ILE B 515 15.94 11.64 23.82
CA ILE B 515 16.84 11.10 22.79
C ILE B 515 18.29 11.13 23.26
N SER B 516 18.76 9.98 23.75
CA SER B 516 20.13 9.81 24.25
C SER B 516 21.22 10.37 23.34
N MET B 517 21.39 11.69 23.33
CA MET B 517 22.38 12.33 22.49
C MET B 517 23.58 12.85 23.28
N SER C 2 -11.73 -50.22 8.90
CA SER C 2 -11.71 -49.35 10.10
C SER C 2 -10.34 -48.82 10.38
N LEU C 3 -9.43 -49.68 10.84
CA LEU C 3 -8.08 -49.21 11.11
C LEU C 3 -7.51 -48.52 9.87
N PHE C 4 -8.14 -48.75 8.73
CA PHE C 4 -7.72 -48.13 7.48
C PHE C 4 -8.28 -46.71 7.40
N LYS C 5 -9.44 -46.49 8.04
CA LYS C 5 -10.10 -45.18 8.05
C LYS C 5 -9.54 -44.25 9.13
N ILE C 6 -10.11 -43.06 9.23
CA ILE C 6 -9.68 -42.06 10.20
C ILE C 6 -10.76 -41.78 11.23
N ARG C 7 -10.68 -42.42 12.40
CA ARG C 7 -11.68 -42.20 13.44
C ARG C 7 -11.74 -40.73 13.92
N MET C 8 -12.90 -40.11 13.75
CA MET C 8 -13.09 -38.73 14.19
C MET C 8 -13.09 -38.72 15.72
N PRO C 9 -12.37 -37.78 16.35
CA PRO C 9 -12.33 -37.69 17.81
C PRO C 9 -13.67 -37.26 18.40
N GLU C 10 -13.76 -37.26 19.72
CA GLU C 10 -14.99 -36.89 20.41
C GLU C 10 -15.30 -35.40 20.36
N THR C 11 -14.29 -34.60 20.04
CA THR C 11 -14.50 -33.17 19.95
C THR C 11 -15.11 -32.79 18.59
N VAL C 12 -15.08 -33.72 17.65
CA VAL C 12 -15.56 -33.48 16.29
C VAL C 12 -16.75 -32.53 16.07
N ALA C 13 -17.70 -32.50 17.02
CA ALA C 13 -18.85 -31.61 16.88
C ALA C 13 -18.52 -30.24 17.47
N GLU C 14 -18.14 -30.23 18.73
CA GLU C 14 -17.77 -29.00 19.41
C GLU C 14 -16.98 -28.08 18.48
N GLY C 15 -15.77 -28.52 18.16
CA GLY C 15 -14.86 -27.80 17.29
C GLY C 15 -15.41 -26.75 16.33
N THR C 16 -16.25 -27.18 15.39
CA THR C 16 -16.82 -26.26 14.40
C THR C 16 -18.27 -25.84 14.61
N ARG C 17 -18.76 -25.90 15.85
CA ARG C 17 -20.15 -25.51 16.16
C ARG C 17 -20.39 -24.00 15.96
N LEU C 18 -21.42 -23.69 15.17
CA LEU C 18 -21.79 -22.29 14.88
C LEU C 18 -22.19 -21.57 16.17
N ALA C 19 -21.44 -20.54 16.53
CA ALA C 19 -21.67 -19.75 17.75
C ALA C 19 -22.83 -18.76 17.63
N LEU C 20 -22.87 -18.01 16.54
CA LEU C 20 -23.95 -17.06 16.31
C LEU C 20 -24.32 -17.16 14.84
N ARG C 21 -25.59 -17.01 14.53
CA ARG C 21 -26.06 -17.05 13.15
C ARG C 21 -25.90 -15.65 12.56
N ALA C 22 -25.52 -15.56 11.30
CA ALA C 22 -25.34 -14.27 10.64
C ALA C 22 -26.71 -13.64 10.42
N PHE C 23 -26.73 -12.32 10.25
CA PHE C 23 -27.99 -11.62 10.06
C PHE C 23 -27.82 -10.30 9.32
N SER C 24 -28.94 -9.73 8.92
CA SER C 24 -28.98 -8.45 8.22
C SER C 24 -29.76 -7.47 9.09
N LEU C 25 -29.62 -6.18 8.79
CA LEU C 25 -30.29 -5.16 9.59
C LEU C 25 -31.10 -4.16 8.73
N VAL C 26 -32.35 -3.93 9.10
CA VAL C 26 -33.19 -3.00 8.35
C VAL C 26 -33.57 -1.83 9.25
N VAL C 27 -33.58 -0.64 8.70
CA VAL C 27 -33.93 0.52 9.52
C VAL C 27 -34.28 1.75 8.68
N ALA C 28 -35.15 2.58 9.25
CA ALA C 28 -35.59 3.82 8.61
C ALA C 28 -35.07 4.96 9.49
N VAL C 29 -34.50 5.98 8.89
CA VAL C 29 -33.95 7.07 9.67
C VAL C 29 -34.22 8.42 9.04
N ASP C 30 -34.35 9.46 9.87
CA ASP C 30 -34.56 10.79 9.31
C ASP C 30 -33.20 11.28 8.87
N GLU C 31 -33.15 12.42 8.17
CA GLU C 31 -31.88 12.93 7.69
C GLU C 31 -30.86 13.13 8.79
N HIS C 32 -31.33 13.33 10.02
CA HIS C 32 -30.43 13.51 11.16
C HIS C 32 -29.91 12.15 11.57
N GLY C 33 -30.63 11.11 11.15
CA GLY C 33 -30.24 9.76 11.50
C GLY C 33 -31.01 9.24 12.70
N GLY C 34 -32.12 9.90 13.01
CA GLY C 34 -32.93 9.49 14.14
C GLY C 34 -33.63 8.19 13.82
N ILE C 35 -33.99 7.45 14.85
CA ILE C 35 -34.67 6.18 14.67
C ILE C 35 -36.15 6.38 14.91
N GLY C 36 -36.46 6.95 16.06
CA GLY C 36 -37.84 7.20 16.43
C GLY C 36 -37.89 7.77 17.83
N ASP C 37 -39.06 7.75 18.45
CA ASP C 37 -39.21 8.29 19.81
C ASP C 37 -39.44 7.18 20.84
N GLY C 38 -38.63 6.13 20.77
CA GLY C 38 -38.74 5.01 21.71
C GLY C 38 -40.03 4.22 21.54
N ARG C 39 -41.06 4.89 21.05
CA ARG C 39 -42.37 4.29 20.83
C ARG C 39 -43.03 4.97 19.64
N SER C 40 -42.70 6.25 19.47
CA SER C 40 -43.24 7.08 18.39
C SER C 40 -42.52 7.09 17.05
N ILE C 41 -43.09 6.41 16.06
CA ILE C 41 -42.54 6.38 14.70
C ILE C 41 -43.65 6.97 13.80
N PRO C 42 -43.64 8.30 13.60
CA PRO C 42 -44.63 8.97 12.76
C PRO C 42 -44.34 8.93 11.26
N TRP C 43 -43.47 8.02 10.84
CA TRP C 43 -43.12 7.90 9.43
C TRP C 43 -43.84 6.76 8.77
N ASN C 44 -44.71 7.11 7.83
CA ASN C 44 -45.45 6.11 7.10
C ASN C 44 -45.28 6.36 5.61
N VAL C 45 -44.06 6.21 5.15
CA VAL C 45 -43.76 6.35 3.74
C VAL C 45 -44.14 4.97 3.23
N PRO C 46 -45.29 4.84 2.56
CA PRO C 46 -45.77 3.57 2.03
C PRO C 46 -44.68 2.74 1.37
N GLU C 47 -43.97 3.35 0.41
CA GLU C 47 -42.89 2.68 -0.29
C GLU C 47 -41.99 1.89 0.66
N ASP C 48 -41.47 2.56 1.69
CA ASP C 48 -40.62 1.93 2.66
C ASP C 48 -41.30 0.78 3.39
N MET C 49 -42.60 0.95 3.67
CA MET C 49 -43.34 -0.10 4.36
C MET C 49 -43.31 -1.34 3.47
N LYS C 50 -43.57 -1.12 2.19
CA LYS C 50 -43.59 -2.18 1.20
C LYS C 50 -42.20 -2.82 1.09
N PHE C 51 -41.17 -1.98 1.06
CA PHE C 51 -39.79 -2.44 0.97
C PHE C 51 -39.50 -3.42 2.10
N PHE C 52 -39.75 -2.98 3.34
CA PHE C 52 -39.52 -3.80 4.51
C PHE C 52 -40.28 -5.13 4.43
N ARG C 53 -41.56 -5.07 4.06
CA ARG C 53 -42.36 -6.28 3.94
C ARG C 53 -41.69 -7.31 3.01
N ASP C 54 -41.34 -6.85 1.80
CA ASP C 54 -40.72 -7.74 0.83
C ASP C 54 -39.31 -8.19 1.23
N LEU C 55 -38.42 -7.24 1.47
CA LEU C 55 -37.06 -7.56 1.85
C LEU C 55 -36.93 -8.60 2.95
N THR C 56 -37.82 -8.53 3.94
CA THR C 56 -37.77 -9.45 5.07
C THR C 56 -38.64 -10.70 4.95
N THR C 57 -39.54 -10.73 3.96
CA THR C 57 -40.41 -11.89 3.82
C THR C 57 -39.94 -12.84 2.72
N LYS C 58 -39.80 -12.27 1.53
CA LYS C 58 -39.38 -13.01 0.35
C LYS C 58 -38.08 -13.80 0.52
N LEU C 59 -38.13 -15.06 0.10
CA LEU C 59 -36.97 -15.95 0.16
C LEU C 59 -36.26 -15.80 -1.17
N ARG C 60 -35.04 -16.33 -1.27
CA ARG C 60 -34.28 -16.24 -2.52
C ARG C 60 -34.83 -17.25 -3.53
N GLY C 61 -34.57 -16.99 -4.80
CA GLY C 61 -35.04 -17.89 -5.83
C GLY C 61 -36.47 -17.64 -6.25
N LYS C 62 -37.08 -18.66 -6.84
CA LYS C 62 -38.44 -18.57 -7.34
C LYS C 62 -39.43 -18.04 -6.32
N ASN C 63 -40.68 -17.91 -6.77
CA ASN C 63 -41.76 -17.45 -5.92
C ASN C 63 -42.01 -18.63 -4.99
N VAL C 64 -41.09 -18.86 -4.07
CA VAL C 64 -41.21 -19.96 -3.11
C VAL C 64 -41.83 -19.46 -1.81
N LYS C 65 -43.08 -19.83 -1.59
CA LYS C 65 -43.78 -19.41 -0.37
C LYS C 65 -43.02 -19.84 0.87
N PRO C 66 -42.98 -18.96 1.88
CA PRO C 66 -42.24 -19.39 3.07
C PRO C 66 -43.06 -20.51 3.74
N SER C 67 -42.52 -21.06 4.82
CA SER C 67 -43.17 -22.12 5.57
C SER C 67 -42.26 -22.46 6.74
N PRO C 68 -42.75 -23.23 7.71
CA PRO C 68 -41.93 -23.59 8.87
C PRO C 68 -40.62 -24.27 8.44
N ALA C 69 -40.64 -24.86 7.25
CA ALA C 69 -39.45 -25.55 6.76
C ALA C 69 -38.49 -24.61 6.04
N LYS C 70 -39.00 -23.47 5.56
CA LYS C 70 -38.18 -22.49 4.86
C LYS C 70 -38.82 -21.10 4.91
N ARG C 71 -38.24 -20.21 5.71
CA ARG C 71 -38.76 -18.86 5.87
C ARG C 71 -37.70 -17.92 6.41
N ASN C 72 -38.00 -16.63 6.47
CA ASN C 72 -37.06 -15.67 7.04
C ASN C 72 -37.48 -15.40 8.47
N ALA C 73 -36.57 -14.86 9.26
CA ALA C 73 -36.86 -14.55 10.65
C ALA C 73 -36.46 -13.11 10.99
N VAL C 74 -37.32 -12.42 11.74
CA VAL C 74 -37.03 -11.06 12.17
C VAL C 74 -36.82 -11.07 13.67
N VAL C 75 -35.87 -10.26 14.12
CA VAL C 75 -35.56 -10.12 15.53
C VAL C 75 -35.79 -8.69 15.94
N MET C 76 -36.62 -8.49 16.96
CA MET C 76 -36.90 -7.15 17.42
C MET C 76 -36.84 -7.11 18.92
N GLY C 77 -36.76 -5.89 19.45
CA GLY C 77 -36.73 -5.70 20.89
C GLY C 77 -38.17 -5.84 21.33
N ARG C 78 -38.43 -5.93 22.63
CA ARG C 78 -39.79 -6.09 23.10
C ARG C 78 -40.65 -4.88 22.83
N LYS C 79 -40.09 -3.69 23.00
CA LYS C 79 -40.84 -2.46 22.74
C LYS C 79 -41.24 -2.33 21.27
N THR C 80 -40.40 -2.81 20.35
CA THR C 80 -40.71 -2.72 18.93
C THR C 80 -41.82 -3.70 18.56
N TRP C 81 -42.03 -4.68 19.44
CA TRP C 81 -43.08 -5.67 19.25
C TRP C 81 -44.38 -5.06 19.76
N ASP C 82 -44.29 -4.30 20.84
CA ASP C 82 -45.46 -3.63 21.42
C ASP C 82 -45.98 -2.55 20.48
N SER C 83 -45.13 -2.10 19.56
CA SER C 83 -45.48 -1.05 18.61
C SER C 83 -45.95 -1.54 17.24
N ILE C 84 -46.54 -2.72 17.20
CA ILE C 84 -47.05 -3.27 15.96
C ILE C 84 -48.55 -3.45 16.09
N PRO C 85 -49.35 -2.69 15.32
CA PRO C 85 -50.81 -2.83 15.41
C PRO C 85 -51.16 -4.31 15.54
N PRO C 86 -51.61 -4.72 16.74
CA PRO C 86 -52.00 -6.10 17.06
C PRO C 86 -52.63 -6.90 15.94
N LYS C 87 -53.30 -6.23 15.01
CA LYS C 87 -53.93 -6.92 13.89
C LYS C 87 -52.89 -7.48 12.92
N PHE C 88 -51.76 -6.80 12.80
CA PHE C 88 -50.69 -7.24 11.90
C PHE C 88 -49.59 -7.86 12.73
N ARG C 89 -49.98 -8.54 13.80
CA ARG C 89 -49.04 -9.18 14.72
C ARG C 89 -49.42 -10.63 14.95
N PRO C 90 -48.47 -11.57 14.78
CA PRO C 90 -47.09 -11.32 14.38
C PRO C 90 -47.01 -11.12 12.87
N LEU C 91 -45.91 -10.50 12.41
CA LEU C 91 -45.69 -10.28 10.99
C LEU C 91 -45.80 -11.64 10.33
N PRO C 92 -46.50 -11.71 9.19
CA PRO C 92 -46.72 -12.94 8.41
C PRO C 92 -45.51 -13.48 7.68
N GLY C 93 -45.51 -14.79 7.46
CA GLY C 93 -44.43 -15.49 6.75
C GLY C 93 -43.03 -15.36 7.31
N ARG C 94 -42.93 -14.89 8.55
CA ARG C 94 -41.63 -14.70 9.20
C ARG C 94 -41.65 -15.20 10.63
N LEU C 95 -40.65 -16.00 11.00
CA LEU C 95 -40.57 -16.46 12.37
C LEU C 95 -40.37 -15.17 13.16
N ASN C 96 -41.30 -14.83 14.04
CA ASN C 96 -41.15 -13.62 14.84
C ASN C 96 -40.41 -13.92 16.14
N VAL C 97 -39.18 -13.42 16.22
CA VAL C 97 -38.34 -13.61 17.40
C VAL C 97 -38.34 -12.27 18.13
N VAL C 98 -38.59 -12.31 19.43
CA VAL C 98 -38.64 -11.09 20.23
C VAL C 98 -37.76 -11.19 21.45
N LEU C 99 -36.91 -10.20 21.66
CA LEU C 99 -36.06 -10.20 22.84
C LEU C 99 -36.96 -9.65 23.95
N SER C 100 -36.83 -10.18 25.16
CA SER C 100 -37.64 -9.71 26.27
C SER C 100 -37.20 -10.44 27.52
N SER C 101 -37.14 -9.73 28.63
CA SER C 101 -36.71 -10.34 29.88
C SER C 101 -37.89 -10.55 30.82
N THR C 102 -39.09 -10.23 30.34
CA THR C 102 -40.30 -10.34 31.15
C THR C 102 -41.40 -11.15 30.47
N LEU C 103 -41.58 -10.97 29.17
CA LEU C 103 -42.60 -11.73 28.46
C LEU C 103 -42.10 -13.05 27.88
N THR C 104 -42.77 -14.12 28.28
CA THR C 104 -42.44 -15.46 27.82
C THR C 104 -43.21 -15.69 26.54
N THR C 105 -42.79 -16.65 25.74
CA THR C 105 -43.50 -16.92 24.49
C THR C 105 -45.01 -17.00 24.70
N GLN C 106 -45.44 -17.51 25.84
CA GLN C 106 -46.88 -17.61 26.07
C GLN C 106 -47.47 -16.23 26.20
N HIS C 107 -46.85 -15.38 27.02
CA HIS C 107 -47.32 -14.02 27.19
C HIS C 107 -47.54 -13.43 25.80
N LEU C 108 -46.45 -13.24 25.05
CA LEU C 108 -46.54 -12.72 23.70
C LEU C 108 -47.74 -13.34 22.97
N LEU C 109 -47.78 -14.66 23.00
CA LEU C 109 -48.83 -15.43 22.36
C LEU C 109 -50.22 -14.95 22.76
N ASP C 110 -50.44 -14.79 24.06
CA ASP C 110 -51.73 -14.35 24.57
C ASP C 110 -52.10 -12.95 24.09
N GLY C 111 -51.08 -12.11 23.87
CA GLY C 111 -51.32 -10.75 23.43
C GLY C 111 -52.14 -10.61 22.15
N LEU C 112 -52.44 -11.74 21.51
CA LEU C 112 -53.23 -11.73 20.29
C LEU C 112 -54.71 -11.64 20.67
N PRO C 113 -55.43 -10.68 20.07
CA PRO C 113 -56.85 -10.39 20.29
C PRO C 113 -57.83 -11.56 20.47
N ASP C 114 -58.08 -12.30 19.40
CA ASP C 114 -59.01 -13.43 19.46
C ASP C 114 -58.30 -14.77 19.60
N GLU C 115 -59.02 -15.74 20.15
CA GLU C 115 -58.46 -17.08 20.36
C GLU C 115 -57.91 -17.73 19.10
N GLU C 116 -58.77 -17.95 18.11
CA GLU C 116 -58.38 -18.60 16.86
C GLU C 116 -57.10 -18.08 16.22
N LYS C 117 -56.58 -16.98 16.76
CA LYS C 117 -55.35 -16.38 16.25
C LYS C 117 -54.12 -17.01 16.91
N ARG C 118 -54.18 -17.21 18.22
CA ARG C 118 -53.07 -17.83 18.96
C ARG C 118 -52.91 -19.28 18.52
N ASN C 119 -53.77 -19.71 17.60
CA ASN C 119 -53.74 -21.07 17.07
C ASN C 119 -52.62 -21.19 16.04
N LEU C 120 -52.94 -20.75 14.82
CA LEU C 120 -52.02 -20.80 13.69
C LEU C 120 -50.62 -20.26 13.97
N HIS C 121 -50.56 -19.12 14.65
CA HIS C 121 -49.30 -18.47 14.96
C HIS C 121 -48.49 -19.16 16.05
N ALA C 122 -48.70 -20.46 16.23
CA ALA C 122 -47.97 -21.20 17.24
C ALA C 122 -46.50 -21.31 16.83
N ASP C 123 -46.27 -21.71 15.58
CA ASP C 123 -44.92 -21.86 15.06
C ASP C 123 -44.34 -20.55 14.55
N SER C 124 -45.01 -19.44 14.83
CA SER C 124 -44.56 -18.13 14.35
C SER C 124 -43.93 -17.19 15.36
N ILE C 125 -44.17 -17.41 16.65
CA ILE C 125 -43.63 -16.52 17.68
C ILE C 125 -42.76 -17.25 18.70
N VAL C 126 -41.60 -16.68 18.99
CA VAL C 126 -40.68 -17.24 19.98
C VAL C 126 -40.04 -16.07 20.75
N ALA C 127 -39.97 -16.17 22.07
CA ALA C 127 -39.41 -15.09 22.87
C ALA C 127 -38.02 -15.42 23.38
N VAL C 128 -37.17 -14.41 23.52
CA VAL C 128 -35.83 -14.66 23.99
C VAL C 128 -35.47 -13.86 25.22
N ASN C 129 -35.04 -14.56 26.26
CA ASN C 129 -34.67 -13.90 27.50
C ASN C 129 -33.20 -13.53 27.38
N GLY C 130 -32.95 -12.53 26.54
CA GLY C 130 -31.61 -12.04 26.32
C GLY C 130 -31.63 -11.06 25.16
N GLY C 131 -30.44 -10.61 24.76
CA GLY C 131 -30.33 -9.67 23.66
C GLY C 131 -30.14 -10.24 22.26
N LEU C 132 -29.78 -9.36 21.34
CA LEU C 132 -29.57 -9.74 19.96
C LEU C 132 -28.66 -10.95 19.92
N GLU C 133 -27.62 -10.94 20.75
CA GLU C 133 -26.69 -12.06 20.77
C GLU C 133 -27.39 -13.37 21.12
N GLN C 134 -27.98 -13.44 22.30
CA GLN C 134 -28.70 -14.64 22.71
C GLN C 134 -29.60 -15.14 21.59
N ALA C 135 -30.21 -14.22 20.86
CA ALA C 135 -31.11 -14.60 19.79
C ALA C 135 -30.36 -15.21 18.61
N LEU C 136 -29.25 -14.60 18.25
CA LEU C 136 -28.48 -15.12 17.15
C LEU C 136 -28.00 -16.52 17.49
N ARG C 137 -27.75 -16.76 18.78
CA ARG C 137 -27.29 -18.06 19.23
C ARG C 137 -28.39 -19.13 19.23
N LEU C 138 -29.60 -18.75 19.63
CA LEU C 138 -30.70 -19.69 19.62
C LEU C 138 -30.80 -20.02 18.14
N LEU C 139 -31.04 -18.96 17.37
CA LEU C 139 -31.19 -19.00 15.91
C LEU C 139 -30.21 -19.90 15.13
N ALA C 140 -29.07 -20.22 15.75
CA ALA C 140 -28.08 -21.08 15.10
C ALA C 140 -28.28 -22.52 15.53
N SER C 141 -29.25 -22.74 16.41
CA SER C 141 -29.56 -24.09 16.88
C SER C 141 -29.98 -24.96 15.70
N PRO C 142 -29.73 -26.27 15.80
CA PRO C 142 -30.07 -27.24 14.74
C PRO C 142 -31.47 -27.12 14.17
N ASN C 143 -32.42 -26.65 14.98
CA ASN C 143 -33.80 -26.54 14.51
C ASN C 143 -34.19 -25.17 14.00
N TYR C 144 -33.20 -24.38 13.59
CA TYR C 144 -33.43 -23.05 13.06
C TYR C 144 -32.44 -22.80 11.94
N THR C 145 -31.43 -23.66 11.87
CA THR C 145 -30.41 -23.59 10.84
C THR C 145 -30.30 -24.98 10.24
N PRO C 146 -30.42 -25.09 8.91
CA PRO C 146 -30.65 -23.99 7.97
C PRO C 146 -32.09 -23.69 7.57
N SER C 147 -33.09 -24.09 8.36
CA SER C 147 -34.48 -23.81 7.98
C SER C 147 -34.73 -22.30 7.84
N ILE C 148 -34.16 -21.49 8.74
CA ILE C 148 -34.28 -20.04 8.67
C ILE C 148 -33.25 -19.56 7.62
N GLU C 149 -33.73 -19.19 6.44
CA GLU C 149 -32.86 -18.75 5.36
C GLU C 149 -32.04 -17.48 5.67
N THR C 150 -32.74 -16.40 6.02
CA THR C 150 -32.07 -15.14 6.33
C THR C 150 -32.67 -14.57 7.60
N VAL C 151 -31.84 -14.00 8.46
CA VAL C 151 -32.31 -13.39 9.70
C VAL C 151 -32.23 -11.87 9.52
N TYR C 152 -33.14 -11.16 10.16
CA TYR C 152 -33.20 -9.71 10.03
C TYR C 152 -33.45 -9.03 11.35
N CYS C 153 -32.53 -8.17 11.76
CA CYS C 153 -32.71 -7.41 12.99
C CYS C 153 -33.56 -6.24 12.47
N ILE C 154 -34.82 -6.20 12.90
CA ILE C 154 -35.73 -5.16 12.43
C ILE C 154 -35.98 -4.01 13.37
N GLY C 155 -35.42 -4.04 14.58
CA GLY C 155 -35.68 -2.90 15.41
C GLY C 155 -35.40 -2.83 16.89
N GLY C 156 -35.45 -1.58 17.35
CA GLY C 156 -35.20 -1.28 18.73
C GLY C 156 -33.81 -0.69 18.78
N GLY C 157 -33.73 0.61 19.04
CA GLY C 157 -32.44 1.25 19.11
C GLY C 157 -31.46 0.48 19.99
N SER C 158 -31.99 -0.17 21.02
CA SER C 158 -31.15 -0.95 21.94
C SER C 158 -30.61 -2.18 21.24
N VAL C 159 -31.35 -2.66 20.24
CA VAL C 159 -30.96 -3.84 19.49
C VAL C 159 -30.02 -3.45 18.36
N TYR C 160 -30.27 -2.29 17.75
CA TYR C 160 -29.42 -1.80 16.66
C TYR C 160 -28.03 -1.49 17.20
N ALA C 161 -27.96 -0.92 18.40
CA ALA C 161 -26.67 -0.59 19.01
C ALA C 161 -25.88 -1.87 19.23
N GLU C 162 -26.54 -2.87 19.79
CA GLU C 162 -25.91 -4.16 20.04
C GLU C 162 -25.52 -4.86 18.73
N ALA C 163 -26.28 -4.58 17.66
CA ALA C 163 -26.00 -5.18 16.36
C ALA C 163 -24.78 -4.55 15.73
N LEU C 164 -24.57 -3.26 16.00
CA LEU C 164 -23.45 -2.52 15.43
C LEU C 164 -22.19 -2.47 16.28
N ARG C 165 -22.04 -3.45 17.17
CA ARG C 165 -20.88 -3.55 18.04
C ARG C 165 -20.51 -5.02 18.28
N PRO C 166 -19.24 -5.31 18.59
CA PRO C 166 -18.88 -6.70 18.82
C PRO C 166 -19.68 -7.31 19.97
N PRO C 167 -19.92 -8.63 19.92
CA PRO C 167 -19.49 -9.53 18.85
C PRO C 167 -20.44 -9.66 17.69
N CYS C 168 -21.67 -9.17 17.82
CA CYS C 168 -22.65 -9.30 16.76
C CYS C 168 -22.27 -8.74 15.38
N VAL C 169 -21.64 -7.56 15.33
CA VAL C 169 -21.24 -6.96 14.04
C VAL C 169 -20.44 -7.85 13.12
N HIS C 170 -19.61 -8.73 13.68
CA HIS C 170 -18.82 -9.63 12.86
C HIS C 170 -19.73 -10.61 12.16
N LEU C 171 -21.02 -10.49 12.43
CA LEU C 171 -22.01 -11.36 11.83
C LEU C 171 -23.10 -10.57 11.13
N LEU C 172 -22.77 -9.35 10.74
CA LEU C 172 -23.71 -8.48 10.05
C LEU C 172 -23.30 -8.49 8.60
N GLN C 173 -24.04 -9.25 7.79
CA GLN C 173 -23.76 -9.40 6.37
C GLN C 173 -24.18 -8.16 5.61
N ALA C 174 -25.18 -7.45 6.10
CA ALA C 174 -25.66 -6.29 5.38
C ALA C 174 -26.58 -5.39 6.19
N ILE C 175 -26.60 -4.11 5.80
CA ILE C 175 -27.40 -3.09 6.44
C ILE C 175 -28.30 -2.37 5.44
N TYR C 176 -29.61 -2.59 5.52
CA TYR C 176 -30.49 -1.87 4.61
C TYR C 176 -30.96 -0.64 5.39
N ARG C 177 -30.71 0.53 4.84
CA ARG C 177 -31.09 1.76 5.51
C ARG C 177 -31.95 2.64 4.61
N THR C 178 -33.14 2.99 5.09
CA THR C 178 -34.05 3.87 4.35
C THR C 178 -33.93 5.22 5.03
N THR C 179 -33.68 6.26 4.23
CA THR C 179 -33.52 7.59 4.80
C THR C 179 -34.62 8.52 4.36
N ILE C 180 -35.40 8.99 5.33
CA ILE C 180 -36.54 9.86 5.11
C ILE C 180 -36.27 11.24 5.70
N ARG C 181 -36.84 12.29 5.08
CA ARG C 181 -36.63 13.67 5.53
C ARG C 181 -37.88 14.34 6.15
N ALA C 182 -37.69 14.95 7.32
CA ALA C 182 -38.74 15.66 8.07
C ALA C 182 -38.43 15.59 9.56
N SER C 183 -37.53 16.46 10.02
CA SER C 183 -37.13 16.47 11.41
C SER C 183 -38.28 16.49 12.41
N GLU C 184 -37.94 16.35 13.69
CA GLU C 184 -38.92 16.33 14.77
C GLU C 184 -38.21 16.39 16.12
N SER C 185 -38.91 16.86 17.16
CA SER C 185 -38.34 16.98 18.51
C SER C 185 -38.09 15.63 19.18
N SER C 186 -38.90 14.64 18.82
CA SER C 186 -38.77 13.30 19.38
C SER C 186 -37.69 12.54 18.62
N CYS C 187 -36.93 13.28 17.81
CA CYS C 187 -35.86 12.73 16.97
C CYS C 187 -34.67 12.13 17.76
N SER C 188 -34.88 11.84 19.03
CA SER C 188 -33.80 11.28 19.85
C SER C 188 -33.46 9.84 19.46
N VAL C 189 -32.20 9.45 19.67
CA VAL C 189 -31.69 8.11 19.38
C VAL C 189 -31.21 8.02 17.93
N PHE C 190 -29.89 7.98 17.74
CA PHE C 190 -29.32 7.91 16.41
C PHE C 190 -28.76 6.55 15.99
N PHE C 191 -28.92 6.26 14.70
CA PHE C 191 -28.41 5.03 14.12
C PHE C 191 -27.18 5.48 13.35
N ARG C 192 -26.00 5.32 13.95
CA ARG C 192 -24.79 5.74 13.27
C ARG C 192 -23.77 4.62 13.05
N VAL C 193 -23.61 4.24 11.78
CA VAL C 193 -22.69 3.18 11.36
C VAL C 193 -21.27 3.64 11.63
N PRO C 194 -20.47 2.81 12.31
CA PRO C 194 -19.08 3.20 12.60
C PRO C 194 -18.26 3.37 11.33
N GLU C 195 -17.53 4.49 11.25
CA GLU C 195 -16.69 4.78 10.09
C GLU C 195 -15.45 3.90 9.98
N SER C 196 -14.93 3.79 8.77
CA SER C 196 -13.75 2.97 8.52
C SER C 196 -12.52 3.36 9.36
N GLY C 197 -11.81 2.35 9.86
CA GLY C 197 -10.60 2.61 10.62
C GLY C 197 -10.73 3.07 12.06
N THR C 198 -11.94 3.21 12.56
CA THR C 198 -12.13 3.63 13.94
C THR C 198 -12.31 2.43 14.86
N GLU C 199 -12.10 2.64 16.16
CA GLU C 199 -12.23 1.56 17.14
C GLU C 199 -13.64 0.98 17.06
N ALA C 200 -14.63 1.86 16.97
CA ALA C 200 -16.01 1.42 16.88
C ALA C 200 -16.20 0.40 15.77
N ALA C 201 -15.52 0.61 14.65
CA ALA C 201 -15.64 -0.28 13.51
C ALA C 201 -15.11 -1.71 13.72
N ALA C 202 -14.39 -1.93 14.81
CA ALA C 202 -13.83 -3.26 15.08
C ALA C 202 -13.05 -3.81 13.89
N GLY C 203 -12.52 -2.92 13.05
CA GLY C 203 -11.75 -3.36 11.91
C GLY C 203 -12.57 -3.64 10.66
N ILE C 204 -13.88 -3.45 10.76
CA ILE C 204 -14.76 -3.68 9.61
C ILE C 204 -14.81 -2.40 8.80
N GLU C 205 -14.90 -2.53 7.48
CA GLU C 205 -14.99 -1.36 6.61
C GLU C 205 -16.34 -1.37 5.91
N TRP C 206 -17.26 -0.55 6.42
CA TRP C 206 -18.61 -0.47 5.85
C TRP C 206 -18.71 0.40 4.62
N GLN C 207 -19.25 -0.17 3.54
CA GLN C 207 -19.41 0.56 2.29
C GLN C 207 -20.79 0.34 1.66
N ARG C 208 -21.13 1.15 0.66
CA ARG C 208 -22.44 1.04 0.01
C ARG C 208 -22.37 0.13 -1.18
N GLU C 209 -23.30 -0.82 -1.28
CA GLU C 209 -23.34 -1.69 -2.45
C GLU C 209 -24.19 -0.90 -3.42
N THR C 210 -25.29 -0.38 -2.90
CA THR C 210 -26.25 0.37 -3.69
C THR C 210 -26.85 1.59 -2.99
N ILE C 211 -27.23 2.59 -3.77
CA ILE C 211 -27.88 3.80 -3.23
C ILE C 211 -28.80 4.40 -4.31
N SER C 212 -30.10 4.39 -4.02
CA SER C 212 -31.11 4.90 -4.94
C SER C 212 -31.07 6.41 -5.21
N GLU C 213 -31.87 6.85 -6.18
CA GLU C 213 -31.96 8.28 -6.45
C GLU C 213 -32.76 8.88 -5.31
N GLU C 214 -32.90 10.20 -5.29
CA GLU C 214 -33.72 10.78 -4.24
C GLU C 214 -35.14 10.54 -4.73
N LEU C 215 -35.84 9.65 -4.05
CA LEU C 215 -37.20 9.32 -4.42
C LEU C 215 -38.20 10.22 -3.71
N THR C 216 -39.39 10.36 -4.28
CA THR C 216 -40.43 11.18 -3.68
C THR C 216 -41.60 10.28 -3.34
N SER C 217 -41.90 10.15 -2.06
CA SER C 217 -43.01 9.31 -1.61
C SER C 217 -44.31 9.73 -2.31
N ALA C 218 -45.20 8.78 -2.52
CA ALA C 218 -46.46 9.08 -3.19
C ALA C 218 -47.59 9.43 -2.24
N ASN C 219 -47.26 9.82 -1.02
CA ASN C 219 -48.31 10.22 -0.08
C ASN C 219 -48.64 11.70 -0.30
N GLY C 220 -49.49 12.26 0.55
CA GLY C 220 -49.86 13.66 0.39
C GLY C 220 -48.74 14.69 0.53
N ASN C 221 -47.71 14.33 1.29
CA ASN C 221 -46.58 15.21 1.54
C ASN C 221 -45.48 15.17 0.46
N GLU C 222 -45.46 14.12 -0.35
CA GLU C 222 -44.43 13.98 -1.37
C GLU C 222 -43.11 13.98 -0.61
N THR C 223 -43.08 13.13 0.43
CA THR C 223 -41.95 12.95 1.33
C THR C 223 -40.68 12.50 0.60
N LYS C 224 -39.64 13.31 0.70
CA LYS C 224 -38.39 12.95 0.05
C LYS C 224 -37.69 11.87 0.87
N TYR C 225 -37.27 10.79 0.21
CA TYR C 225 -36.59 9.71 0.90
C TYR C 225 -35.69 8.96 -0.06
N TYR C 226 -34.79 8.13 0.47
CA TYR C 226 -33.89 7.37 -0.39
C TYR C 226 -33.41 6.10 0.30
N PHE C 227 -33.01 5.10 -0.49
CA PHE C 227 -32.54 3.84 0.07
C PHE C 227 -31.03 3.66 0.09
N GLU C 228 -30.59 2.61 0.78
CA GLU C 228 -29.17 2.29 0.90
C GLU C 228 -28.95 0.86 1.36
N LYS C 229 -28.02 0.19 0.70
CA LYS C 229 -27.66 -1.16 1.11
C LYS C 229 -26.18 -1.04 1.41
N LEU C 230 -25.81 -1.41 2.63
CA LEU C 230 -24.43 -1.38 3.05
C LEU C 230 -23.98 -2.82 3.26
N ILE C 231 -22.69 -3.06 3.10
CA ILE C 231 -22.15 -4.38 3.30
C ILE C 231 -20.74 -4.28 3.82
N PRO C 232 -20.26 -5.34 4.45
CA PRO C 232 -18.92 -5.39 5.00
C PRO C 232 -17.95 -5.66 3.85
N ARG C 233 -17.05 -4.73 3.61
CA ARG C 233 -16.11 -4.93 2.50
C ARG C 233 -15.42 -6.25 2.68
N ASN C 234 -15.38 -7.02 1.60
CA ASN C 234 -14.74 -8.33 1.65
C ASN C 234 -13.40 -8.24 0.95
N ARG C 235 -12.41 -7.72 1.65
CA ARG C 235 -11.07 -7.59 1.08
C ARG C 235 -10.52 -8.91 0.62
N GLU C 236 -10.98 -10.01 1.23
CA GLU C 236 -10.49 -11.32 0.85
C GLU C 236 -10.84 -11.59 -0.60
N GLU C 237 -12.12 -11.66 -0.92
CA GLU C 237 -12.54 -11.91 -2.29
C GLU C 237 -11.92 -10.90 -3.26
N GLU C 238 -11.71 -9.66 -2.80
CA GLU C 238 -11.13 -8.65 -3.66
C GLU C 238 -9.73 -9.03 -4.14
N GLN C 239 -9.10 -10.01 -3.49
CA GLN C 239 -7.78 -10.47 -3.89
C GLN C 239 -7.93 -11.13 -5.26
N TYR C 240 -8.81 -12.12 -5.32
CA TYR C 240 -9.08 -12.85 -6.54
C TYR C 240 -9.43 -11.88 -7.66
N LEU C 241 -10.46 -11.07 -7.43
CA LEU C 241 -10.88 -10.09 -8.43
C LEU C 241 -9.73 -9.21 -8.90
N SER C 242 -8.88 -8.78 -7.96
CA SER C 242 -7.74 -7.94 -8.31
C SER C 242 -6.80 -8.66 -9.25
N LEU C 243 -6.39 -9.85 -8.82
CA LEU C 243 -5.48 -10.70 -9.57
C LEU C 243 -6.02 -10.96 -11.00
N VAL C 244 -7.31 -11.26 -11.11
CA VAL C 244 -7.88 -11.51 -12.43
C VAL C 244 -7.77 -10.22 -13.22
N ASP C 245 -7.89 -9.11 -12.51
CA ASP C 245 -7.78 -7.82 -13.16
C ASP C 245 -6.38 -7.63 -13.67
N ARG C 246 -5.39 -8.11 -12.90
CA ARG C 246 -4.00 -7.95 -13.32
C ARG C 246 -3.71 -8.80 -14.54
N ILE C 247 -4.10 -10.06 -14.48
CA ILE C 247 -3.86 -10.97 -15.59
C ILE C 247 -4.43 -10.39 -16.88
N ILE C 248 -5.68 -9.94 -16.85
CA ILE C 248 -6.28 -9.38 -18.05
C ILE C 248 -5.44 -8.17 -18.51
N ARG C 249 -5.18 -7.25 -17.58
CA ARG C 249 -4.41 -6.04 -17.86
C ARG C 249 -2.95 -6.19 -18.30
N GLU C 250 -2.17 -6.97 -17.55
CA GLU C 250 -0.75 -7.14 -17.88
C GLU C 250 -0.29 -8.56 -18.14
N GLY C 251 -1.19 -9.53 -18.07
CA GLY C 251 -0.79 -10.91 -18.30
C GLY C 251 -0.12 -11.17 -19.63
N ASN C 252 0.28 -12.41 -19.86
CA ASN C 252 0.92 -12.76 -21.11
C ASN C 252 0.00 -13.62 -21.97
N VAL C 253 -0.16 -13.24 -23.23
CA VAL C 253 -0.99 -14.02 -24.13
C VAL C 253 -0.15 -15.20 -24.59
N LYS C 254 -0.72 -16.39 -24.51
CA LYS C 254 -0.05 -17.62 -24.92
C LYS C 254 -1.07 -18.51 -25.63
N HIS C 255 -0.65 -19.21 -26.66
CA HIS C 255 -1.56 -20.11 -27.36
C HIS C 255 -0.99 -21.52 -27.37
N ASP C 256 -1.70 -22.45 -26.72
CA ASP C 256 -1.26 -23.86 -26.62
C ASP C 256 -1.32 -24.65 -27.93
N ARG C 257 -0.98 -25.94 -27.84
CA ARG C 257 -0.99 -26.85 -28.99
C ARG C 257 -2.36 -26.94 -29.68
N THR C 258 -3.43 -26.89 -28.90
CA THR C 258 -4.79 -26.96 -29.42
C THR C 258 -5.14 -25.67 -30.14
N GLY C 259 -4.33 -24.64 -29.89
CA GLY C 259 -4.57 -23.35 -30.49
C GLY C 259 -5.37 -22.46 -29.56
N VAL C 260 -5.49 -22.90 -28.30
CA VAL C 260 -6.23 -22.16 -27.29
C VAL C 260 -5.35 -21.09 -26.66
N GLY C 261 -5.94 -19.94 -26.33
CA GLY C 261 -5.17 -18.85 -25.76
C GLY C 261 -5.50 -18.44 -24.34
N THR C 262 -4.52 -17.88 -23.64
CA THR C 262 -4.72 -17.45 -22.26
C THR C 262 -3.85 -16.26 -21.89
N LEU C 263 -4.39 -15.42 -21.01
CA LEU C 263 -3.68 -14.27 -20.49
C LEU C 263 -3.23 -14.83 -19.15
N SER C 264 -2.01 -14.52 -18.72
CA SER C 264 -1.55 -15.06 -17.44
C SER C 264 -0.30 -14.45 -16.86
N ILE C 265 -0.14 -14.65 -15.56
CA ILE C 265 1.03 -14.19 -14.82
C ILE C 265 1.49 -15.41 -14.02
N PHE C 266 2.68 -15.34 -13.46
CA PHE C 266 3.26 -16.46 -12.71
C PHE C 266 3.58 -16.12 -11.26
N GLY C 267 3.16 -16.99 -10.34
CA GLY C 267 3.42 -16.76 -8.93
C GLY C 267 2.48 -15.75 -8.27
N ALA C 268 1.74 -16.21 -7.27
CA ALA C 268 0.79 -15.35 -6.57
C ALA C 268 0.36 -16.04 -5.28
N GLN C 269 -0.32 -15.30 -4.42
CA GLN C 269 -0.75 -15.87 -3.15
C GLN C 269 -1.94 -15.10 -2.58
N MET C 270 -2.86 -15.82 -1.95
CA MET C 270 -4.04 -15.21 -1.35
C MET C 270 -4.31 -15.94 -0.02
N ARG C 271 -4.91 -15.22 0.94
CA ARG C 271 -5.23 -15.83 2.23
C ARG C 271 -6.74 -15.78 2.44
N PHE C 272 -7.27 -16.69 3.25
CA PHE C 272 -8.70 -16.74 3.53
C PHE C 272 -8.94 -17.22 4.96
N SER C 273 -9.75 -16.49 5.72
CA SER C 273 -10.05 -16.88 7.09
C SER C 273 -11.15 -17.93 7.11
N LEU C 274 -10.94 -19.00 7.88
CA LEU C 274 -11.91 -20.06 7.99
C LEU C 274 -12.57 -19.99 9.35
N ARG C 275 -12.09 -19.07 10.18
CA ARG C 275 -12.59 -18.91 11.54
C ARG C 275 -14.08 -18.63 11.69
N ASN C 276 -14.65 -19.12 12.78
CA ASN C 276 -16.05 -18.94 13.12
C ASN C 276 -17.06 -19.39 12.06
N ASN C 277 -16.83 -20.58 11.52
CA ASN C 277 -17.71 -21.19 10.52
C ASN C 277 -17.78 -20.49 9.17
N ARG C 278 -16.97 -19.46 8.95
CA ARG C 278 -17.03 -18.75 7.68
C ARG C 278 -16.33 -19.49 6.54
N LEU C 279 -17.03 -19.63 5.42
CA LEU C 279 -16.53 -20.31 4.24
C LEU C 279 -16.32 -19.33 3.08
N PRO C 280 -15.12 -19.33 2.47
CA PRO C 280 -14.89 -18.40 1.36
C PRO C 280 -15.36 -18.91 -0.01
N LEU C 281 -16.67 -18.86 -0.24
CA LEU C 281 -17.24 -19.21 -1.53
C LEU C 281 -17.42 -17.82 -2.13
N LEU C 282 -16.69 -17.51 -3.20
CA LEU C 282 -16.81 -16.19 -3.79
C LEU C 282 -18.27 -15.78 -3.97
N THR C 283 -18.55 -14.49 -3.85
CA THR C 283 -19.90 -14.01 -3.99
C THR C 283 -20.14 -13.41 -5.37
N THR C 284 -19.07 -13.00 -6.06
CA THR C 284 -19.24 -12.40 -7.38
C THR C 284 -19.53 -13.40 -8.51
N LYS C 285 -19.63 -14.68 -8.19
CA LYS C 285 -19.91 -15.70 -9.19
C LYS C 285 -20.15 -17.01 -8.46
N ARG C 286 -21.41 -17.37 -8.28
CA ARG C 286 -21.76 -18.61 -7.59
C ARG C 286 -20.84 -19.77 -7.92
N VAL C 287 -20.36 -20.46 -6.88
CA VAL C 287 -19.48 -21.59 -7.03
C VAL C 287 -20.27 -22.89 -6.83
N PHE C 288 -19.93 -23.93 -7.59
CA PHE C 288 -20.61 -25.22 -7.52
C PHE C 288 -20.26 -25.97 -6.21
N TRP C 289 -20.69 -25.43 -5.07
CA TRP C 289 -20.40 -26.08 -3.80
C TRP C 289 -20.67 -27.59 -3.78
N ARG C 290 -21.86 -28.02 -4.19
CA ARG C 290 -22.15 -29.43 -4.18
C ARG C 290 -21.06 -30.17 -4.94
N GLY C 291 -20.66 -29.62 -6.08
CA GLY C 291 -19.60 -30.25 -6.87
C GLY C 291 -18.32 -30.33 -6.07
N VAL C 292 -17.93 -29.19 -5.49
CA VAL C 292 -16.73 -29.11 -4.68
C VAL C 292 -16.74 -30.25 -3.66
N CYS C 293 -17.73 -30.21 -2.78
CA CYS C 293 -17.91 -31.18 -1.72
C CYS C 293 -17.77 -32.63 -2.19
N GLU C 294 -18.52 -33.03 -3.21
CA GLU C 294 -18.39 -34.41 -3.65
C GLU C 294 -16.96 -34.70 -4.07
N GLU C 295 -16.37 -33.85 -4.90
CA GLU C 295 -15.00 -34.10 -5.34
C GLU C 295 -14.02 -34.19 -4.18
N LEU C 296 -14.16 -33.31 -3.19
CA LEU C 296 -13.27 -33.33 -2.04
C LEU C 296 -13.38 -34.63 -1.24
N LEU C 297 -14.60 -34.98 -0.86
CA LEU C 297 -14.83 -36.23 -0.13
C LEU C 297 -14.29 -37.38 -0.97
N TRP C 298 -14.49 -37.25 -2.28
CA TRP C 298 -14.03 -38.23 -3.24
C TRP C 298 -12.52 -38.38 -3.08
N PHE C 299 -11.80 -37.26 -3.11
CA PHE C 299 -10.35 -37.27 -2.97
C PHE C 299 -9.97 -37.93 -1.66
N LEU C 300 -10.49 -37.42 -0.55
CA LEU C 300 -10.19 -37.96 0.77
C LEU C 300 -10.41 -39.47 0.82
N ARG C 301 -11.49 -39.93 0.22
CA ARG C 301 -11.78 -41.35 0.22
C ARG C 301 -10.74 -42.13 -0.58
N GLY C 302 -9.95 -41.41 -1.37
CA GLY C 302 -8.92 -42.05 -2.18
C GLY C 302 -9.46 -42.68 -3.45
N GLU C 303 -10.60 -42.22 -3.90
CA GLU C 303 -11.22 -42.76 -5.10
C GLU C 303 -10.41 -42.36 -6.34
N THR C 304 -10.68 -43.04 -7.46
CA THR C 304 -10.00 -42.76 -8.73
C THR C 304 -10.94 -43.03 -9.89
N TYR C 305 -12.19 -43.35 -9.56
CA TYR C 305 -13.22 -43.65 -10.55
C TYR C 305 -14.12 -42.44 -10.66
N ALA C 306 -13.97 -41.68 -11.74
CA ALA C 306 -14.75 -40.48 -11.92
C ALA C 306 -16.23 -40.80 -12.01
N LYS C 307 -16.56 -42.02 -12.38
CA LYS C 307 -17.96 -42.36 -12.48
C LYS C 307 -18.67 -42.12 -11.15
N LYS C 308 -18.01 -42.49 -10.06
CA LYS C 308 -18.61 -42.28 -8.74
C LYS C 308 -19.10 -40.84 -8.62
N LEU C 309 -18.50 -39.95 -9.41
CA LEU C 309 -18.88 -38.55 -9.40
C LEU C 309 -19.97 -38.25 -10.45
N SER C 310 -19.84 -38.87 -11.62
CA SER C 310 -20.81 -38.71 -12.70
C SER C 310 -22.20 -39.00 -12.18
N ASP C 311 -22.38 -40.21 -11.67
CA ASP C 311 -23.67 -40.63 -11.14
C ASP C 311 -24.28 -39.60 -10.21
N LYS C 312 -23.46 -38.76 -9.59
CA LYS C 312 -23.96 -37.75 -8.66
C LYS C 312 -24.18 -36.34 -9.23
N GLY C 313 -24.28 -36.21 -10.55
CA GLY C 313 -24.50 -34.91 -11.13
C GLY C 313 -23.26 -34.04 -11.23
N VAL C 314 -22.14 -34.53 -10.69
CA VAL C 314 -20.90 -33.79 -10.76
C VAL C 314 -20.15 -34.31 -11.97
N HIS C 315 -20.07 -33.50 -13.03
CA HIS C 315 -19.42 -33.92 -14.27
C HIS C 315 -18.07 -33.31 -14.62
N ILE C 316 -17.46 -32.64 -13.65
CA ILE C 316 -16.19 -32.00 -13.87
C ILE C 316 -15.10 -32.91 -14.44
N TRP C 317 -15.16 -34.22 -14.21
CA TRP C 317 -14.11 -35.11 -14.72
C TRP C 317 -14.41 -35.86 -16.02
N ASP C 318 -15.56 -35.58 -16.62
CA ASP C 318 -15.93 -36.26 -17.85
C ASP C 318 -14.92 -36.20 -18.97
N ASP C 319 -14.52 -35.00 -19.38
CA ASP C 319 -13.57 -34.91 -20.47
C ASP C 319 -12.27 -35.66 -20.21
N ASN C 320 -11.77 -35.55 -18.99
CA ASN C 320 -10.52 -36.21 -18.63
C ASN C 320 -10.69 -37.67 -18.25
N GLY C 321 -11.89 -38.20 -18.43
CA GLY C 321 -12.15 -39.59 -18.12
C GLY C 321 -12.53 -40.39 -19.35
N SER C 322 -13.08 -39.69 -20.35
CA SER C 322 -13.55 -40.28 -21.61
C SER C 322 -12.61 -41.26 -22.28
N ARG C 323 -13.21 -42.25 -22.94
CA ARG C 323 -12.49 -43.29 -23.67
C ARG C 323 -11.39 -42.71 -24.54
N ALA C 324 -11.72 -41.66 -25.28
CA ALA C 324 -10.79 -41.00 -26.18
C ALA C 324 -9.62 -40.34 -25.47
N PHE C 325 -9.91 -39.34 -24.65
CA PHE C 325 -8.88 -38.64 -23.91
C PHE C 325 -7.93 -39.67 -23.30
N LEU C 326 -8.50 -40.67 -22.66
CA LEU C 326 -7.69 -41.71 -22.03
C LEU C 326 -6.73 -42.30 -23.06
N ASP C 327 -7.27 -42.97 -24.07
CA ASP C 327 -6.44 -43.57 -25.11
C ASP C 327 -5.36 -42.62 -25.60
N SER C 328 -5.69 -41.32 -25.64
CA SER C 328 -4.71 -40.32 -26.08
C SER C 328 -3.73 -40.01 -24.96
N ARG C 329 -3.49 -41.02 -24.13
CA ARG C 329 -2.57 -40.91 -23.00
C ARG C 329 -1.89 -42.25 -22.79
N GLY C 330 -2.29 -43.24 -23.58
CA GLY C 330 -1.73 -44.57 -23.48
C GLY C 330 -2.49 -45.37 -22.45
N LEU C 331 -3.41 -44.69 -21.77
CA LEU C 331 -4.23 -45.33 -20.75
C LEU C 331 -5.35 -46.10 -21.44
N THR C 332 -4.95 -46.94 -22.39
CA THR C 332 -5.88 -47.76 -23.17
C THR C 332 -6.37 -48.95 -22.37
N GLU C 333 -5.72 -49.23 -21.25
CA GLU C 333 -6.12 -50.34 -20.41
C GLU C 333 -7.22 -49.90 -19.46
N TYR C 334 -7.19 -48.63 -19.05
CA TYR C 334 -8.18 -48.12 -18.12
C TYR C 334 -9.61 -48.11 -18.63
N GLU C 335 -10.52 -48.61 -17.81
CA GLU C 335 -11.94 -48.65 -18.11
C GLU C 335 -12.34 -47.17 -18.16
N GLU C 336 -13.34 -46.83 -18.97
CA GLU C 336 -13.75 -45.43 -19.07
C GLU C 336 -14.06 -44.90 -17.68
N MET C 337 -13.69 -43.63 -17.45
CA MET C 337 -13.89 -42.95 -16.17
C MET C 337 -12.75 -43.20 -15.17
N ASP C 338 -12.04 -44.32 -15.30
CA ASP C 338 -10.92 -44.64 -14.41
C ASP C 338 -9.73 -43.74 -14.78
N LEU C 339 -9.41 -42.81 -13.89
CA LEU C 339 -8.35 -41.82 -14.12
C LEU C 339 -6.95 -42.25 -13.74
N GLY C 340 -6.80 -43.42 -13.15
CA GLY C 340 -5.48 -43.85 -12.75
C GLY C 340 -5.28 -43.40 -11.31
N PRO C 341 -4.07 -43.53 -10.76
CA PRO C 341 -3.77 -43.13 -9.38
C PRO C 341 -3.62 -41.61 -9.19
N VAL C 342 -4.71 -40.90 -9.44
CA VAL C 342 -4.75 -39.44 -9.31
C VAL C 342 -4.93 -38.98 -7.87
N TYR C 343 -5.01 -37.66 -7.71
CA TYR C 343 -5.20 -36.98 -6.43
C TYR C 343 -5.36 -37.86 -5.19
N GLY C 344 -6.60 -38.11 -4.81
CA GLY C 344 -6.90 -38.92 -3.63
C GLY C 344 -5.96 -40.09 -3.43
N PHE C 345 -5.78 -40.89 -4.48
CA PHE C 345 -4.92 -42.06 -4.42
C PHE C 345 -3.53 -41.73 -3.86
N GLN C 346 -2.91 -40.66 -4.34
CA GLN C 346 -1.59 -40.30 -3.83
C GLN C 346 -1.64 -39.89 -2.36
N TRP C 347 -2.71 -39.20 -1.97
CA TRP C 347 -2.85 -38.78 -0.58
C TRP C 347 -2.91 -39.97 0.35
N ARG C 348 -3.71 -40.96 -0.04
CA ARG C 348 -3.89 -42.15 0.78
C ARG C 348 -2.97 -43.32 0.47
N HIS C 349 -2.58 -43.47 -0.79
CA HIS C 349 -1.72 -44.58 -1.21
C HIS C 349 -0.52 -44.15 -2.05
N PHE C 350 0.13 -43.05 -1.66
CA PHE C 350 1.25 -42.57 -2.44
C PHE C 350 2.26 -43.68 -2.69
N GLY C 351 2.51 -43.98 -3.96
CA GLY C 351 3.46 -45.02 -4.32
C GLY C 351 2.93 -46.40 -4.69
N ALA C 352 1.81 -46.80 -4.12
CA ALA C 352 1.24 -48.12 -4.42
C ALA C 352 1.16 -48.32 -5.92
N ALA C 353 1.22 -49.58 -6.36
CA ALA C 353 1.12 -49.87 -7.78
C ALA C 353 -0.34 -49.84 -8.20
N TYR C 354 -0.62 -49.24 -9.35
CA TYR C 354 -1.99 -49.15 -9.82
C TYR C 354 -2.28 -50.16 -10.92
N THR C 355 -3.45 -50.78 -10.84
CA THR C 355 -3.89 -51.76 -11.84
C THR C 355 -5.19 -51.20 -12.38
N HIS C 356 -6.24 -51.26 -11.57
CA HIS C 356 -7.54 -50.73 -11.95
C HIS C 356 -8.19 -50.09 -10.73
N HIS C 357 -9.08 -49.12 -10.97
CA HIS C 357 -9.76 -48.40 -9.90
C HIS C 357 -10.47 -49.31 -8.91
N ASP C 358 -10.95 -50.45 -9.41
CA ASP C 358 -11.68 -51.42 -8.60
C ASP C 358 -10.87 -52.26 -7.62
N ALA C 359 -9.60 -52.51 -7.93
CA ALA C 359 -8.74 -53.33 -7.07
C ALA C 359 -8.70 -52.87 -5.62
N ASN C 360 -8.06 -53.64 -4.76
CA ASN C 360 -7.98 -53.25 -3.35
C ASN C 360 -6.64 -52.64 -3.01
N TYR C 361 -6.65 -51.38 -2.62
CA TYR C 361 -5.42 -50.68 -2.29
C TYR C 361 -5.22 -50.50 -0.80
N ASP C 362 -6.15 -51.02 -0.02
CA ASP C 362 -6.07 -50.93 1.44
C ASP C 362 -4.70 -51.37 1.92
N GLY C 363 -4.12 -50.59 2.83
CA GLY C 363 -2.81 -50.91 3.37
C GLY C 363 -1.67 -50.64 2.40
N GLN C 364 -1.99 -50.44 1.14
CA GLN C 364 -0.95 -50.18 0.15
C GLN C 364 -0.53 -48.71 0.08
N GLY C 365 0.77 -48.49 -0.10
CA GLY C 365 1.31 -47.14 -0.19
C GLY C 365 1.29 -46.35 1.11
N VAL C 366 1.96 -45.19 1.10
CA VAL C 366 2.01 -44.31 2.27
C VAL C 366 0.71 -43.51 2.37
N ASP C 367 0.09 -43.55 3.55
CA ASP C 367 -1.17 -42.83 3.79
C ASP C 367 -0.80 -41.49 4.40
N GLN C 368 -0.66 -40.49 3.54
CA GLN C 368 -0.27 -39.17 3.97
C GLN C 368 -1.26 -38.47 4.89
N ILE C 369 -2.54 -38.49 4.52
CA ILE C 369 -3.56 -37.81 5.33
C ILE C 369 -3.63 -38.39 6.74
N LYS C 370 -3.60 -39.71 6.86
CA LYS C 370 -3.66 -40.34 8.17
C LYS C 370 -2.43 -39.91 9.00
N ALA C 371 -1.26 -39.89 8.36
CA ALA C 371 -0.02 -39.50 9.04
C ALA C 371 -0.08 -38.07 9.60
N ILE C 372 -0.70 -37.16 8.85
CA ILE C 372 -0.84 -35.77 9.26
C ILE C 372 -1.86 -35.64 10.43
N VAL C 373 -2.95 -36.39 10.35
CA VAL C 373 -3.94 -36.38 11.42
C VAL C 373 -3.24 -36.69 12.75
N GLU C 374 -2.52 -37.81 12.77
CA GLU C 374 -1.80 -38.26 13.95
C GLU C 374 -0.79 -37.22 14.44
N THR C 375 -0.05 -36.62 13.51
CA THR C 375 0.92 -35.62 13.89
C THR C 375 0.21 -34.41 14.51
N LEU C 376 -0.87 -33.96 13.88
CA LEU C 376 -1.63 -32.82 14.41
C LEU C 376 -2.06 -33.08 15.85
N LYS C 377 -2.38 -34.33 16.15
CA LYS C 377 -2.81 -34.71 17.48
C LYS C 377 -1.72 -34.89 18.51
N THR C 378 -0.50 -35.27 18.11
CA THR C 378 0.55 -35.49 19.09
C THR C 378 1.71 -34.48 19.09
N ASN C 379 1.88 -33.74 18.00
CA ASN C 379 2.93 -32.73 17.92
C ASN C 379 2.58 -31.77 16.78
N PRO C 380 1.70 -30.79 17.05
CA PRO C 380 1.21 -29.76 16.13
C PRO C 380 2.26 -28.83 15.55
N ASP C 381 3.39 -28.66 16.23
CA ASP C 381 4.38 -27.74 15.72
C ASP C 381 5.30 -28.38 14.69
N ASP C 382 5.09 -29.67 14.43
CA ASP C 382 5.89 -30.41 13.47
C ASP C 382 5.93 -29.53 12.21
N ARG C 383 7.10 -29.45 11.57
CA ARG C 383 7.27 -28.62 10.39
C ARG C 383 7.34 -29.42 9.08
N ARG C 384 6.78 -30.61 9.07
CA ARG C 384 6.78 -31.45 7.87
C ARG C 384 5.39 -32.04 7.62
N MET C 385 4.36 -31.33 8.03
CA MET C 385 3.00 -31.83 7.86
C MET C 385 2.38 -31.46 6.50
N LEU C 386 2.83 -32.11 5.43
CA LEU C 386 2.25 -31.82 4.13
C LEU C 386 2.07 -33.08 3.31
N PHE C 387 1.08 -33.06 2.41
CA PHE C 387 0.85 -34.19 1.55
C PHE C 387 0.98 -33.73 0.11
N THR C 388 1.30 -34.65 -0.78
CA THR C 388 1.47 -34.31 -2.17
C THR C 388 0.94 -35.38 -3.10
N ALA C 389 0.48 -34.95 -4.26
CA ALA C 389 -0.05 -35.87 -5.24
C ALA C 389 0.89 -35.82 -6.43
N TRP C 390 1.95 -35.05 -6.31
CA TRP C 390 2.89 -34.94 -7.39
C TRP C 390 3.93 -36.04 -7.28
N ASN C 391 3.62 -37.17 -7.89
CA ASN C 391 4.50 -38.34 -7.90
C ASN C 391 5.07 -38.52 -9.32
N PRO C 392 6.31 -38.04 -9.55
CA PRO C 392 6.91 -38.17 -10.87
C PRO C 392 6.81 -39.59 -11.45
N SER C 393 6.98 -40.58 -10.60
CA SER C 393 6.91 -41.99 -11.01
C SER C 393 5.56 -42.40 -11.57
N ALA C 394 4.49 -41.90 -10.95
CA ALA C 394 3.12 -42.23 -11.33
C ALA C 394 2.46 -41.28 -12.29
N LEU C 395 3.16 -40.22 -12.66
CA LEU C 395 2.59 -39.24 -13.57
C LEU C 395 2.01 -39.84 -14.86
N PRO C 396 2.83 -40.59 -15.63
CA PRO C 396 2.34 -41.19 -16.86
C PRO C 396 1.07 -42.03 -16.72
N ARG C 397 0.95 -42.78 -15.62
CA ARG C 397 -0.23 -43.61 -15.39
C ARG C 397 -1.47 -42.76 -15.08
N MET C 398 -1.27 -41.47 -14.88
CA MET C 398 -2.36 -40.57 -14.55
C MET C 398 -3.09 -39.96 -15.75
N ALA C 399 -4.41 -39.91 -15.66
CA ALA C 399 -5.21 -39.34 -16.73
C ALA C 399 -4.78 -37.91 -16.91
N LEU C 400 -4.26 -37.33 -15.82
CA LEU C 400 -3.82 -35.95 -15.85
C LEU C 400 -3.03 -35.66 -14.59
N PRO C 401 -1.87 -35.00 -14.71
CA PRO C 401 -1.15 -34.74 -13.46
C PRO C 401 -2.03 -33.80 -12.62
N PRO C 402 -1.78 -33.73 -11.30
CA PRO C 402 -2.54 -32.87 -10.39
C PRO C 402 -2.31 -31.38 -10.61
N CYS C 403 -3.38 -30.59 -10.60
CA CYS C 403 -3.24 -29.14 -10.78
C CYS C 403 -2.89 -28.53 -9.42
N HIS C 404 -3.61 -28.95 -8.38
CA HIS C 404 -3.29 -28.50 -7.03
C HIS C 404 -2.52 -29.71 -6.47
N LEU C 405 -1.21 -29.65 -6.60
CA LEU C 405 -0.35 -30.77 -6.21
C LEU C 405 0.17 -30.89 -4.81
N LEU C 406 0.21 -29.79 -4.06
CA LEU C 406 0.76 -29.86 -2.72
C LEU C 406 0.01 -29.03 -1.70
N ALA C 407 0.00 -29.49 -0.46
CA ALA C 407 -0.66 -28.77 0.63
C ALA C 407 0.03 -29.05 1.97
N GLN C 408 0.42 -27.98 2.67
CA GLN C 408 1.10 -28.11 3.96
C GLN C 408 0.33 -27.54 5.14
N PHE C 409 0.50 -28.16 6.31
CA PHE C 409 -0.18 -27.71 7.51
C PHE C 409 0.67 -26.99 8.54
N TYR C 410 0.00 -26.27 9.41
CA TYR C 410 0.62 -25.47 10.46
C TYR C 410 -0.42 -25.25 11.54
N VAL C 411 -0.01 -25.30 12.79
CA VAL C 411 -0.98 -25.09 13.86
C VAL C 411 -0.53 -23.96 14.75
N SER C 412 -1.50 -23.17 15.20
CA SER C 412 -1.22 -22.02 16.06
C SER C 412 -2.40 -21.61 16.91
N ASN C 413 -2.24 -21.66 18.23
CA ASN C 413 -3.31 -21.29 19.15
C ASN C 413 -4.52 -22.14 18.86
N GLY C 414 -4.28 -23.45 18.73
CA GLY C 414 -5.35 -24.38 18.47
C GLY C 414 -6.07 -24.17 17.17
N GLU C 415 -5.43 -23.50 16.22
CA GLU C 415 -6.04 -23.24 14.92
C GLU C 415 -5.29 -23.91 13.79
N LEU C 416 -6.00 -24.68 12.98
CA LEU C 416 -5.36 -25.34 11.87
C LEU C 416 -5.31 -24.41 10.67
N SER C 417 -4.15 -24.30 10.05
CA SER C 417 -3.97 -23.46 8.87
C SER C 417 -3.45 -24.34 7.78
N CYS C 418 -3.88 -24.05 6.54
CA CYS C 418 -3.44 -24.84 5.41
C CYS C 418 -2.97 -24.02 4.22
N MET C 419 -1.82 -24.40 3.69
CA MET C 419 -1.23 -23.74 2.51
C MET C 419 -1.40 -24.69 1.33
N LEU C 420 -1.85 -24.13 0.21
CA LEU C 420 -2.09 -24.88 -1.03
C LEU C 420 -1.14 -24.49 -2.15
N TYR C 421 -0.63 -25.47 -2.89
CA TYR C 421 0.26 -25.17 -4.01
C TYR C 421 -0.33 -25.66 -5.33
N GLN C 422 -0.78 -24.72 -6.16
CA GLN C 422 -1.37 -25.03 -7.45
C GLN C 422 -0.43 -24.57 -8.56
N ARG C 423 0.01 -25.52 -9.38
CA ARG C 423 0.94 -25.25 -10.48
C ARG C 423 0.27 -24.53 -11.63
N SER C 424 -1.00 -24.83 -11.87
CA SER C 424 -1.75 -24.19 -12.95
C SER C 424 -3.10 -23.84 -12.41
N CYS C 425 -3.46 -22.56 -12.51
CA CYS C 425 -4.73 -22.09 -11.99
C CYS C 425 -5.58 -21.36 -13.02
N ASP C 426 -6.78 -21.86 -13.25
CA ASP C 426 -7.70 -21.24 -14.20
C ASP C 426 -8.57 -20.23 -13.44
N MET C 427 -8.16 -18.97 -13.43
CA MET C 427 -8.90 -17.94 -12.72
C MET C 427 -10.39 -17.90 -13.04
N GLY C 428 -10.74 -18.24 -14.28
CA GLY C 428 -12.13 -18.22 -14.71
C GLY C 428 -13.06 -19.11 -13.89
N LEU C 429 -12.79 -20.41 -13.87
CA LEU C 429 -13.65 -21.34 -13.13
C LEU C 429 -12.93 -22.15 -12.06
N GLY C 430 -11.75 -22.67 -12.40
CA GLY C 430 -10.98 -23.46 -11.46
C GLY C 430 -10.68 -22.80 -10.12
N VAL C 431 -9.88 -21.73 -10.12
CA VAL C 431 -9.51 -21.03 -8.89
C VAL C 431 -10.56 -20.90 -7.79
N PRO C 432 -11.74 -20.34 -8.10
CA PRO C 432 -12.75 -20.23 -7.04
C PRO C 432 -13.10 -21.61 -6.51
N PHE C 433 -13.28 -22.55 -7.42
CA PHE C 433 -13.61 -23.92 -7.07
C PHE C 433 -12.55 -24.41 -6.07
N ASN C 434 -11.29 -24.47 -6.51
CA ASN C 434 -10.16 -24.90 -5.67
C ASN C 434 -10.07 -24.24 -4.28
N ILE C 435 -10.41 -22.96 -4.19
CA ILE C 435 -10.33 -22.29 -2.89
C ILE C 435 -11.35 -22.92 -1.95
N ALA C 436 -12.47 -23.37 -2.52
CA ALA C 436 -13.52 -24.00 -1.72
C ALA C 436 -13.13 -25.43 -1.34
N SER C 437 -12.54 -26.15 -2.28
CA SER C 437 -12.12 -27.51 -1.99
C SER C 437 -11.22 -27.54 -0.75
N TYR C 438 -10.19 -26.72 -0.74
CA TYR C 438 -9.27 -26.70 0.38
C TYR C 438 -9.79 -26.02 1.64
N ALA C 439 -10.81 -25.19 1.53
CA ALA C 439 -11.36 -24.58 2.73
C ALA C 439 -12.09 -25.72 3.45
N LEU C 440 -12.74 -26.57 2.66
CA LEU C 440 -13.44 -27.72 3.20
C LEU C 440 -12.46 -28.73 3.79
N LEU C 441 -11.32 -28.93 3.12
CA LEU C 441 -10.32 -29.88 3.58
C LEU C 441 -9.70 -29.43 4.91
N THR C 442 -9.47 -28.13 5.05
CA THR C 442 -8.91 -27.62 6.29
C THR C 442 -9.92 -27.81 7.39
N ILE C 443 -11.20 -27.53 7.11
CA ILE C 443 -12.26 -27.69 8.09
C ILE C 443 -12.34 -29.14 8.56
N LEU C 444 -12.43 -30.06 7.61
CA LEU C 444 -12.51 -31.48 7.92
C LEU C 444 -11.34 -31.97 8.76
N ILE C 445 -10.12 -31.70 8.30
CA ILE C 445 -8.93 -32.14 9.02
C ILE C 445 -8.86 -31.56 10.41
N ALA C 446 -9.44 -30.38 10.61
CA ALA C 446 -9.44 -29.77 11.93
C ALA C 446 -10.39 -30.60 12.79
N LYS C 447 -11.61 -30.78 12.31
CA LYS C 447 -12.64 -31.55 13.00
C LYS C 447 -12.17 -32.95 13.38
N ALA C 448 -11.12 -33.41 12.70
CA ALA C 448 -10.58 -34.75 12.93
C ALA C 448 -9.39 -34.75 13.87
N THR C 449 -8.91 -33.57 14.24
CA THR C 449 -7.75 -33.49 15.12
C THR C 449 -7.93 -32.57 16.33
N GLY C 450 -9.18 -32.29 16.68
CA GLY C 450 -9.46 -31.43 17.81
C GLY C 450 -9.00 -29.98 17.66
N LEU C 451 -8.87 -29.51 16.43
CA LEU C 451 -8.41 -28.14 16.19
C LEU C 451 -9.50 -27.30 15.53
N ARG C 452 -9.43 -25.99 15.72
CA ARG C 452 -10.40 -25.11 15.09
C ARG C 452 -9.77 -24.59 13.80
N PRO C 453 -10.58 -24.42 12.73
CA PRO C 453 -10.06 -23.92 11.46
C PRO C 453 -9.50 -22.50 11.57
N GLY C 454 -8.33 -22.30 10.98
CA GLY C 454 -7.69 -20.98 11.02
C GLY C 454 -7.73 -20.29 9.67
N GLU C 455 -6.58 -20.30 8.98
CA GLU C 455 -6.49 -19.66 7.68
C GLU C 455 -6.15 -20.62 6.53
N LEU C 456 -6.52 -20.21 5.32
CA LEU C 456 -6.25 -20.96 4.12
C LEU C 456 -5.37 -20.10 3.21
N VAL C 457 -4.12 -20.51 3.01
CA VAL C 457 -3.24 -19.77 2.13
C VAL C 457 -3.12 -20.51 0.80
N HIS C 458 -3.44 -19.79 -0.28
CA HIS C 458 -3.43 -20.33 -1.63
C HIS C 458 -2.27 -19.73 -2.42
N THR C 459 -1.39 -20.60 -2.93
CA THR C 459 -0.24 -20.18 -3.71
C THR C 459 -0.50 -20.63 -5.14
N LEU C 460 -0.40 -19.70 -6.09
CA LEU C 460 -0.63 -20.00 -7.49
C LEU C 460 0.69 -19.96 -8.21
N GLY C 461 0.81 -20.78 -9.26
CA GLY C 461 2.01 -20.83 -10.08
C GLY C 461 1.70 -20.06 -11.35
N ASP C 462 1.15 -20.75 -12.34
CA ASP C 462 0.76 -20.13 -13.61
C ASP C 462 -0.72 -19.76 -13.47
N ALA C 463 -1.01 -18.54 -13.04
CA ALA C 463 -2.39 -18.10 -12.90
C ALA C 463 -2.80 -17.53 -14.26
N HIS C 464 -3.78 -18.15 -14.89
CA HIS C 464 -4.22 -17.69 -16.20
C HIS C 464 -5.71 -17.45 -16.30
N VAL C 465 -6.07 -16.77 -17.37
CA VAL C 465 -7.45 -16.44 -17.69
C VAL C 465 -7.54 -16.65 -19.18
N TYR C 466 -8.47 -17.49 -19.61
CA TYR C 466 -8.65 -17.75 -21.02
C TYR C 466 -9.21 -16.50 -21.68
N SER C 467 -8.93 -16.36 -22.97
CA SER C 467 -9.42 -15.21 -23.72
C SER C 467 -10.94 -15.34 -23.77
N ASN C 468 -11.42 -16.58 -23.77
CA ASN C 468 -12.85 -16.85 -23.79
C ASN C 468 -13.49 -16.44 -22.47
N HIS C 469 -12.74 -15.71 -21.64
CA HIS C 469 -13.27 -15.29 -20.36
C HIS C 469 -12.97 -13.82 -20.10
N VAL C 470 -12.38 -13.13 -21.07
CA VAL C 470 -12.05 -11.74 -20.85
C VAL C 470 -13.32 -10.90 -20.72
N GLU C 471 -14.28 -11.09 -21.62
CA GLU C 471 -15.53 -10.33 -21.55
C GLU C 471 -16.24 -10.59 -20.22
N PRO C 472 -16.64 -11.85 -19.96
CA PRO C 472 -17.34 -12.17 -18.71
C PRO C 472 -16.57 -11.78 -17.46
N CYS C 473 -15.30 -12.16 -17.38
CA CYS C 473 -14.49 -11.81 -16.21
C CYS C 473 -14.41 -10.30 -16.10
N ASN C 474 -14.31 -9.60 -17.23
CA ASN C 474 -14.24 -8.15 -17.18
C ASN C 474 -15.54 -7.65 -16.52
N GLU C 475 -16.66 -8.21 -16.95
CA GLU C 475 -17.97 -7.86 -16.41
C GLU C 475 -17.98 -8.16 -14.91
N GLN C 476 -17.80 -9.42 -14.57
CA GLN C 476 -17.77 -9.87 -13.18
C GLN C 476 -17.00 -8.89 -12.31
N LEU C 477 -15.88 -8.41 -12.84
CA LEU C 477 -15.05 -7.46 -12.10
C LEU C 477 -15.83 -6.23 -11.64
N LYS C 478 -16.87 -5.85 -12.38
CA LYS C 478 -17.67 -4.70 -11.99
C LYS C 478 -18.19 -4.85 -10.55
N ARG C 479 -18.75 -6.01 -10.24
CA ARG C 479 -19.33 -6.33 -8.92
C ARG C 479 -18.47 -6.15 -7.67
N VAL C 480 -19.07 -5.54 -6.64
CA VAL C 480 -18.36 -5.35 -5.38
C VAL C 480 -18.68 -6.58 -4.53
N PRO C 481 -17.65 -7.19 -3.92
CA PRO C 481 -17.91 -8.39 -3.10
C PRO C 481 -18.85 -8.19 -1.92
N ARG C 482 -19.55 -9.26 -1.57
CA ARG C 482 -20.47 -9.26 -0.45
C ARG C 482 -19.88 -10.18 0.60
N ALA C 483 -20.40 -10.11 1.82
CA ALA C 483 -19.89 -10.95 2.89
C ALA C 483 -19.99 -12.41 2.53
N PHE C 484 -18.98 -13.18 2.96
CA PHE C 484 -18.93 -14.61 2.68
C PHE C 484 -19.98 -15.38 3.45
N PRO C 485 -20.26 -16.61 3.01
CA PRO C 485 -21.24 -17.49 3.63
C PRO C 485 -20.65 -18.22 4.84
N TYR C 486 -21.26 -19.33 5.21
CA TYR C 486 -20.83 -20.13 6.35
C TYR C 486 -21.10 -21.62 6.13
N LEU C 487 -20.36 -22.46 6.83
CA LEU C 487 -20.53 -23.91 6.71
C LEU C 487 -20.75 -24.53 8.09
N VAL C 488 -21.91 -25.17 8.26
CA VAL C 488 -22.21 -25.84 9.51
C VAL C 488 -22.43 -27.30 9.17
N PHE C 489 -22.40 -28.15 10.16
CA PHE C 489 -22.60 -29.56 9.91
C PHE C 489 -23.89 -30.03 10.54
N ARG C 490 -24.78 -30.57 9.70
CA ARG C 490 -26.08 -31.11 10.12
C ARG C 490 -25.84 -32.33 11.04
N ARG C 491 -24.85 -33.15 10.69
CA ARG C 491 -24.49 -34.30 11.52
C ARG C 491 -23.02 -34.65 11.32
N GLU C 492 -22.48 -35.51 12.17
CA GLU C 492 -21.09 -35.90 12.05
C GLU C 492 -21.05 -37.39 11.78
N ARG C 493 -19.89 -37.87 11.38
CA ARG C 493 -19.73 -39.28 11.07
C ARG C 493 -18.69 -39.90 11.99
N GLU C 494 -18.60 -41.23 11.97
CA GLU C 494 -17.66 -41.92 12.83
C GLU C 494 -16.23 -41.88 12.29
N PHE C 495 -16.10 -41.89 10.97
CA PHE C 495 -14.80 -41.84 10.33
C PHE C 495 -14.78 -40.75 9.26
N LEU C 496 -13.67 -40.01 9.18
CA LEU C 496 -13.52 -38.95 8.20
C LEU C 496 -13.92 -39.45 6.81
N GLU C 497 -13.76 -40.75 6.56
CA GLU C 497 -14.12 -41.32 5.27
C GLU C 497 -15.62 -41.48 5.06
N ASP C 498 -16.39 -41.35 6.12
CA ASP C 498 -17.84 -41.54 6.01
C ASP C 498 -18.68 -40.31 5.70
N TYR C 499 -18.09 -39.12 5.72
CA TYR C 499 -18.88 -37.93 5.44
C TYR C 499 -19.49 -37.89 4.05
N GLU C 500 -20.62 -37.18 3.94
CA GLU C 500 -21.34 -37.05 2.69
C GLU C 500 -21.78 -35.59 2.52
N GLU C 501 -21.81 -35.12 1.29
CA GLU C 501 -22.17 -33.73 1.04
C GLU C 501 -23.41 -33.26 1.80
N GLY C 502 -24.35 -34.16 2.01
CA GLY C 502 -25.57 -33.79 2.71
C GLY C 502 -25.39 -33.64 4.20
N ASP C 503 -24.21 -33.99 4.68
CA ASP C 503 -23.95 -33.86 6.10
C ASP C 503 -23.69 -32.40 6.45
N MET C 504 -23.53 -31.56 5.44
CA MET C 504 -23.26 -30.16 5.69
C MET C 504 -24.06 -29.24 4.78
N GLU C 505 -24.27 -28.02 5.25
CA GLU C 505 -25.02 -27.03 4.48
C GLU C 505 -24.33 -25.66 4.56
N VAL C 506 -24.17 -25.02 3.41
CA VAL C 506 -23.58 -23.69 3.32
C VAL C 506 -24.74 -22.74 3.59
N ILE C 507 -24.60 -21.82 4.52
CA ILE C 507 -25.71 -20.91 4.78
C ILE C 507 -25.37 -19.44 4.62
N ASP C 508 -26.38 -18.66 4.27
CA ASP C 508 -26.22 -17.22 4.11
C ASP C 508 -25.36 -16.88 2.90
N TYR C 509 -25.46 -17.70 1.86
CA TYR C 509 -24.70 -17.47 0.64
C TYR C 509 -25.59 -16.69 -0.33
N ALA C 510 -25.28 -15.42 -0.53
CA ALA C 510 -26.08 -14.58 -1.42
C ALA C 510 -25.28 -14.08 -2.60
N PRO C 511 -24.83 -14.99 -3.48
CA PRO C 511 -24.05 -14.58 -4.65
C PRO C 511 -24.88 -13.75 -5.63
N TYR C 512 -24.20 -13.03 -6.51
CA TYR C 512 -24.87 -12.21 -7.52
C TYR C 512 -25.43 -13.10 -8.62
N PRO C 513 -26.30 -12.55 -9.47
CA PRO C 513 -26.87 -13.33 -10.58
C PRO C 513 -25.78 -13.65 -11.63
N PRO C 514 -26.02 -14.68 -12.45
CA PRO C 514 -25.14 -15.18 -13.53
C PRO C 514 -24.54 -14.26 -14.59
N ILE C 515 -23.50 -14.79 -15.24
CA ILE C 515 -22.78 -14.16 -16.33
C ILE C 515 -22.59 -15.32 -17.31
N SER C 516 -22.75 -15.06 -18.61
CA SER C 516 -22.61 -16.09 -19.62
C SER C 516 -21.18 -16.63 -19.77
N MET C 517 -20.47 -16.73 -18.65
CA MET C 517 -19.09 -17.22 -18.63
C MET C 517 -18.99 -18.68 -19.02
N LEU D 3 26.42 -39.50 -21.04
CA LEU D 3 25.16 -40.13 -21.56
C LEU D 3 23.97 -39.84 -20.64
N PHE D 4 24.22 -39.83 -19.33
CA PHE D 4 23.16 -39.54 -18.36
C PHE D 4 23.30 -38.11 -17.87
N LYS D 5 24.04 -37.30 -18.63
CA LYS D 5 24.28 -35.90 -18.30
C LYS D 5 23.54 -34.95 -19.23
N ILE D 6 23.28 -33.75 -18.76
CA ILE D 6 22.59 -32.73 -19.55
C ILE D 6 23.62 -31.95 -20.33
N ARG D 7 23.40 -31.81 -21.63
CA ARG D 7 24.33 -31.09 -22.50
C ARG D 7 24.04 -29.61 -22.67
N MET D 8 25.05 -28.78 -22.42
CA MET D 8 24.91 -27.33 -22.56
C MET D 8 24.89 -26.91 -24.02
N PRO D 9 23.91 -26.08 -24.41
CA PRO D 9 23.79 -25.61 -25.79
C PRO D 9 24.90 -24.64 -26.14
N GLU D 10 24.93 -24.18 -27.38
CA GLU D 10 25.96 -23.24 -27.82
C GLU D 10 25.61 -21.80 -27.43
N THR D 11 24.37 -21.60 -27.01
CA THR D 11 23.93 -20.29 -26.58
C THR D 11 24.30 -20.17 -25.11
N VAL D 12 24.91 -21.23 -24.58
CA VAL D 12 25.30 -21.26 -23.18
C VAL D 12 26.04 -19.98 -22.79
N ALA D 13 26.91 -19.51 -23.69
CA ALA D 13 27.68 -18.30 -23.44
C ALA D 13 26.82 -17.04 -23.55
N GLU D 14 26.70 -16.51 -24.77
CA GLU D 14 25.93 -15.30 -25.07
C GLU D 14 24.78 -14.95 -24.13
N GLY D 15 23.92 -15.93 -23.85
CA GLY D 15 22.76 -15.71 -22.99
C GLY D 15 22.94 -14.94 -21.69
N THR D 16 24.09 -15.08 -21.05
CA THR D 16 24.34 -14.38 -19.80
C THR D 16 25.72 -13.75 -19.76
N ARG D 17 25.97 -12.86 -20.72
CA ARG D 17 27.25 -12.17 -20.80
C ARG D 17 27.02 -10.77 -20.24
N LEU D 18 27.82 -10.39 -19.25
CA LEU D 18 27.67 -9.07 -18.64
C LEU D 18 27.71 -8.00 -19.74
N ALA D 19 26.59 -7.30 -19.94
CA ALA D 19 26.53 -6.25 -20.96
C ALA D 19 27.33 -5.00 -20.54
N LEU D 20 27.01 -4.49 -19.36
CA LEU D 20 27.69 -3.31 -18.84
C LEU D 20 28.12 -3.65 -17.42
N ARG D 21 29.28 -3.15 -17.01
CA ARG D 21 29.78 -3.41 -15.66
C ARG D 21 29.20 -2.37 -14.72
N ALA D 22 28.88 -2.79 -13.50
CA ALA D 22 28.31 -1.88 -12.52
C ALA D 22 29.36 -0.85 -12.18
N PHE D 23 28.93 0.25 -11.56
CA PHE D 23 29.87 1.31 -11.19
C PHE D 23 29.31 2.25 -10.16
N SER D 24 30.19 3.06 -9.59
CA SER D 24 29.83 4.06 -8.59
C SER D 24 30.29 5.44 -9.06
N LEU D 25 29.69 6.49 -8.51
CA LEU D 25 29.99 7.86 -8.91
C LEU D 25 30.47 8.74 -7.75
N VAL D 26 31.61 9.42 -7.92
CA VAL D 26 32.15 10.30 -6.88
C VAL D 26 32.10 11.74 -7.43
N VAL D 27 31.67 12.68 -6.59
CA VAL D 27 31.55 14.05 -7.06
C VAL D 27 31.49 15.09 -5.96
N ALA D 28 31.90 16.31 -6.28
CA ALA D 28 31.88 17.44 -5.35
C ALA D 28 31.12 18.56 -6.02
N VAL D 29 30.24 19.19 -5.28
CA VAL D 29 29.42 20.28 -5.80
C VAL D 29 29.39 21.41 -4.78
N ASP D 30 29.11 22.62 -5.25
CA ASP D 30 29.01 23.76 -4.34
C ASP D 30 27.58 23.72 -3.78
N GLU D 31 27.26 24.66 -2.91
CA GLU D 31 25.94 24.71 -2.30
C GLU D 31 24.79 24.67 -3.34
N HIS D 32 25.07 25.06 -4.57
CA HIS D 32 24.08 25.08 -5.65
C HIS D 32 24.20 23.88 -6.55
N GLY D 33 24.93 22.87 -6.10
CA GLY D 33 25.13 21.67 -6.88
C GLY D 33 26.05 21.85 -8.08
N GLY D 34 26.67 23.02 -8.22
CA GLY D 34 27.54 23.27 -9.36
C GLY D 34 28.83 22.49 -9.22
N ILE D 35 29.34 21.90 -10.30
CA ILE D 35 30.56 21.13 -10.21
C ILE D 35 31.88 21.87 -10.38
N GLY D 36 31.88 23.01 -11.09
CA GLY D 36 33.12 23.74 -11.28
C GLY D 36 33.13 24.52 -12.58
N ASP D 37 33.33 25.85 -12.48
CA ASP D 37 33.34 26.78 -13.62
C ASP D 37 33.37 26.20 -15.05
N GLY D 38 34.34 25.33 -15.34
CA GLY D 38 34.42 24.74 -16.68
C GLY D 38 35.84 24.34 -17.06
N ARG D 39 36.80 24.77 -16.24
CA ARG D 39 38.22 24.49 -16.46
C ARG D 39 38.86 23.94 -15.19
N SER D 40 38.34 24.38 -14.05
CA SER D 40 38.88 23.95 -12.76
C SER D 40 37.80 23.85 -11.68
N ILE D 41 38.23 23.39 -10.51
CA ILE D 41 37.38 23.25 -9.35
C ILE D 41 37.92 24.32 -8.40
N PRO D 42 37.63 25.61 -8.68
CA PRO D 42 38.13 26.73 -7.84
C PRO D 42 38.24 26.45 -6.33
N TRP D 43 37.30 25.66 -5.81
CA TRP D 43 37.29 25.30 -4.38
C TRP D 43 38.11 24.04 -4.11
N ASN D 44 39.02 24.13 -3.15
CA ASN D 44 39.89 23.01 -2.81
C ASN D 44 39.87 22.70 -1.31
N VAL D 45 39.19 21.62 -0.95
CA VAL D 45 39.07 21.19 0.44
C VAL D 45 39.84 19.90 0.62
N PRO D 46 41.02 19.98 1.25
CA PRO D 46 41.86 18.80 1.47
C PRO D 46 41.14 17.58 2.03
N GLU D 47 40.24 17.80 2.99
CA GLU D 47 39.52 16.66 3.55
C GLU D 47 38.80 15.86 2.46
N ASP D 48 38.23 16.55 1.48
CA ASP D 48 37.52 15.88 0.38
C ASP D 48 38.50 15.28 -0.62
N MET D 49 39.60 15.99 -0.87
CA MET D 49 40.61 15.48 -1.77
C MET D 49 41.03 14.11 -1.23
N LYS D 50 41.40 14.06 0.05
CA LYS D 50 41.82 12.82 0.69
C LYS D 50 40.74 11.75 0.60
N PHE D 51 39.51 12.09 0.98
CA PHE D 51 38.38 11.16 0.91
C PHE D 51 38.32 10.54 -0.49
N PHE D 52 38.27 11.41 -1.49
CA PHE D 52 38.23 10.97 -2.88
C PHE D 52 39.31 9.94 -3.10
N ARG D 53 40.56 10.32 -2.79
CA ARG D 53 41.71 9.45 -2.91
C ARG D 53 41.45 8.10 -2.22
N ASP D 54 41.09 8.14 -0.94
CA ASP D 54 40.86 6.91 -0.21
C ASP D 54 39.80 6.04 -0.88
N LEU D 55 38.59 6.59 -1.04
CA LEU D 55 37.48 5.84 -1.64
C LEU D 55 37.86 5.08 -2.90
N THR D 56 38.19 5.80 -3.95
CA THR D 56 38.55 5.18 -5.23
C THR D 56 39.79 4.31 -5.26
N THR D 57 40.73 4.53 -4.34
CA THR D 57 41.95 3.75 -4.35
C THR D 57 41.86 2.48 -3.52
N LYS D 58 41.51 2.63 -2.25
CA LYS D 58 41.39 1.48 -1.36
C LYS D 58 40.49 0.39 -1.94
N LEU D 59 40.70 -0.85 -1.47
CA LEU D 59 39.89 -2.00 -1.87
C LEU D 59 39.07 -2.38 -0.64
N ARG D 60 38.07 -3.25 -0.79
CA ARG D 60 37.26 -3.64 0.34
C ARG D 60 37.76 -4.91 1.00
N GLY D 61 38.55 -5.70 0.27
CA GLY D 61 39.06 -6.95 0.81
C GLY D 61 39.76 -6.87 2.16
N LYS D 62 40.44 -7.96 2.50
CA LYS D 62 41.17 -8.03 3.75
C LYS D 62 42.45 -7.23 3.61
N ASN D 63 42.73 -6.81 2.38
CA ASN D 63 43.91 -6.02 2.10
C ASN D 63 43.50 -4.80 1.26
N VAL D 64 43.43 -3.64 1.88
CA VAL D 64 43.02 -2.41 1.19
C VAL D 64 44.06 -1.87 0.22
N LYS D 65 45.09 -2.66 -0.09
CA LYS D 65 46.15 -2.21 -1.00
C LYS D 65 45.97 -2.72 -2.42
N PRO D 66 45.92 -1.80 -3.40
CA PRO D 66 45.75 -2.21 -4.80
C PRO D 66 46.99 -2.91 -5.34
N SER D 67 46.77 -3.69 -6.39
CA SER D 67 47.82 -4.43 -7.06
C SER D 67 47.39 -4.44 -8.51
N PRO D 68 48.25 -4.90 -9.41
CA PRO D 68 47.82 -4.91 -10.81
C PRO D 68 46.76 -5.99 -11.04
N ALA D 69 46.91 -7.11 -10.35
CA ALA D 69 45.98 -8.22 -10.49
C ALA D 69 44.59 -7.85 -10.01
N LYS D 70 44.53 -7.01 -8.98
CA LYS D 70 43.27 -6.57 -8.39
C LYS D 70 43.32 -5.10 -7.95
N ARG D 71 42.49 -4.26 -8.57
CA ARG D 71 42.48 -2.82 -8.25
C ARG D 71 41.19 -2.15 -8.72
N ASN D 72 41.00 -0.87 -8.34
CA ASN D 72 39.82 -0.13 -8.76
C ASN D 72 40.04 0.56 -10.10
N ALA D 73 38.95 0.92 -10.76
CA ALA D 73 39.04 1.59 -12.05
C ALA D 73 38.35 2.94 -11.96
N VAL D 74 38.92 3.92 -12.64
CA VAL D 74 38.41 5.27 -12.63
C VAL D 74 38.04 5.70 -14.06
N VAL D 75 36.84 6.25 -14.24
CA VAL D 75 36.40 6.70 -15.57
C VAL D 75 36.10 8.19 -15.57
N MET D 76 36.76 8.92 -16.45
CA MET D 76 36.62 10.36 -16.54
C MET D 76 36.63 10.82 -17.99
N GLY D 77 35.92 11.90 -18.27
CA GLY D 77 35.90 12.43 -19.62
C GLY D 77 37.29 12.98 -19.86
N ARG D 78 37.63 13.30 -21.11
CA ARG D 78 38.95 13.82 -21.42
C ARG D 78 39.27 15.19 -20.78
N LYS D 79 38.30 16.10 -20.78
CA LYS D 79 38.51 17.41 -20.17
C LYS D 79 38.98 17.30 -18.72
N THR D 80 38.38 16.36 -17.97
CA THR D 80 38.76 16.12 -16.58
C THR D 80 40.17 15.54 -16.49
N TRP D 81 40.48 14.61 -17.39
CA TRP D 81 41.81 14.04 -17.41
C TRP D 81 42.81 15.19 -17.55
N ASP D 82 42.45 16.17 -18.39
CA ASP D 82 43.30 17.34 -18.61
C ASP D 82 43.44 18.27 -17.41
N SER D 83 42.36 18.43 -16.64
CA SER D 83 42.38 19.29 -15.47
C SER D 83 43.18 18.69 -14.31
N ILE D 84 43.96 17.64 -14.58
CA ILE D 84 44.75 17.01 -13.54
C ILE D 84 46.22 17.37 -13.76
N PRO D 85 46.87 17.97 -12.75
CA PRO D 85 48.28 18.36 -12.85
C PRO D 85 49.13 17.18 -13.30
N PRO D 86 49.90 17.37 -14.39
CA PRO D 86 50.80 16.38 -15.00
C PRO D 86 51.66 15.53 -14.05
N LYS D 87 51.51 15.75 -12.75
CA LYS D 87 52.28 15.01 -11.76
C LYS D 87 51.40 14.07 -10.95
N PHE D 88 50.09 14.29 -10.97
CA PHE D 88 49.15 13.44 -10.25
C PHE D 88 48.46 12.55 -11.27
N ARG D 89 48.93 12.58 -12.52
CA ARG D 89 48.37 11.78 -13.60
C ARG D 89 49.39 10.79 -14.17
N PRO D 90 49.00 9.51 -14.36
CA PRO D 90 47.66 8.99 -14.07
C PRO D 90 47.42 8.79 -12.58
N LEU D 91 46.17 8.98 -12.16
CA LEU D 91 45.81 8.81 -10.77
C LEU D 91 46.31 7.43 -10.36
N PRO D 92 47.27 7.37 -9.44
CA PRO D 92 47.91 6.18 -8.89
C PRO D 92 46.99 5.13 -8.28
N GLY D 93 47.51 3.90 -8.17
CA GLY D 93 46.75 2.80 -7.60
C GLY D 93 45.50 2.39 -8.37
N ARG D 94 45.17 3.15 -9.41
CA ARG D 94 43.98 2.88 -10.20
C ARG D 94 44.25 2.94 -11.68
N LEU D 95 43.37 2.29 -12.43
CA LEU D 95 43.46 2.24 -13.87
C LEU D 95 42.65 3.42 -14.38
N ASN D 96 43.30 4.36 -15.08
CA ASN D 96 42.61 5.54 -15.60
C ASN D 96 41.98 5.33 -16.98
N VAL D 97 40.66 5.40 -17.03
CA VAL D 97 39.93 5.21 -18.28
C VAL D 97 39.44 6.56 -18.81
N VAL D 98 40.22 7.17 -19.71
CA VAL D 98 39.82 8.45 -20.28
C VAL D 98 38.92 8.32 -21.52
N LEU D 99 37.80 9.05 -21.49
CA LEU D 99 36.85 9.03 -22.59
C LEU D 99 37.16 10.20 -23.52
N SER D 100 37.84 9.93 -24.63
CA SER D 100 38.19 10.98 -25.61
C SER D 100 37.94 10.53 -27.04
N SER D 101 37.50 11.48 -27.87
CA SER D 101 37.25 11.16 -29.27
C SER D 101 38.35 11.76 -30.11
N THR D 102 39.56 11.85 -29.54
CA THR D 102 40.68 12.41 -30.27
C THR D 102 41.95 11.78 -29.75
N LEU D 103 42.05 11.75 -28.43
CA LEU D 103 43.21 11.18 -27.77
C LEU D 103 43.08 9.66 -27.72
N THR D 104 44.05 8.96 -28.30
CA THR D 104 44.02 7.51 -28.25
C THR D 104 44.78 7.19 -26.98
N THR D 105 45.03 5.91 -26.73
CA THR D 105 45.75 5.56 -25.51
C THR D 105 47.15 6.16 -25.57
N GLN D 106 47.94 5.80 -26.58
CA GLN D 106 49.29 6.33 -26.68
C GLN D 106 49.33 7.85 -26.56
N HIS D 107 48.27 8.52 -27.04
CA HIS D 107 48.20 9.98 -26.95
C HIS D 107 48.43 10.32 -25.47
N LEU D 108 47.53 9.83 -24.63
CA LEU D 108 47.59 10.05 -23.19
C LEU D 108 48.97 9.79 -22.63
N LEU D 109 49.50 8.59 -22.88
CA LEU D 109 50.82 8.24 -22.37
C LEU D 109 51.83 9.36 -22.57
N ASP D 110 52.39 9.39 -23.77
CA ASP D 110 53.39 10.37 -24.18
C ASP D 110 53.33 11.70 -23.41
N GLY D 111 52.25 12.44 -23.60
CA GLY D 111 52.09 13.72 -22.92
C GLY D 111 52.61 13.75 -21.48
N LEU D 112 52.71 12.59 -20.87
CA LEU D 112 53.20 12.48 -19.50
C LEU D 112 54.69 12.80 -19.47
N PRO D 113 55.10 13.79 -18.65
CA PRO D 113 56.49 14.23 -18.49
C PRO D 113 57.58 13.17 -18.64
N ASP D 114 58.10 12.65 -17.52
CA ASP D 114 59.16 11.65 -17.59
C ASP D 114 58.89 10.57 -18.65
N GLU D 115 59.95 9.92 -19.12
CA GLU D 115 59.83 8.88 -20.16
C GLU D 115 59.55 7.46 -19.65
N GLU D 116 60.44 6.92 -18.83
CA GLU D 116 60.23 5.58 -18.29
C GLU D 116 58.86 5.62 -17.65
N LYS D 117 58.47 6.82 -17.23
CA LYS D 117 57.18 7.10 -16.60
C LYS D 117 56.08 6.91 -17.64
N ARG D 118 56.26 7.53 -18.81
CA ARG D 118 55.29 7.40 -19.89
C ARG D 118 55.43 6.00 -20.50
N ASN D 119 55.94 5.09 -19.67
CA ASN D 119 56.16 3.70 -20.03
C ASN D 119 55.87 2.84 -18.78
N LEU D 120 55.98 3.46 -17.62
CA LEU D 120 55.75 2.83 -16.32
C LEU D 120 54.26 2.61 -16.06
N HIS D 121 53.44 3.58 -16.47
CA HIS D 121 52.01 3.52 -16.30
C HIS D 121 51.45 2.78 -17.51
N ALA D 122 52.11 1.66 -17.83
CA ALA D 122 51.76 0.81 -18.95
C ALA D 122 50.27 0.53 -19.06
N ASP D 123 49.78 -0.38 -18.22
CA ASP D 123 48.37 -0.75 -18.22
C ASP D 123 47.57 -0.01 -17.15
N SER D 124 48.00 1.21 -16.84
CA SER D 124 47.33 2.06 -15.86
C SER D 124 46.56 3.14 -16.59
N ILE D 125 46.66 3.13 -17.93
CA ILE D 125 45.95 4.13 -18.72
C ILE D 125 45.33 3.52 -19.97
N VAL D 126 44.10 3.93 -20.26
CA VAL D 126 43.39 3.45 -21.44
C VAL D 126 42.39 4.51 -21.89
N ALA D 127 42.25 4.66 -23.20
CA ALA D 127 41.35 5.63 -23.77
C ALA D 127 40.21 4.92 -24.45
N VAL D 128 39.03 5.55 -24.44
CA VAL D 128 37.85 4.99 -25.06
C VAL D 128 37.26 6.00 -26.01
N ASN D 129 36.99 5.57 -27.25
CA ASN D 129 36.42 6.46 -28.23
C ASN D 129 34.90 6.33 -28.12
N GLY D 130 34.39 6.59 -26.92
CA GLY D 130 32.97 6.49 -26.70
C GLY D 130 32.59 7.13 -25.38
N GLY D 131 31.36 6.90 -24.94
CA GLY D 131 30.90 7.48 -23.68
C GLY D 131 31.05 6.59 -22.47
N LEU D 132 30.37 6.95 -21.39
CA LEU D 132 30.44 6.18 -20.17
C LEU D 132 29.98 4.78 -20.45
N GLU D 133 28.89 4.68 -21.23
CA GLU D 133 28.33 3.38 -21.58
C GLU D 133 29.36 2.56 -22.33
N GLN D 134 29.97 3.16 -23.34
CA GLN D 134 30.97 2.48 -24.13
C GLN D 134 32.09 1.99 -23.22
N ALA D 135 32.43 2.81 -22.24
CA ALA D 135 33.49 2.47 -21.29
C ALA D 135 33.08 1.33 -20.37
N LEU D 136 31.79 1.27 -20.03
CA LEU D 136 31.31 0.22 -19.15
C LEU D 136 31.37 -1.16 -19.81
N ARG D 137 31.34 -1.19 -21.14
CA ARG D 137 31.46 -2.47 -21.82
C ARG D 137 32.92 -2.88 -21.73
N LEU D 138 33.82 -1.96 -22.09
CA LEU D 138 35.24 -2.22 -22.02
C LEU D 138 35.58 -2.77 -20.64
N LEU D 139 34.83 -2.36 -19.63
CA LEU D 139 35.09 -2.85 -18.29
C LEU D 139 34.41 -4.18 -17.97
N ALA D 140 33.45 -4.57 -18.80
CA ALA D 140 32.74 -5.83 -18.57
C ALA D 140 33.42 -7.02 -19.28
N SER D 141 34.42 -6.74 -20.09
CA SER D 141 35.15 -7.78 -20.80
C SER D 141 35.83 -8.69 -19.78
N PRO D 142 36.27 -9.88 -20.23
CA PRO D 142 36.93 -10.78 -19.27
C PRO D 142 38.23 -10.22 -18.72
N ASN D 143 38.86 -9.30 -19.45
CA ASN D 143 40.13 -8.72 -19.03
C ASN D 143 40.06 -7.74 -17.87
N TYR D 144 38.90 -7.12 -17.68
CA TYR D 144 38.77 -6.15 -16.61
C TYR D 144 37.80 -6.61 -15.51
N THR D 145 36.98 -7.61 -15.83
CA THR D 145 36.01 -8.18 -14.87
C THR D 145 36.36 -9.65 -14.64
N PRO D 146 36.63 -10.03 -13.38
CA PRO D 146 36.63 -9.19 -12.18
C PRO D 146 37.97 -8.63 -11.68
N SER D 147 39.00 -8.59 -12.52
CA SER D 147 40.27 -8.03 -12.05
C SER D 147 40.08 -6.62 -11.51
N ILE D 148 38.99 -5.97 -11.90
CA ILE D 148 38.65 -4.62 -11.43
C ILE D 148 37.53 -4.70 -10.39
N GLU D 149 37.88 -4.57 -9.12
CA GLU D 149 36.91 -4.63 -8.03
C GLU D 149 35.81 -3.58 -8.14
N THR D 150 36.17 -2.31 -8.16
CA THR D 150 35.16 -1.26 -8.28
C THR D 150 35.49 -0.17 -9.30
N VAL D 151 34.49 0.13 -10.13
CA VAL D 151 34.58 1.15 -11.18
C VAL D 151 33.99 2.47 -10.67
N TYR D 152 34.80 3.50 -10.54
CA TYR D 152 34.32 4.79 -10.07
C TYR D 152 34.25 5.80 -11.21
N CYS D 153 33.14 6.51 -11.27
CA CYS D 153 32.96 7.53 -12.30
C CYS D 153 33.36 8.81 -11.60
N ILE D 154 34.51 9.36 -11.96
CA ILE D 154 35.00 10.53 -11.27
C ILE D 154 34.98 11.89 -11.95
N GLY D 155 34.32 12.03 -13.09
CA GLY D 155 34.36 13.36 -13.65
C GLY D 155 33.81 13.72 -15.01
N GLY D 156 33.40 14.99 -15.06
CA GLY D 156 32.83 15.56 -16.27
C GLY D 156 31.34 15.70 -16.19
N GLY D 157 30.84 16.93 -16.32
CA GLY D 157 29.41 17.15 -16.28
C GLY D 157 28.76 16.33 -17.40
N SER D 158 29.56 16.01 -18.42
CA SER D 158 29.05 15.23 -19.55
C SER D 158 29.02 13.74 -19.18
N VAL D 159 30.05 13.26 -18.49
CA VAL D 159 30.11 11.86 -18.09
C VAL D 159 29.21 11.55 -16.90
N TYR D 160 28.90 12.57 -16.09
CA TYR D 160 28.00 12.37 -14.96
C TYR D 160 26.60 12.28 -15.53
N ALA D 161 26.31 13.16 -16.48
CA ALA D 161 25.01 13.19 -17.11
C ALA D 161 24.61 11.85 -17.70
N GLU D 162 25.57 11.20 -18.37
CA GLU D 162 25.29 9.93 -19.01
C GLU D 162 25.16 8.82 -17.97
N ALA D 163 25.83 9.01 -16.84
CA ALA D 163 25.77 8.04 -15.76
C ALA D 163 24.41 8.11 -15.08
N LEU D 164 23.79 9.29 -15.12
CA LEU D 164 22.51 9.48 -14.45
C LEU D 164 21.27 9.33 -15.35
N ARG D 165 21.41 8.60 -16.45
CA ARG D 165 20.29 8.35 -17.37
C ARG D 165 20.38 6.94 -17.93
N PRO D 166 19.23 6.32 -18.26
CA PRO D 166 19.30 4.96 -18.80
C PRO D 166 20.13 4.98 -20.08
N PRO D 167 20.91 3.91 -20.35
CA PRO D 167 21.11 2.68 -19.59
C PRO D 167 22.11 2.69 -18.43
N CYS D 168 23.05 3.61 -18.42
CA CYS D 168 24.04 3.63 -17.36
C CYS D 168 23.46 3.69 -15.96
N VAL D 169 22.51 4.59 -15.73
CA VAL D 169 21.90 4.76 -14.42
C VAL D 169 21.47 3.46 -13.74
N HIS D 170 21.11 2.45 -14.52
CA HIS D 170 20.66 1.19 -13.95
C HIS D 170 21.77 0.34 -13.37
N LEU D 171 23.02 0.75 -13.56
CA LEU D 171 24.16 0.01 -13.04
C LEU D 171 24.91 0.84 -11.99
N LEU D 172 24.37 2.02 -11.70
CA LEU D 172 24.93 2.92 -10.72
C LEU D 172 24.59 2.38 -9.35
N GLN D 173 25.57 1.76 -8.71
CA GLN D 173 25.36 1.16 -7.39
C GLN D 173 25.29 2.15 -6.22
N ALA D 174 25.90 3.33 -6.38
CA ALA D 174 25.88 4.32 -5.32
C ALA D 174 26.52 5.65 -5.73
N ILE D 175 26.01 6.75 -5.17
CA ILE D 175 26.49 8.10 -5.47
C ILE D 175 27.14 8.78 -4.26
N TYR D 176 28.43 9.11 -4.37
CA TYR D 176 29.15 9.78 -3.30
C TYR D 176 29.25 11.27 -3.59
N ARG D 177 28.40 12.08 -2.96
CA ARG D 177 28.43 13.51 -3.20
C ARG D 177 28.96 14.32 -2.05
N THR D 178 29.83 15.26 -2.39
CA THR D 178 30.42 16.15 -1.41
C THR D 178 29.95 17.55 -1.75
N THR D 179 29.30 18.22 -0.80
CA THR D 179 28.86 19.58 -1.05
C THR D 179 29.78 20.51 -0.27
N ILE D 180 30.27 21.54 -0.95
CA ILE D 180 31.20 22.50 -0.34
C ILE D 180 30.68 23.93 -0.49
N ARG D 181 30.49 24.62 0.62
CA ARG D 181 30.01 26.00 0.58
C ARG D 181 31.15 26.88 0.08
N ALA D 182 31.08 27.28 -1.19
CA ALA D 182 32.10 28.13 -1.80
C ALA D 182 31.51 29.18 -2.74
N SER D 183 32.23 30.30 -2.89
CA SER D 183 31.80 31.41 -3.75
C SER D 183 31.22 31.00 -5.11
N GLU D 184 29.91 31.19 -5.22
CA GLU D 184 29.13 30.88 -6.42
C GLU D 184 29.78 31.27 -7.75
N SER D 185 30.52 30.34 -8.34
CA SER D 185 31.19 30.59 -9.62
C SER D 185 30.73 29.59 -10.69
N SER D 186 30.57 28.34 -10.29
CA SER D 186 30.14 27.27 -11.20
C SER D 186 28.67 27.35 -11.58
N CYS D 187 28.20 28.57 -11.90
CA CYS D 187 26.82 28.77 -12.28
C CYS D 187 26.58 28.13 -13.64
N SER D 188 27.49 27.25 -14.02
CA SER D 188 27.42 26.57 -15.30
C SER D 188 26.79 25.16 -15.26
N VAL D 189 27.55 24.14 -14.85
CA VAL D 189 27.03 22.77 -14.82
C VAL D 189 26.58 22.28 -13.44
N PHE D 190 25.32 21.85 -13.37
CA PHE D 190 24.72 21.38 -12.12
C PHE D 190 24.48 19.87 -12.04
N PHE D 191 24.99 19.24 -10.99
CA PHE D 191 24.83 17.81 -10.78
C PHE D 191 23.54 17.64 -9.98
N ARG D 192 22.58 16.91 -10.55
CA ARG D 192 21.32 16.71 -9.86
C ARG D 192 20.81 15.28 -9.99
N VAL D 193 20.69 14.61 -8.85
CA VAL D 193 20.23 13.23 -8.78
C VAL D 193 18.76 13.12 -9.17
N PRO D 194 18.42 12.27 -10.14
CA PRO D 194 17.01 12.16 -10.54
C PRO D 194 16.09 12.07 -9.33
N GLU D 195 15.06 12.89 -9.31
CA GLU D 195 14.14 12.86 -8.18
C GLU D 195 13.24 11.61 -8.18
N SER D 196 12.93 11.12 -6.98
CA SER D 196 12.09 9.93 -6.84
C SER D 196 10.70 10.05 -7.46
N GLY D 197 10.36 9.10 -8.33
CA GLY D 197 9.06 9.09 -8.96
C GLY D 197 8.93 9.93 -10.23
N THR D 198 10.02 10.54 -10.66
CA THR D 198 9.99 11.35 -11.88
C THR D 198 10.43 10.55 -13.09
N GLU D 199 10.08 11.03 -14.27
CA GLU D 199 10.42 10.34 -15.50
C GLU D 199 11.92 10.17 -15.68
N ALA D 200 12.69 11.14 -15.18
CA ALA D 200 14.13 11.07 -15.32
C ALA D 200 14.75 10.03 -14.41
N ALA D 201 14.10 9.77 -13.27
CA ALA D 201 14.60 8.79 -12.31
C ALA D 201 14.60 7.40 -12.89
N ALA D 202 13.80 7.21 -13.94
CA ALA D 202 13.67 5.94 -14.65
C ALA D 202 13.27 4.75 -13.76
N GLY D 203 12.63 5.02 -12.63
CA GLY D 203 12.20 3.93 -11.77
C GLY D 203 12.99 3.76 -10.49
N ILE D 204 14.24 4.21 -10.48
CA ILE D 204 15.10 4.10 -9.30
C ILE D 204 14.69 5.14 -8.24
N GLU D 205 14.74 4.76 -6.97
CA GLU D 205 14.41 5.67 -5.87
C GLU D 205 15.64 5.96 -5.01
N TRP D 206 16.35 7.04 -5.33
CA TRP D 206 17.56 7.40 -4.61
C TRP D 206 17.36 7.83 -3.18
N GLN D 207 18.17 7.28 -2.27
CA GLN D 207 18.07 7.62 -0.86
C GLN D 207 19.43 7.70 -0.17
N ARG D 208 19.48 8.46 0.91
CA ARG D 208 20.72 8.59 1.64
C ARG D 208 20.98 7.40 2.53
N GLU D 209 22.13 6.76 2.32
CA GLU D 209 22.47 5.65 3.19
C GLU D 209 23.05 6.41 4.37
N THR D 210 23.80 7.46 4.06
CA THR D 210 24.44 8.26 5.09
C THR D 210 24.70 9.71 4.70
N ILE D 211 24.61 10.59 5.69
CA ILE D 211 24.88 12.01 5.48
C ILE D 211 25.63 12.45 6.72
N SER D 212 26.83 12.98 6.51
CA SER D 212 27.68 13.44 7.59
C SER D 212 27.15 14.73 8.19
N GLU D 213 27.79 15.20 9.26
CA GLU D 213 27.38 16.46 9.85
C GLU D 213 28.13 17.50 9.03
N GLU D 214 27.86 18.76 9.32
CA GLU D 214 28.52 19.87 8.66
C GLU D 214 29.95 19.91 9.21
N LEU D 215 30.93 19.66 8.36
CA LEU D 215 32.31 19.67 8.78
C LEU D 215 32.97 21.00 8.43
N THR D 216 34.06 21.33 9.13
CA THR D 216 34.76 22.57 8.85
C THR D 216 36.20 22.24 8.45
N SER D 217 36.54 22.55 7.20
CA SER D 217 37.87 22.24 6.69
C SER D 217 39.01 22.88 7.46
N ALA D 218 40.18 22.24 7.36
CA ALA D 218 41.37 22.74 8.03
C ALA D 218 42.28 23.48 7.06
N ASN D 219 41.75 23.87 5.90
CA ASN D 219 42.54 24.59 4.93
C ASN D 219 42.62 26.07 5.33
N GLY D 220 42.46 26.33 6.63
CA GLY D 220 42.55 27.69 7.12
C GLY D 220 41.65 28.66 6.39
N ASN D 221 40.44 28.22 6.08
CA ASN D 221 39.44 29.04 5.40
C ASN D 221 38.13 28.62 6.00
N GLU D 222 38.21 27.63 6.86
CA GLU D 222 37.06 27.09 7.54
C GLU D 222 35.92 26.86 6.58
N THR D 223 36.22 26.20 5.46
CA THR D 223 35.21 25.92 4.46
C THR D 223 34.29 24.84 5.00
N LYS D 224 33.01 25.18 5.05
CA LYS D 224 32.01 24.26 5.53
C LYS D 224 31.72 23.31 4.39
N TYR D 225 31.62 22.01 4.71
CA TYR D 225 31.34 21.00 3.71
C TYR D 225 30.75 19.76 4.36
N TYR D 226 30.01 18.97 3.60
CA TYR D 226 29.43 17.75 4.14
C TYR D 226 29.50 16.58 3.17
N PHE D 227 29.25 15.38 3.68
CA PHE D 227 29.30 14.18 2.85
C PHE D 227 27.96 13.47 2.77
N GLU D 228 27.71 12.86 1.62
CA GLU D 228 26.51 12.07 1.39
C GLU D 228 26.84 10.80 0.58
N LYS D 229 26.11 9.73 0.86
CA LYS D 229 26.24 8.49 0.10
C LYS D 229 24.81 8.13 -0.29
N LEU D 230 24.54 8.16 -1.58
CA LEU D 230 23.23 7.85 -2.09
C LEU D 230 23.23 6.43 -2.63
N ILE D 231 22.06 5.79 -2.58
CA ILE D 231 21.96 4.44 -3.08
C ILE D 231 20.57 4.15 -3.69
N PRO D 232 20.53 3.24 -4.68
CA PRO D 232 19.26 2.91 -5.30
C PRO D 232 18.49 2.02 -4.33
N ARG D 233 17.27 2.41 -4.00
CA ARG D 233 16.48 1.64 -3.04
C ARG D 233 16.28 0.20 -3.51
N ASN D 234 16.60 -0.75 -2.63
CA ASN D 234 16.45 -2.16 -2.97
C ASN D 234 15.15 -2.72 -2.42
N ARG D 235 14.04 -2.41 -3.09
CA ARG D 235 12.74 -2.89 -2.67
C ARG D 235 12.68 -4.41 -2.47
N GLU D 236 13.51 -5.14 -3.20
CA GLU D 236 13.51 -6.60 -3.07
C GLU D 236 14.00 -7.10 -1.73
N GLU D 237 15.17 -6.63 -1.29
CA GLU D 237 15.70 -7.06 -0.01
C GLU D 237 14.78 -6.58 1.11
N GLU D 238 14.10 -5.47 0.85
CA GLU D 238 13.18 -4.94 1.83
C GLU D 238 12.04 -5.90 2.11
N GLN D 239 11.75 -6.80 1.17
CA GLN D 239 10.69 -7.79 1.40
C GLN D 239 11.18 -8.70 2.52
N TYR D 240 12.41 -9.18 2.40
CA TYR D 240 13.01 -10.04 3.39
C TYR D 240 13.06 -9.32 4.72
N LEU D 241 13.64 -8.13 4.73
CA LEU D 241 13.73 -7.37 5.97
C LEU D 241 12.38 -7.04 6.62
N SER D 242 11.34 -6.83 5.81
CA SER D 242 10.02 -6.49 6.37
C SER D 242 9.33 -7.69 6.99
N LEU D 243 9.69 -8.87 6.50
CA LEU D 243 9.13 -10.13 6.96
C LEU D 243 9.78 -10.52 8.28
N VAL D 244 11.10 -10.38 8.34
CA VAL D 244 11.81 -10.70 9.55
C VAL D 244 11.22 -9.83 10.65
N ASP D 245 11.01 -8.56 10.32
CA ASP D 245 10.44 -7.64 11.29
C ASP D 245 9.07 -8.11 11.76
N ARG D 246 8.19 -8.40 10.82
CA ARG D 246 6.85 -8.85 11.19
C ARG D 246 6.90 -10.11 12.02
N ILE D 247 7.89 -10.97 11.80
CA ILE D 247 7.99 -12.19 12.56
C ILE D 247 8.34 -11.91 14.02
N ILE D 248 9.39 -11.12 14.24
CA ILE D 248 9.83 -10.79 15.60
C ILE D 248 8.76 -10.02 16.37
N ARG D 249 8.07 -9.13 15.66
CA ARG D 249 7.03 -8.27 16.21
C ARG D 249 5.67 -8.93 16.45
N GLU D 250 5.26 -9.84 15.58
CA GLU D 250 3.95 -10.47 15.72
C GLU D 250 3.94 -12.00 15.62
N GLY D 251 5.07 -12.60 15.24
CA GLY D 251 5.14 -14.04 15.10
C GLY D 251 4.75 -14.82 16.34
N ASN D 252 4.37 -16.09 16.15
CA ASN D 252 3.96 -16.95 17.25
C ASN D 252 5.16 -17.67 17.86
N VAL D 253 5.24 -17.66 19.19
CA VAL D 253 6.35 -18.33 19.87
C VAL D 253 6.10 -19.84 20.01
N LYS D 254 7.15 -20.63 19.83
CA LYS D 254 7.06 -22.08 19.94
C LYS D 254 8.40 -22.59 20.47
N HIS D 255 8.40 -23.75 21.12
CA HIS D 255 9.64 -24.30 21.68
C HIS D 255 9.89 -25.78 21.39
N ASP D 256 11.02 -26.06 20.72
CA ASP D 256 11.47 -27.41 20.35
C ASP D 256 11.46 -28.39 21.50
N ARG D 257 11.13 -29.65 21.20
CA ARG D 257 11.13 -30.67 22.25
C ARG D 257 12.47 -30.55 22.96
N THR D 258 13.43 -30.00 22.23
CA THR D 258 14.76 -29.78 22.78
C THR D 258 14.59 -28.57 23.69
N GLY D 259 14.44 -27.40 23.09
CA GLY D 259 14.26 -26.18 23.85
C GLY D 259 14.39 -24.96 22.97
N VAL D 260 14.99 -25.13 21.79
CA VAL D 260 15.18 -24.05 20.84
C VAL D 260 13.88 -23.35 20.52
N GLY D 261 13.76 -22.09 20.95
CA GLY D 261 12.55 -21.34 20.71
C GLY D 261 12.53 -20.64 19.37
N THR D 262 11.34 -20.39 18.85
CA THR D 262 11.19 -19.70 17.57
C THR D 262 9.96 -18.81 17.46
N LEU D 263 10.11 -17.77 16.65
CA LEU D 263 9.02 -16.84 16.39
C LEU D 263 8.66 -17.20 14.97
N SER D 264 7.38 -17.23 14.64
CA SER D 264 7.02 -17.61 13.30
C SER D 264 5.62 -17.23 12.85
N ILE D 265 5.48 -17.15 11.53
CA ILE D 265 4.23 -16.84 10.88
C ILE D 265 4.11 -17.85 9.75
N PHE D 266 2.94 -17.96 9.14
CA PHE D 266 2.73 -18.95 8.10
C PHE D 266 2.17 -18.39 6.78
N GLY D 267 2.89 -18.64 5.68
CA GLY D 267 2.44 -18.16 4.38
C GLY D 267 3.13 -16.86 4.04
N ALA D 268 3.94 -16.88 2.99
CA ALA D 268 4.66 -15.69 2.58
C ALA D 268 5.18 -15.82 1.16
N GLN D 269 5.43 -14.69 0.50
CA GLN D 269 5.94 -14.75 -0.86
C GLN D 269 6.79 -13.55 -1.25
N MET D 270 8.00 -13.83 -1.73
CA MET D 270 8.92 -12.80 -2.17
C MET D 270 9.29 -13.08 -3.63
N ARG D 271 9.71 -12.03 -4.32
CA ARG D 271 10.06 -12.16 -5.73
C ARG D 271 11.38 -11.42 -5.96
N PHE D 272 12.21 -11.95 -6.86
CA PHE D 272 13.50 -11.34 -7.13
C PHE D 272 13.82 -11.34 -8.60
N SER D 273 14.43 -10.26 -9.08
CA SER D 273 14.79 -10.22 -10.49
C SER D 273 16.17 -10.83 -10.67
N LEU D 274 16.32 -11.61 -11.73
CA LEU D 274 17.57 -12.25 -12.08
C LEU D 274 18.02 -11.73 -13.44
N ARG D 275 17.31 -10.73 -13.92
CA ARG D 275 17.62 -10.12 -15.21
C ARG D 275 18.98 -9.42 -15.24
N ASN D 276 19.52 -9.28 -16.44
CA ASN D 276 20.79 -8.60 -16.65
C ASN D 276 21.88 -8.92 -15.65
N ASN D 277 22.12 -10.21 -15.43
CA ASN D 277 23.18 -10.62 -14.54
C ASN D 277 23.04 -10.32 -13.05
N ARG D 278 21.89 -9.82 -12.63
CA ARG D 278 21.71 -9.53 -11.21
C ARG D 278 21.63 -10.81 -10.39
N LEU D 279 22.10 -10.73 -9.14
CA LEU D 279 22.08 -11.86 -8.23
C LEU D 279 21.60 -11.34 -6.89
N PRO D 280 20.42 -11.77 -6.44
CA PRO D 280 19.91 -11.29 -5.16
C PRO D 280 20.61 -11.86 -3.91
N LEU D 281 21.86 -11.46 -3.70
CA LEU D 281 22.60 -11.89 -2.53
C LEU D 281 22.33 -10.78 -1.55
N LEU D 282 21.68 -11.09 -0.44
CA LEU D 282 21.37 -10.03 0.53
C LEU D 282 22.61 -9.23 0.89
N THR D 283 22.39 -7.93 1.15
CA THR D 283 23.49 -7.03 1.48
C THR D 283 23.50 -6.59 2.92
N THR D 284 22.40 -6.81 3.64
CA THR D 284 22.35 -6.39 5.04
C THR D 284 23.12 -7.36 5.91
N LYS D 285 23.56 -8.46 5.31
CA LYS D 285 24.38 -9.48 5.97
C LYS D 285 24.97 -10.40 4.90
N ARG D 286 26.30 -10.53 4.91
CA ARG D 286 26.99 -11.35 3.93
C ARG D 286 26.37 -12.74 3.86
N VAL D 287 26.44 -13.33 2.67
CA VAL D 287 25.90 -14.67 2.42
C VAL D 287 27.04 -15.56 1.90
N PHE D 288 27.11 -16.78 2.39
CA PHE D 288 28.16 -17.72 2.00
C PHE D 288 27.97 -18.20 0.56
N TRP D 289 28.25 -17.33 -0.40
CA TRP D 289 28.08 -17.69 -1.81
C TRP D 289 28.77 -18.97 -2.20
N ARG D 290 30.05 -19.11 -1.84
CA ARG D 290 30.80 -20.30 -2.17
C ARG D 290 30.07 -21.57 -1.69
N GLY D 291 29.62 -21.56 -0.45
CA GLY D 291 28.91 -22.70 0.09
C GLY D 291 27.59 -22.91 -0.66
N VAL D 292 26.92 -21.81 -0.99
CA VAL D 292 25.67 -21.88 -1.73
C VAL D 292 25.94 -22.57 -3.05
N CYS D 293 26.89 -22.01 -3.79
CA CYS D 293 27.26 -22.52 -5.11
C CYS D 293 27.71 -23.95 -5.14
N GLU D 294 28.60 -24.31 -4.21
CA GLU D 294 29.11 -25.68 -4.12
C GLU D 294 27.98 -26.67 -3.83
N GLU D 295 27.07 -26.26 -2.95
CA GLU D 295 25.97 -27.10 -2.57
C GLU D 295 24.96 -27.22 -3.72
N LEU D 296 24.77 -26.15 -4.50
CA LEU D 296 23.82 -26.24 -5.61
C LEU D 296 24.36 -27.23 -6.62
N LEU D 297 25.61 -27.01 -7.01
CA LEU D 297 26.30 -27.87 -7.97
C LEU D 297 26.18 -29.31 -7.47
N TRP D 298 26.40 -29.47 -6.17
CA TRP D 298 26.30 -30.77 -5.51
C TRP D 298 24.91 -31.36 -5.75
N PHE D 299 23.87 -30.53 -5.63
CA PHE D 299 22.50 -30.99 -5.87
C PHE D 299 22.35 -31.42 -7.32
N LEU D 300 22.71 -30.54 -8.25
CA LEU D 300 22.60 -30.82 -9.69
C LEU D 300 23.29 -32.11 -10.12
N ARG D 301 24.40 -32.47 -9.46
CA ARG D 301 25.09 -33.69 -9.83
C ARG D 301 24.43 -34.97 -9.30
N GLY D 302 23.42 -34.83 -8.44
CA GLY D 302 22.74 -35.99 -7.89
C GLY D 302 23.37 -36.54 -6.62
N GLU D 303 24.52 -35.97 -6.27
CA GLU D 303 25.29 -36.34 -5.09
C GLU D 303 24.44 -36.51 -3.84
N THR D 304 24.97 -37.25 -2.87
CA THR D 304 24.27 -37.48 -1.60
C THR D 304 25.24 -37.76 -0.46
N TYR D 305 26.54 -37.62 -0.72
CA TYR D 305 27.58 -37.87 0.27
C TYR D 305 28.15 -36.52 0.73
N ALA D 306 27.62 -36.01 1.84
CA ALA D 306 28.01 -34.71 2.38
C ALA D 306 29.51 -34.44 2.53
N LYS D 307 30.33 -35.49 2.43
CA LYS D 307 31.77 -35.33 2.57
C LYS D 307 32.39 -34.66 1.34
N LYS D 308 31.77 -34.83 0.18
CA LYS D 308 32.27 -34.20 -1.03
C LYS D 308 32.16 -32.69 -0.81
N LEU D 309 31.20 -32.30 0.00
CA LEU D 309 30.96 -30.90 0.32
C LEU D 309 31.86 -30.46 1.45
N SER D 310 32.02 -31.32 2.46
CA SER D 310 32.88 -30.99 3.60
C SER D 310 34.34 -30.91 3.17
N ASP D 311 34.74 -31.78 2.23
CA ASP D 311 36.10 -31.77 1.73
C ASP D 311 36.30 -30.50 0.92
N LYS D 312 35.36 -29.56 1.07
CA LYS D 312 35.41 -28.31 0.35
C LYS D 312 35.33 -27.14 1.33
N GLY D 313 35.55 -27.42 2.61
CA GLY D 313 35.48 -26.36 3.59
C GLY D 313 34.05 -25.83 3.68
N VAL D 314 33.12 -26.69 3.27
CA VAL D 314 31.71 -26.38 3.30
C VAL D 314 31.11 -27.44 4.22
N HIS D 315 31.07 -27.11 5.52
CA HIS D 315 30.60 -28.03 6.53
C HIS D 315 29.11 -28.00 6.84
N ILE D 316 28.36 -27.24 6.07
CA ILE D 316 26.92 -27.10 6.27
C ILE D 316 26.09 -28.40 6.43
N TRP D 317 26.66 -29.54 6.05
CA TRP D 317 25.93 -30.79 6.16
C TRP D 317 26.56 -31.69 7.20
N ASP D 318 27.40 -31.11 8.04
CA ASP D 318 28.05 -31.89 9.06
C ASP D 318 27.09 -32.37 10.14
N ASP D 319 26.41 -31.44 10.80
CA ASP D 319 25.47 -31.80 11.86
C ASP D 319 24.50 -32.90 11.46
N ASN D 320 24.15 -32.95 10.18
CA ASN D 320 23.22 -33.96 9.71
C ASN D 320 23.89 -35.20 9.12
N GLY D 321 25.18 -35.12 8.84
CA GLY D 321 25.88 -36.26 8.28
C GLY D 321 26.47 -37.18 9.34
N SER D 322 26.74 -36.62 10.52
CA SER D 322 27.33 -37.34 11.65
C SER D 322 26.85 -38.77 11.95
N ARG D 323 27.80 -39.60 12.37
CA ARG D 323 27.53 -40.99 12.72
C ARG D 323 26.39 -41.02 13.73
N ALA D 324 26.37 -40.03 14.59
CA ALA D 324 25.35 -39.94 15.61
C ALA D 324 23.98 -39.62 15.02
N PHE D 325 23.84 -38.42 14.46
CA PHE D 325 22.56 -37.99 13.90
C PHE D 325 21.93 -39.05 13.02
N LEU D 326 22.77 -39.76 12.27
CA LEU D 326 22.30 -40.81 11.40
C LEU D 326 21.69 -41.93 12.23
N ASP D 327 22.49 -42.54 13.09
CA ASP D 327 21.98 -43.60 13.93
C ASP D 327 20.73 -43.05 14.61
N SER D 328 20.77 -41.75 14.89
CA SER D 328 19.65 -41.04 15.53
C SER D 328 18.38 -41.10 14.69
N ARG D 329 18.54 -41.15 13.36
CA ARG D 329 17.41 -41.22 12.43
C ARG D 329 17.13 -42.65 12.03
N GLY D 330 17.84 -43.59 12.64
CA GLY D 330 17.66 -45.00 12.36
C GLY D 330 18.46 -45.46 11.15
N LEU D 331 19.29 -44.58 10.60
CA LEU D 331 20.10 -44.93 9.44
C LEU D 331 21.46 -45.49 9.86
N THR D 332 21.44 -46.66 10.47
CA THR D 332 22.66 -47.28 10.97
C THR D 332 23.54 -47.84 9.86
N GLU D 333 22.91 -48.31 8.80
CA GLU D 333 23.64 -48.90 7.68
C GLU D 333 24.33 -47.87 6.79
N TYR D 334 24.11 -46.59 7.07
CA TYR D 334 24.73 -45.53 6.27
C TYR D 334 26.07 -45.10 6.82
N GLU D 335 27.06 -45.04 5.93
CA GLU D 335 28.40 -44.60 6.30
C GLU D 335 28.28 -43.14 6.73
N GLU D 336 29.08 -42.71 7.71
CA GLU D 336 28.98 -41.33 8.15
C GLU D 336 29.02 -40.40 6.95
N MET D 337 28.21 -39.36 6.99
CA MET D 337 28.10 -38.37 5.92
C MET D 337 27.30 -38.85 4.72
N ASP D 338 26.71 -40.05 4.83
CA ASP D 338 25.89 -40.57 3.75
C ASP D 338 24.44 -40.22 4.14
N LEU D 339 23.93 -39.17 3.51
CA LEU D 339 22.59 -38.65 3.80
C LEU D 339 21.39 -39.46 3.31
N GLY D 340 21.60 -40.34 2.34
CA GLY D 340 20.48 -41.11 1.83
C GLY D 340 19.97 -40.50 0.54
N PRO D 341 18.80 -40.90 0.03
CA PRO D 341 18.22 -40.36 -1.21
C PRO D 341 17.64 -38.97 -0.99
N VAL D 342 18.46 -38.08 -0.47
CA VAL D 342 18.09 -36.71 -0.19
C VAL D 342 18.16 -35.84 -1.44
N TYR D 343 17.68 -34.61 -1.28
CA TYR D 343 17.64 -33.59 -2.31
C TYR D 343 17.92 -33.98 -3.76
N GLY D 344 19.07 -33.55 -4.27
CA GLY D 344 19.45 -33.81 -5.64
C GLY D 344 19.21 -35.22 -6.14
N PHE D 345 19.28 -36.19 -5.23
CA PHE D 345 19.06 -37.58 -5.61
C PHE D 345 17.68 -37.75 -6.25
N GLN D 346 16.69 -37.12 -5.65
CA GLN D 346 15.32 -37.19 -6.14
C GLN D 346 15.11 -36.41 -7.44
N TRP D 347 15.89 -35.37 -7.62
CA TRP D 347 15.81 -34.54 -8.81
C TRP D 347 16.25 -35.33 -10.01
N ARG D 348 17.35 -36.05 -9.83
CA ARG D 348 17.89 -36.84 -10.92
C ARG D 348 17.36 -38.26 -10.98
N HIS D 349 17.19 -38.90 -9.82
CA HIS D 349 16.72 -40.29 -9.77
C HIS D 349 15.52 -40.43 -8.85
N PHE D 350 14.38 -39.85 -9.24
CA PHE D 350 13.19 -39.92 -8.40
C PHE D 350 12.64 -41.32 -8.14
N GLY D 351 12.59 -41.68 -6.87
CA GLY D 351 12.05 -42.99 -6.49
C GLY D 351 12.96 -44.17 -6.74
N ALA D 352 14.25 -43.92 -6.87
CA ALA D 352 15.20 -45.00 -7.11
C ALA D 352 15.54 -45.67 -5.78
N ALA D 353 15.74 -46.98 -5.82
CA ALA D 353 16.08 -47.75 -4.63
C ALA D 353 17.48 -47.37 -4.14
N TYR D 354 17.55 -46.64 -3.03
CA TYR D 354 18.82 -46.20 -2.49
C TYR D 354 19.51 -47.23 -1.60
N THR D 355 20.73 -47.58 -1.99
CA THR D 355 21.52 -48.54 -1.25
C THR D 355 22.61 -47.74 -0.55
N HIS D 356 23.52 -47.18 -1.35
CA HIS D 356 24.61 -46.37 -0.81
C HIS D 356 25.02 -45.23 -1.72
N HIS D 357 25.75 -44.28 -1.15
CA HIS D 357 26.16 -43.11 -1.91
C HIS D 357 27.11 -43.39 -3.06
N ASP D 358 28.13 -44.20 -2.82
CA ASP D 358 29.11 -44.54 -3.86
C ASP D 358 28.58 -45.48 -4.95
N ALA D 359 27.42 -46.09 -4.68
CA ALA D 359 26.82 -47.00 -5.64
C ALA D 359 26.55 -46.22 -6.93
N ASN D 360 26.17 -46.95 -7.98
CA ASN D 360 25.89 -46.32 -9.27
C ASN D 360 24.37 -46.20 -9.46
N TYR D 361 23.91 -45.00 -9.79
CA TYR D 361 22.48 -44.80 -9.99
C TYR D 361 22.10 -44.32 -11.38
N ASP D 362 22.93 -44.65 -12.37
CA ASP D 362 22.63 -44.22 -13.74
C ASP D 362 21.39 -44.88 -14.30
N GLY D 363 20.62 -44.10 -15.04
CA GLY D 363 19.41 -44.60 -15.66
C GLY D 363 18.33 -44.94 -14.65
N GLN D 364 18.67 -44.84 -13.37
CA GLN D 364 17.76 -45.13 -12.26
C GLN D 364 16.81 -43.97 -11.93
N GLY D 365 15.54 -44.31 -11.74
CA GLY D 365 14.55 -43.29 -11.40
C GLY D 365 14.13 -42.40 -12.54
N VAL D 366 13.36 -41.36 -12.21
CA VAL D 366 12.88 -40.40 -13.20
C VAL D 366 13.78 -39.20 -13.13
N ASP D 367 14.46 -38.89 -14.24
CA ASP D 367 15.34 -37.74 -14.23
C ASP D 367 14.58 -36.43 -14.51
N GLN D 368 14.12 -35.79 -13.44
CA GLN D 368 13.34 -34.56 -13.52
C GLN D 368 14.01 -33.39 -14.22
N ILE D 369 15.20 -33.02 -13.74
CA ILE D 369 15.96 -31.90 -14.30
C ILE D 369 16.26 -32.13 -15.79
N LYS D 370 16.69 -33.34 -16.14
CA LYS D 370 16.99 -33.64 -17.52
C LYS D 370 15.70 -33.48 -18.32
N ALA D 371 14.60 -33.92 -17.73
CA ALA D 371 13.28 -33.84 -18.36
C ALA D 371 12.82 -32.40 -18.57
N ILE D 372 12.95 -31.60 -17.52
CA ILE D 372 12.55 -30.21 -17.57
C ILE D 372 13.36 -29.43 -18.60
N VAL D 373 14.68 -29.65 -18.62
CA VAL D 373 15.53 -28.95 -19.59
C VAL D 373 15.01 -29.23 -21.00
N GLU D 374 14.56 -30.45 -21.22
CA GLU D 374 14.08 -30.80 -22.53
C GLU D 374 12.74 -30.16 -22.91
N THR D 375 11.84 -30.04 -21.96
CA THR D 375 10.54 -29.44 -22.28
C THR D 375 10.77 -27.96 -22.60
N LEU D 376 11.45 -27.28 -21.70
CA LEU D 376 11.77 -25.86 -21.81
C LEU D 376 12.25 -25.44 -23.23
N LYS D 377 13.09 -26.28 -23.83
CA LYS D 377 13.66 -25.98 -25.14
C LYS D 377 12.80 -26.27 -26.34
N THR D 378 11.82 -27.15 -26.18
CA THR D 378 10.98 -27.52 -27.30
C THR D 378 9.54 -27.06 -27.15
N ASN D 379 9.15 -26.76 -25.92
CA ASN D 379 7.80 -26.32 -25.61
C ASN D 379 7.83 -25.68 -24.23
N PRO D 380 8.28 -24.41 -24.17
CA PRO D 380 8.42 -23.58 -22.98
C PRO D 380 7.11 -23.00 -22.38
N ASP D 381 5.95 -23.44 -22.87
CA ASP D 381 4.65 -22.98 -22.37
C ASP D 381 4.04 -24.06 -21.51
N ASP D 382 4.69 -25.22 -21.50
CA ASP D 382 4.23 -26.35 -20.74
C ASP D 382 3.99 -25.96 -19.27
N ARG D 383 2.84 -26.34 -18.72
CA ARG D 383 2.50 -26.03 -17.34
C ARG D 383 2.86 -27.10 -16.32
N ARG D 384 3.74 -28.01 -16.68
CA ARG D 384 4.08 -29.08 -15.76
C ARG D 384 5.56 -29.18 -15.54
N MET D 385 6.29 -28.11 -15.84
CA MET D 385 7.72 -28.14 -15.67
C MET D 385 8.16 -27.88 -14.25
N LEU D 386 8.16 -28.92 -13.41
CA LEU D 386 8.63 -28.77 -12.04
C LEU D 386 9.15 -30.06 -11.45
N PHE D 387 10.12 -29.95 -10.56
CA PHE D 387 10.69 -31.12 -9.92
C PHE D 387 10.52 -31.07 -8.40
N THR D 388 10.39 -32.25 -7.79
CA THR D 388 10.20 -32.32 -6.36
C THR D 388 11.21 -33.26 -5.75
N ALA D 389 11.50 -33.03 -4.47
CA ALA D 389 12.43 -33.85 -3.71
C ALA D 389 11.65 -34.46 -2.57
N TRP D 390 10.42 -33.98 -2.39
CA TRP D 390 9.55 -34.47 -1.35
C TRP D 390 8.94 -35.79 -1.77
N ASN D 391 9.61 -36.88 -1.42
CA ASN D 391 9.15 -38.22 -1.77
C ASN D 391 8.67 -38.95 -0.51
N PRO D 392 7.34 -39.06 -0.34
CA PRO D 392 6.80 -39.74 0.82
C PRO D 392 7.48 -41.08 1.08
N SER D 393 7.78 -41.79 0.00
CA SER D 393 8.41 -43.09 0.12
C SER D 393 9.87 -43.05 0.60
N ALA D 394 10.65 -42.11 0.08
CA ALA D 394 12.05 -42.02 0.45
C ALA D 394 12.31 -41.31 1.77
N LEU D 395 11.41 -40.42 2.18
CA LEU D 395 11.59 -39.66 3.41
C LEU D 395 12.23 -40.45 4.57
N PRO D 396 11.65 -41.61 4.93
CA PRO D 396 12.20 -42.40 6.02
C PRO D 396 13.70 -42.70 5.92
N ARG D 397 14.18 -42.92 4.70
CA ARG D 397 15.59 -43.26 4.48
C ARG D 397 16.51 -42.07 4.32
N MET D 398 15.96 -40.86 4.40
CA MET D 398 16.73 -39.62 4.26
C MET D 398 17.23 -39.07 5.59
N ALA D 399 18.42 -38.47 5.58
CA ALA D 399 18.96 -37.89 6.82
C ALA D 399 17.84 -37.09 7.47
N LEU D 400 17.13 -36.32 6.63
CA LEU D 400 15.99 -35.52 7.03
C LEU D 400 15.25 -35.14 5.76
N PRO D 401 13.97 -34.80 5.88
CA PRO D 401 13.21 -34.42 4.68
C PRO D 401 13.71 -33.11 4.13
N PRO D 402 13.46 -32.85 2.84
CA PRO D 402 13.87 -31.62 2.17
C PRO D 402 13.12 -30.37 2.64
N CYS D 403 13.84 -29.27 2.86
CA CYS D 403 13.22 -28.01 3.26
C CYS D 403 12.70 -27.40 1.95
N HIS D 404 13.59 -26.90 1.11
CA HIS D 404 13.15 -26.38 -0.18
C HIS D 404 12.78 -27.67 -0.94
N LEU D 405 11.52 -28.08 -0.77
CA LEU D 405 11.00 -29.32 -1.36
C LEU D 405 10.60 -29.41 -2.82
N LEU D 406 10.20 -28.31 -3.46
CA LEU D 406 9.86 -28.35 -4.89
C LEU D 406 10.01 -27.01 -5.62
N ALA D 407 10.19 -27.06 -6.94
CA ALA D 407 10.33 -25.85 -7.76
C ALA D 407 9.58 -26.02 -9.08
N GLN D 408 9.09 -24.92 -9.65
CA GLN D 408 8.35 -24.95 -10.92
C GLN D 408 8.79 -23.81 -11.82
N PHE D 409 9.04 -24.10 -13.10
CA PHE D 409 9.47 -23.08 -14.03
C PHE D 409 8.33 -22.55 -14.91
N TYR D 410 8.55 -21.37 -15.46
CA TYR D 410 7.59 -20.70 -16.31
C TYR D 410 8.37 -19.80 -17.25
N VAL D 411 7.94 -19.73 -18.50
CA VAL D 411 8.66 -18.91 -19.47
C VAL D 411 7.78 -17.81 -20.07
N SER D 412 8.42 -16.69 -20.40
CA SER D 412 7.74 -15.56 -21.02
C SER D 412 8.77 -14.64 -21.67
N ASN D 413 8.50 -14.24 -22.91
CA ASN D 413 9.37 -13.33 -23.65
C ASN D 413 10.85 -13.73 -23.65
N GLY D 414 11.14 -15.02 -23.54
CA GLY D 414 12.53 -15.46 -23.53
C GLY D 414 13.14 -15.64 -22.16
N GLU D 415 12.38 -15.22 -21.14
CA GLU D 415 12.82 -15.27 -19.74
C GLU D 415 12.34 -16.47 -18.96
N LEU D 416 13.26 -17.13 -18.26
CA LEU D 416 12.91 -18.30 -17.45
C LEU D 416 12.72 -17.82 -16.02
N SER D 417 11.55 -18.08 -15.47
CA SER D 417 11.26 -17.68 -14.10
C SER D 417 11.16 -18.96 -13.30
N CYS D 418 11.38 -18.88 -12.00
CA CYS D 418 11.33 -20.06 -11.16
C CYS D 418 10.61 -19.87 -9.84
N MET D 419 9.65 -20.76 -9.56
CA MET D 419 8.91 -20.72 -8.30
C MET D 419 9.48 -21.77 -7.38
N LEU D 420 9.81 -21.35 -6.16
CA LEU D 420 10.38 -22.23 -5.15
C LEU D 420 9.45 -22.44 -3.97
N TYR D 421 9.31 -23.69 -3.51
CA TYR D 421 8.45 -24.00 -2.36
C TYR D 421 9.30 -24.55 -1.22
N GLN D 422 9.28 -23.85 -0.09
CA GLN D 422 10.07 -24.25 1.08
C GLN D 422 9.10 -24.38 2.25
N ARG D 423 9.05 -25.57 2.85
CA ARG D 423 8.15 -25.86 3.96
C ARG D 423 8.51 -25.18 5.28
N SER D 424 9.80 -25.12 5.58
CA SER D 424 10.29 -24.53 6.82
C SER D 424 11.46 -23.64 6.46
N CYS D 425 11.44 -22.40 6.94
CA CYS D 425 12.52 -21.47 6.62
C CYS D 425 13.12 -20.74 7.81
N ASP D 426 14.42 -20.90 8.03
CA ASP D 426 15.10 -20.19 9.10
C ASP D 426 15.44 -18.83 8.50
N MET D 427 14.65 -17.81 8.83
CA MET D 427 14.86 -16.48 8.29
C MET D 427 16.27 -15.93 8.45
N GLY D 428 16.88 -16.25 9.59
CA GLY D 428 18.21 -15.75 9.88
C GLY D 428 19.36 -16.20 9.00
N LEU D 429 19.51 -17.51 8.82
CA LEU D 429 20.62 -18.00 8.01
C LEU D 429 20.18 -18.77 6.77
N GLY D 430 19.16 -19.61 6.92
CA GLY D 430 18.69 -20.42 5.82
C GLY D 430 17.98 -19.76 4.65
N VAL D 431 17.24 -18.68 4.87
CA VAL D 431 16.51 -18.03 3.78
C VAL D 431 17.36 -17.24 2.80
N PRO D 432 18.33 -16.48 3.29
CA PRO D 432 19.14 -15.74 2.31
C PRO D 432 20.00 -16.71 1.52
N PHE D 433 20.25 -17.87 2.12
CA PHE D 433 21.06 -18.91 1.48
C PHE D 433 20.24 -19.52 0.36
N ASN D 434 19.01 -19.92 0.70
CA ASN D 434 18.10 -20.52 -0.26
C ASN D 434 17.81 -19.61 -1.44
N ILE D 435 17.57 -18.33 -1.16
CA ILE D 435 17.30 -17.37 -2.24
C ILE D 435 18.45 -17.46 -3.21
N ALA D 436 19.68 -17.35 -2.71
CA ALA D 436 20.85 -17.45 -3.58
C ALA D 436 20.85 -18.80 -4.32
N SER D 437 20.54 -19.87 -3.59
CA SER D 437 20.49 -21.22 -4.12
C SER D 437 19.69 -21.35 -5.42
N TYR D 438 18.40 -21.02 -5.36
CA TYR D 438 17.55 -21.12 -6.53
C TYR D 438 17.78 -20.01 -7.58
N ALA D 439 18.47 -18.95 -7.19
CA ALA D 439 18.76 -17.89 -8.15
C ALA D 439 19.81 -18.47 -9.12
N LEU D 440 20.74 -19.23 -8.54
CA LEU D 440 21.81 -19.88 -9.30
C LEU D 440 21.30 -21.05 -10.13
N LEU D 441 20.29 -21.75 -9.61
CA LEU D 441 19.72 -22.86 -10.34
C LEU D 441 18.97 -22.30 -11.54
N THR D 442 18.16 -21.28 -11.31
CA THR D 442 17.40 -20.71 -12.41
C THR D 442 18.31 -20.20 -13.53
N ILE D 443 19.43 -19.60 -13.14
CA ILE D 443 20.40 -19.08 -14.11
C ILE D 443 21.09 -20.21 -14.87
N LEU D 444 21.57 -21.22 -14.15
CA LEU D 444 22.24 -22.33 -14.81
C LEU D 444 21.27 -23.08 -15.73
N ILE D 445 20.04 -23.25 -15.28
CA ILE D 445 19.03 -23.94 -16.07
C ILE D 445 18.72 -23.15 -17.33
N ALA D 446 18.77 -21.83 -17.22
CA ALA D 446 18.52 -20.95 -18.37
C ALA D 446 19.62 -21.14 -19.44
N LYS D 447 20.87 -20.98 -19.01
CA LYS D 447 22.00 -21.16 -19.92
C LYS D 447 21.93 -22.49 -20.67
N ALA D 448 21.30 -23.49 -20.05
CA ALA D 448 21.16 -24.81 -20.65
C ALA D 448 19.93 -24.93 -21.57
N THR D 449 19.03 -23.96 -21.49
CA THR D 449 17.83 -24.01 -22.31
C THR D 449 17.73 -22.85 -23.27
N GLY D 450 18.87 -22.18 -23.47
CA GLY D 450 18.90 -21.06 -24.39
C GLY D 450 17.86 -20.02 -24.09
N LEU D 451 17.70 -19.71 -22.82
CA LEU D 451 16.75 -18.71 -22.37
C LEU D 451 17.55 -17.71 -21.55
N ARG D 452 16.98 -16.55 -21.28
CA ARG D 452 17.67 -15.56 -20.47
C ARG D 452 16.98 -15.63 -19.12
N PRO D 453 17.77 -15.55 -18.02
CA PRO D 453 17.22 -15.61 -16.67
C PRO D 453 16.22 -14.50 -16.35
N GLY D 454 15.05 -14.87 -15.85
CA GLY D 454 14.00 -13.91 -15.53
C GLY D 454 13.82 -13.54 -14.07
N GLU D 455 12.92 -14.23 -13.38
CA GLU D 455 12.67 -13.96 -11.95
C GLU D 455 12.72 -15.23 -11.10
N LEU D 456 12.80 -15.03 -9.80
CA LEU D 456 12.80 -16.11 -8.82
C LEU D 456 11.73 -15.74 -7.80
N VAL D 457 10.72 -16.61 -7.66
CA VAL D 457 9.63 -16.39 -6.72
C VAL D 457 9.76 -17.38 -5.57
N HIS D 458 10.00 -16.86 -4.38
CA HIS D 458 10.18 -17.69 -3.19
C HIS D 458 8.89 -17.80 -2.40
N THR D 459 8.48 -19.02 -2.06
CA THR D 459 7.26 -19.22 -1.27
C THR D 459 7.58 -19.86 0.05
N LEU D 460 7.48 -19.08 1.14
CA LEU D 460 7.76 -19.61 2.47
C LEU D 460 6.48 -20.10 3.14
N GLY D 461 6.56 -21.22 3.84
CA GLY D 461 5.41 -21.76 4.54
C GLY D 461 5.55 -21.45 6.01
N ASP D 462 6.40 -22.20 6.71
CA ASP D 462 6.65 -21.98 8.13
C ASP D 462 7.88 -21.07 8.25
N ALA D 463 7.64 -19.77 8.17
CA ALA D 463 8.70 -18.77 8.26
C ALA D 463 8.98 -18.48 9.73
N HIS D 464 10.19 -18.77 10.17
CA HIS D 464 10.53 -18.56 11.57
C HIS D 464 11.89 -17.92 11.80
N VAL D 465 12.02 -17.29 12.96
CA VAL D 465 13.25 -16.65 13.40
C VAL D 465 13.59 -17.31 14.72
N TYR D 466 14.80 -17.85 14.84
CA TYR D 466 15.17 -18.49 16.10
C TYR D 466 15.15 -17.47 17.24
N SER D 467 14.66 -17.89 18.39
CA SER D 467 14.53 -16.99 19.53
C SER D 467 15.78 -16.23 19.96
N ASN D 468 16.94 -16.86 19.82
CA ASN D 468 18.20 -16.23 20.19
C ASN D 468 18.77 -15.32 19.11
N HIS D 469 18.02 -15.15 18.02
CA HIS D 469 18.46 -14.30 16.92
C HIS D 469 17.71 -13.00 16.91
N VAL D 470 16.99 -12.70 17.99
CA VAL D 470 16.21 -11.47 18.02
C VAL D 470 17.07 -10.21 18.14
N GLU D 471 17.86 -10.09 19.21
CA GLU D 471 18.68 -8.90 19.38
C GLU D 471 19.55 -8.66 18.15
N PRO D 472 20.14 -9.74 17.60
CA PRO D 472 20.98 -9.55 16.42
C PRO D 472 20.17 -9.11 15.19
N CYS D 473 19.19 -9.93 14.79
CA CYS D 473 18.35 -9.61 13.64
C CYS D 473 17.69 -8.25 13.75
N ASN D 474 17.54 -7.74 14.97
CA ASN D 474 16.93 -6.43 15.13
C ASN D 474 17.94 -5.36 14.74
N GLU D 475 19.22 -5.64 14.90
CA GLU D 475 20.22 -4.66 14.53
C GLU D 475 20.41 -4.68 13.01
N GLN D 476 20.25 -5.86 12.41
CA GLN D 476 20.40 -5.98 10.97
C GLN D 476 19.23 -5.28 10.30
N LEU D 477 18.05 -5.35 10.92
CA LEU D 477 16.86 -4.71 10.36
C LEU D 477 17.04 -3.21 10.38
N LYS D 478 18.11 -2.73 11.03
CA LYS D 478 18.40 -1.31 11.09
C LYS D 478 18.91 -0.85 9.73
N ARG D 479 19.99 -1.48 9.27
CA ARG D 479 20.63 -1.15 8.01
C ARG D 479 19.72 -1.10 6.77
N VAL D 480 20.01 -0.16 5.88
CA VAL D 480 19.25 -0.05 4.65
C VAL D 480 19.94 -0.91 3.59
N PRO D 481 19.19 -1.79 2.92
CA PRO D 481 19.80 -2.64 1.91
C PRO D 481 20.49 -1.85 0.81
N ARG D 482 21.49 -2.45 0.19
CA ARG D 482 22.19 -1.79 -0.89
C ARG D 482 21.87 -2.49 -2.21
N ALA D 483 22.49 -2.06 -3.30
CA ALA D 483 22.23 -2.66 -4.60
C ALA D 483 22.87 -4.04 -4.71
N PHE D 484 22.10 -4.98 -5.27
CA PHE D 484 22.60 -6.33 -5.44
C PHE D 484 23.77 -6.46 -6.39
N PRO D 485 24.66 -7.41 -6.11
CA PRO D 485 25.85 -7.69 -6.91
C PRO D 485 25.42 -8.43 -8.17
N TYR D 486 26.39 -8.78 -9.02
CA TYR D 486 26.07 -9.49 -10.25
C TYR D 486 26.85 -10.79 -10.37
N LEU D 487 26.39 -11.65 -11.27
CA LEU D 487 27.03 -12.94 -11.51
C LEU D 487 27.51 -13.08 -12.96
N VAL D 488 28.74 -13.55 -13.12
CA VAL D 488 29.33 -13.75 -14.44
C VAL D 488 30.04 -15.09 -14.46
N PHE D 489 30.23 -15.64 -15.65
CA PHE D 489 30.92 -16.92 -15.78
C PHE D 489 32.28 -16.70 -16.45
N ARG D 490 33.37 -17.10 -15.79
CA ARG D 490 34.71 -16.92 -16.34
C ARG D 490 34.84 -17.81 -17.56
N ARG D 491 34.19 -18.95 -17.49
CA ARG D 491 34.21 -19.90 -18.58
C ARG D 491 32.92 -20.69 -18.49
N GLU D 492 32.59 -21.41 -19.56
CA GLU D 492 31.38 -22.21 -19.57
C GLU D 492 31.78 -23.66 -19.46
N ARG D 493 30.87 -24.53 -19.88
CA ARG D 493 31.13 -25.95 -19.81
C ARG D 493 30.35 -26.65 -20.89
N GLU D 494 30.54 -27.96 -20.99
CA GLU D 494 29.85 -28.74 -22.00
C GLU D 494 28.62 -29.38 -21.39
N PHE D 495 28.76 -29.84 -20.15
CA PHE D 495 27.67 -30.46 -19.42
C PHE D 495 27.37 -29.64 -18.17
N LEU D 496 26.08 -29.49 -17.88
CA LEU D 496 25.63 -28.74 -16.71
C LEU D 496 26.21 -29.30 -15.42
N GLU D 497 26.52 -30.59 -15.45
CA GLU D 497 27.07 -31.28 -14.29
C GLU D 497 28.55 -31.00 -14.11
N ASP D 498 29.24 -30.67 -15.19
CA ASP D 498 30.67 -30.42 -15.12
C ASP D 498 31.05 -29.03 -14.57
N TYR D 499 30.04 -28.20 -14.30
CA TYR D 499 30.25 -26.84 -13.78
C TYR D 499 30.83 -26.78 -12.35
N GLU D 500 31.75 -25.85 -12.16
CA GLU D 500 32.42 -25.69 -10.87
C GLU D 500 32.16 -24.34 -10.23
N GLU D 501 32.41 -24.25 -8.93
CA GLU D 501 32.24 -23.01 -8.19
C GLU D 501 33.12 -21.92 -8.78
N GLY D 502 34.28 -22.32 -9.29
CA GLY D 502 35.22 -21.36 -9.86
C GLY D 502 35.02 -20.96 -11.31
N ASP D 503 33.96 -21.46 -11.93
CA ASP D 503 33.68 -21.14 -13.33
C ASP D 503 32.89 -19.84 -13.41
N MET D 504 32.51 -19.32 -12.25
CA MET D 504 31.71 -18.10 -12.18
C MET D 504 32.15 -17.28 -10.99
N GLU D 505 31.87 -15.98 -11.02
CA GLU D 505 32.25 -15.12 -9.91
C GLU D 505 31.17 -14.11 -9.60
N VAL D 506 31.15 -13.67 -8.35
CA VAL D 506 30.19 -12.65 -7.93
C VAL D 506 30.96 -11.36 -7.93
N ILE D 507 30.42 -10.35 -8.58
CA ILE D 507 31.08 -9.05 -8.65
C ILE D 507 30.23 -7.94 -8.05
N ASP D 508 30.91 -6.90 -7.55
CA ASP D 508 30.27 -5.75 -6.93
C ASP D 508 29.31 -6.10 -5.76
N TYR D 509 29.73 -7.02 -4.89
CA TYR D 509 28.93 -7.40 -3.72
C TYR D 509 29.57 -6.66 -2.56
N ALA D 510 28.90 -5.62 -2.10
CA ALA D 510 29.42 -4.82 -1.00
C ALA D 510 28.49 -4.94 0.20
N PRO D 511 28.51 -6.09 0.88
CA PRO D 511 27.65 -6.27 2.05
C PRO D 511 28.13 -5.44 3.23
N TYR D 512 27.27 -5.32 4.24
CA TYR D 512 27.60 -4.58 5.45
C TYR D 512 28.52 -5.43 6.31
N PRO D 513 29.12 -4.82 7.34
CA PRO D 513 30.02 -5.60 8.19
C PRO D 513 29.21 -6.59 9.02
N PRO D 514 29.87 -7.59 9.61
CA PRO D 514 29.09 -8.55 10.41
C PRO D 514 28.67 -7.88 11.71
N ILE D 515 28.21 -8.68 12.65
CA ILE D 515 27.81 -8.16 13.94
C ILE D 515 27.62 -9.27 14.97
N1 2CY E . -0.05 -3.53 -39.20
C2 2CY E . 0.28 -3.24 -37.92
N3 2CY E . 1.30 -2.39 -37.65
C4 2CY E . 2.02 -1.78 -38.63
C5 2CY E . 1.71 -2.06 -40.01
C6 2CY E . 0.62 -2.99 -40.24
C7 2CY E . 2.40 -1.49 -41.14
C8 2CY E . 1.97 -1.85 -42.47
C9 2CY E . 0.91 -2.75 -42.67
C10 2CY E . 0.23 -3.32 -41.56
N11 2CY E . -0.39 -3.81 -36.91
N12 2CY E . 3.00 -0.96 -38.20
O13 2CY E . 3.35 -0.67 -40.98
C14 2CY E . 3.69 0.42 -41.83
C15 2CY E . 5.17 0.40 -42.21
C16 2CY E . 5.31 -0.20 -43.61
O17 2CY E . 4.17 0.16 -44.41
C18 2CY E . 3.71 -0.38 -45.44
C19 2CY E . 2.53 0.20 -46.01
C20 2CY E . 1.93 -0.36 -47.17
C21 2CY E . 2.50 -1.52 -47.78
C22 2CY E . 3.68 -2.12 -47.23
C23 2CY E . 4.28 -1.56 -46.06
F24 2CY E . 4.24 -3.25 -47.83
PA NDP F . 14.15 0.27 -40.39
O1A NDP F . 14.27 0.61 -38.99
O2A NDP F . 12.84 0.34 -41.11
O5B NDP F . 15.21 1.25 -41.19
C5B NDP F . 16.51 1.38 -40.63
C4B NDP F . 17.06 2.61 -41.30
O4B NDP F . 16.40 3.78 -40.69
C3B NDP F . 18.49 2.89 -41.16
O3B NDP F . 19.42 2.03 -41.85
C2B NDP F . 18.64 4.33 -41.32
O2B NDP F . 18.68 4.89 -42.62
C1B NDP F . 17.45 4.73 -40.47
N9A NDP F . 17.78 5.00 -39.04
C8A NDP F . 17.36 4.31 -37.89
N7A NDP F . 17.88 4.85 -36.80
C5A NDP F . 18.66 5.90 -37.21
C6A NDP F . 19.47 6.86 -36.54
N6A NDP F . 19.59 6.84 -35.22
N1A NDP F . 20.13 7.82 -37.28
C2A NDP F . 20.03 7.84 -38.63
N3A NDP F . 19.28 6.97 -39.35
C4A NDP F . 18.61 6.01 -38.57
O3 NDP F . 14.78 -1.14 -40.74
PN NDP F . 14.95 -2.62 -40.12
O1N NDP F . 15.93 -3.31 -40.96
O2N NDP F . 15.17 -2.46 -38.66
O5D NDP F . 13.42 -3.13 -40.30
C5D NDP F . 12.75 -3.12 -41.61
C4D NDP F . 12.11 -4.54 -41.89
O4D NDP F . 11.04 -4.66 -40.96
C3D NDP F . 11.44 -4.58 -43.27
O3D NDP F . 11.61 -5.85 -43.87
C2D NDP F . 10.00 -4.18 -43.08
O2D NDP F . 9.17 -4.80 -44.04
C1D NDP F . 9.77 -4.81 -41.63
N1N NDP F . 8.72 -4.06 -40.87
C2N NDP F . 7.63 -4.82 -40.39
C3N NDP F . 6.59 -4.11 -39.65
C7N NDP F . 5.43 -4.84 -39.14
O7N NDP F . 4.51 -4.30 -38.49
N7N NDP F . 5.32 -6.16 -39.35
C4N NDP F . 6.73 -2.73 -39.45
C5N NDP F . 7.80 -2.01 -39.92
C6N NDP F . 8.80 -2.66 -40.62
P2B NDP F . 19.92 4.79 -43.52
O1X NDP F . 19.84 3.42 -44.06
O2X NDP F . 19.83 5.84 -44.57
O3X NDP F . 21.16 4.98 -42.64
P PO4 G . 10.00 30.52 8.49
O1 PO4 G . 8.40 30.64 8.29
O2 PO4 G . 10.34 31.25 9.85
O3 PO4 G . 10.38 29.01 8.56
O4 PO4 G . 10.70 31.25 7.29
C ACT H . 1.82 -6.02 -21.55
O ACT H . 0.97 -5.30 -20.98
OXT ACT H . 1.62 -7.14 -22.22
CH3 ACT H . 3.26 -5.56 -21.45
C ACT I . -29.28 10.84 -2.29
O ACT I . -29.92 11.89 -2.30
OXT ACT I . -29.58 9.68 -2.85
CH3 ACT I . -27.94 10.87 -1.56
C ACT J . -22.90 2.90 -5.42
O ACT J . -23.60 3.26 -6.40
OXT ACT J . -21.86 2.08 -5.40
CH3 ACT J . -23.29 3.47 -4.07
N1 2CY K . 3.40 -12.41 37.33
C2 2CY K . 2.96 -11.58 36.36
N3 2CY K . 1.71 -11.04 36.43
C4 2CY K . 0.85 -11.32 37.45
C5 2CY K . 1.27 -12.19 38.51
C6 2CY K . 2.61 -12.73 38.39
C7 2CY K . 0.46 -12.56 39.64
C8 2CY K . 1.01 -13.47 40.63
C9 2CY K . 2.33 -13.99 40.50
C10 2CY K . 3.13 -13.61 39.38
N11 2CY K . 3.76 -11.29 35.33
N12 2CY K . -0.35 -10.72 37.37
O13 2CY K . -0.71 -12.12 39.79
C14 2CY K . -1.76 -12.70 40.56
C15 2CY K . -2.41 -11.68 41.48
C16 2CY K . -2.12 -12.13 42.91
O17 2CY K . -0.93 -11.52 43.37
C18 2CY K . -0.08 -11.97 44.19
C19 2CY K . 0.90 -11.03 44.69
C20 2CY K . 1.90 -11.45 45.62
C21 2CY K . 1.94 -12.81 46.05
C22 2CY K . 0.99 -13.74 45.57
C23 2CY K . -0.03 -13.34 44.64
F24 2CY K . 1.04 -15.06 45.99
PA NDP L . -10.94 -14.39 38.74
O1A NDP L . -11.09 -13.66 37.52
O2A NDP L . -9.80 -14.15 39.68
O5B NDP L . -12.32 -14.10 39.60
C5B NDP L . -13.57 -14.37 38.98
C4B NDP L . -14.58 -13.84 39.97
O4B NDP L . -14.47 -12.39 39.91
C3B NDP L . -16.00 -14.12 39.74
O3B NDP L . -16.46 -15.46 39.97
C2B NDP L . -16.70 -13.02 40.41
O2B NDP L . -16.74 -13.06 41.84
C1B NDP L . -15.83 -11.93 39.86
N9A NDP L . -16.26 -11.39 38.54
C8A NDP L . -15.65 -11.56 37.26
N7A NDP L . -16.35 -10.94 36.34
C5A NDP L . -17.40 -10.36 36.96
C6A NDP L . -18.50 -9.57 36.53
N6A NDP L . -18.61 -9.28 35.25
N1A NDP L . -19.41 -9.12 37.44
C2A NDP L . -19.28 -9.43 38.74
N3A NDP L . -18.29 -10.18 39.26
C4A NDP L . -17.37 -10.61 38.31
O3 NDP L . -11.01 -15.96 38.53
PN NDP L . -10.60 -17.10 37.46
O1N NDP L . -11.10 -18.37 38.00
O2N NDP L . -10.99 -16.60 36.12
O5D NDP L . -8.99 -16.95 37.53
C5D NDP L . -8.27 -16.91 38.83
C4D NDP L . -7.11 -17.97 38.81
O4D NDP L . -6.11 -17.42 37.98
C3D NDP L . -6.43 -18.06 40.20
O3D NDP L . -6.07 -19.40 40.51
C2D NDP L . -5.27 -17.09 40.20
O2D NDP L . -4.24 -17.57 41.04
C1D NDP L . -4.87 -17.33 38.68
N1N NDP L . -4.11 -16.19 38.17
C2N NDP L . -2.79 -16.52 37.82
C3N NDP L . -1.97 -15.44 37.32
C7N NDP L . -0.59 -15.72 36.94
O7N NDP L . 0.18 -14.85 36.50
N7N NDP L . -0.09 -16.98 37.08
C4N NDP L . -2.53 -14.15 37.20
C5N NDP L . -3.83 -13.86 37.54
C6N NDP L . -4.63 -14.87 38.04
P2B NDP L . -17.94 -13.52 42.68
O1X NDP L . -18.24 -14.85 42.12
O2X NDP L . -17.54 -13.54 44.10
O3X NDP L . -19.10 -12.56 42.46
P PO4 M . -20.07 26.53 -1.73
O1 PO4 M . -18.80 26.01 -0.90
O2 PO4 M . -21.28 26.64 -0.72
O3 PO4 M . -19.72 27.92 -2.34
O4 PO4 M . -20.38 25.48 -2.84
C1 GOL N . -16.90 32.55 8.36
O1 GOL N . -16.83 32.67 6.94
C2 GOL N . -17.62 31.24 8.74
O2 GOL N . -17.70 31.12 10.17
C3 GOL N . -19.05 31.22 8.17
O3 GOL N . -19.69 30.00 8.53
C ACT O . 6.36 25.29 13.66
O ACT O . 5.29 25.95 13.60
OXT ACT O . 6.71 24.20 12.97
CH3 ACT O . 7.39 25.79 14.66
N1 2CY P . -38.51 0.42 7.41
C2 2CY P . -37.23 0.03 7.52
N3 2CY P . -36.82 -0.72 8.60
C4 2CY P . -37.69 -1.12 9.58
C5 2CY P . -39.08 -0.73 9.49
C6 2CY P . -39.44 0.07 8.34
C7 2CY P . -40.11 -1.08 10.47
C8 2CY P . -41.45 -0.61 10.24
C9 2CY P . -41.78 0.16 9.10
C10 2CY P . -40.78 0.51 8.16
N11 2CY P . -36.33 0.39 6.59
N12 2CY P . -37.15 -1.85 10.57
O13 2CY P . -39.85 -1.77 11.48
C14 2CY P . -40.60 -1.81 12.68
C15 2CY P . -40.86 -3.23 13.15
C16 2CY P . -42.38 -3.33 13.36
O17 2CY P . -43.01 -3.45 12.09
C18 2CY P . -44.10 -2.96 11.70
C19 2CY P . -44.60 -3.45 10.44
C20 2CY P . -45.82 -2.96 9.88
C21 2CY P . -46.57 -1.97 10.59
C22 2CY P . -46.09 -1.47 11.85
C23 2CY P . -44.86 -1.96 12.41
F24 2CY P . -46.81 -0.51 12.51
PA NDP Q . -36.52 -1.91 21.60
O1A NDP Q . -35.10 -2.03 21.58
O2A NDP Q . -37.38 -2.32 20.44
O5B NDP Q . -37.02 -2.81 22.90
C5B NDP Q . -36.30 -2.72 24.12
C4B NDP Q . -36.83 -3.88 24.92
O4B NDP Q . -36.36 -5.08 24.25
C3B NDP Q . -36.36 -4.03 26.31
O3B NDP Q . -36.86 -3.12 27.29
C2B NDP Q . -36.46 -5.46 26.61
O2B NDP Q . -37.76 -5.98 26.84
C1B NDP Q . -35.86 -5.91 25.30
N9A NDP Q . -34.40 -6.16 25.28
C8A NDP Q . -33.41 -5.52 24.50
N7A NDP Q . -32.22 -6.00 24.76
C5A NDP Q . -32.38 -6.97 25.70
C6A NDP Q . -31.51 -7.86 26.39
N6A NDP Q . -30.20 -7.83 26.14
N1A NDP Q . -32.01 -8.74 27.30
C2A NDP Q . -33.34 -8.76 27.56
N3A NDP Q . -34.26 -7.96 26.96
C4A NDP Q . -33.71 -7.08 26.03
O3 NDP Q . -37.01 -0.46 21.99
PN NDP Q . -36.46 1.05 21.98
O1N NDP Q . -37.20 1.77 23.03
O2N NDP Q . -34.97 0.95 22.01
O5D NDP Q . -36.85 1.47 20.46
C5D NDP Q . -38.25 1.35 19.93
C4D NDP Q . -38.57 2.62 19.05
O4D NDP Q . -37.85 2.45 17.84
C3D NDP Q . -40.06 2.67 18.59
O3D NDP Q . -40.56 4.01 18.59
C2D NDP Q . -40.13 2.04 17.23
O2D NDP Q . -41.19 2.64 16.48
C1D NDP Q . -38.72 2.58 16.71
N1N NDP Q . -38.22 1.71 15.62
C2N NDP Q . -37.95 2.39 14.42
C3N NDP Q . -37.45 1.58 13.32
C7N NDP Q . -37.15 2.19 12.04
O7N NDP Q . -36.73 1.55 11.07
N7N NDP Q . -37.34 3.51 11.86
C4N NDP Q . -37.28 0.20 13.54
C5N NDP Q . -37.54 -0.43 14.72
C6N NDP Q . -38.02 0.32 15.77
P2B NDP Q . -38.39 -6.21 28.22
O1X NDP Q . -38.61 -4.85 28.73
O2X NDP Q . -39.63 -7.00 28.00
O3X NDP Q . -37.41 -6.98 29.11
P PO4 R . -3.03 -28.10 -17.59
O1 PO4 R . -4.29 -29.09 -17.65
O2 PO4 R . -3.46 -26.85 -16.72
O3 PO4 R . -1.83 -28.85 -16.95
O4 PO4 R . -2.69 -27.63 -19.04
P PO4 S . 12.95 -28.89 10.74
O1 PO4 S . 13.35 -30.09 9.73
O2 PO4 S . 11.38 -28.86 10.82
O3 PO4 S . 13.55 -29.18 12.14
O4 PO4 S . 13.50 -27.54 10.15
C1 GOL T . -22.26 5.85 6.29
O1 GOL T . -22.84 6.67 5.28
C2 GOL T . -21.03 5.11 5.73
O2 GOL T . -20.44 4.28 6.75
C3 GOL T . -21.45 4.23 4.54
O3 GOL T . -20.31 3.56 4.04
C ACT U . -13.74 -27.20 -11.87
O ACT U . -12.79 -26.44 -12.12
OXT ACT U . -13.72 -28.32 -11.18
CH3 ACT U . -15.09 -26.81 -12.44
C ACT V . -9.96 -30.74 -10.51
O ACT V . -11.11 -30.26 -10.48
OXT ACT V . -9.02 -30.72 -9.58
CH3 ACT V . -9.59 -31.45 -11.81
N1 2CY W . 35.68 15.02 -4.71
C2 2CY W . 34.70 14.16 -5.04
N3 2CY W . 34.64 13.63 -6.29
C4 2CY W . 35.55 13.94 -7.26
C5 2CY W . 36.62 14.86 -6.96
C6 2CY W . 36.63 15.38 -5.61
C7 2CY W . 37.64 15.27 -7.89
C8 2CY W . 38.65 16.21 -7.44
C9 2CY W . 38.64 16.71 -6.11
C10 2CY W . 37.64 16.30 -5.20
N11 2CY W . 33.79 13.84 -4.12
N12 2CY W . 35.36 13.34 -8.45
O13 2CY W . 37.68 14.84 -9.07
C14 2CY W . 38.32 15.45 -10.19
C15 2CY W . 39.06 14.45 -11.06
C16 2CY W . 40.53 14.83 -11.02
O17 2CY W . 41.09 14.37 -9.79
C18 2CY W . 42.08 14.81 -9.15
C19 2CY W . 42.53 13.99 -8.05
C20 2CY W . 43.66 14.39 -7.26
C21 2CY W . 44.34 15.61 -7.56
C22 2CY W . 43.89 16.42 -8.66
C23 2CY W . 42.78 16.03 -9.45
F24 2CY W . 44.55 17.60 -8.94
PA NDP X . 34.51 16.10 -19.17
O1A NDP X . 33.30 15.34 -19.12
O2A NDP X . 35.60 15.89 -18.19
O5B NDP X . 35.17 15.81 -20.65
C5B NDP X . 34.29 15.82 -21.78
C4B NDP X . 35.11 15.22 -22.89
O4B NDP X . 35.03 13.76 -22.74
C3B NDP X . 34.68 15.47 -24.28
O3B NDP X . 34.87 16.79 -24.81
C2B NDP X . 35.22 14.36 -25.05
O2B NDP X . 36.62 14.39 -25.32
C1B NDP X . 34.81 13.28 -24.07
N9A NDP X . 33.49 12.62 -24.33
C8A NDP X . 32.24 12.82 -23.71
N7A NDP X . 31.32 12.06 -24.25
C5A NDP X . 31.92 11.34 -25.23
C6A NDP X . 31.49 10.35 -26.15
N6A NDP X . 30.22 9.97 -26.18
N1A NDP X . 32.38 9.81 -27.03
C2A NDP X . 33.67 10.22 -27.01
N3A NDP X . 34.18 11.13 -26.17
C4A NDP X . 33.25 11.66 -25.29
O3 NDP X . 34.26 17.66 -19.24
PN NDP X . 33.08 18.76 -18.98
O1N NDP X . 33.43 19.93 -19.78
O2N NDP X . 31.78 18.06 -19.16
O5D NDP X . 33.27 18.97 -17.38
C5D NDP X . 34.62 18.97 -16.75
C4D NDP X . 34.73 20.17 -15.75
O4D NDP X . 34.20 19.69 -14.51
C3D NDP X . 36.21 20.47 -15.44
O3D NDP X . 36.42 21.88 -15.34
C2D NDP X . 36.57 19.68 -14.21
O2D NDP X . 37.57 20.35 -13.45
C1D NDP X . 35.17 19.79 -13.46
N1N NDP X . 34.97 18.63 -12.54
C2N NDP X . 34.69 18.95 -11.19
C3N NDP X . 34.48 17.82 -10.28
C7N NDP X . 34.18 18.06 -8.86
O7N NDP X . 33.99 17.14 -8.02
N7N NDP X . 34.09 19.32 -8.38
C4N NDP X . 34.58 16.52 -10.79
C5N NDP X . 34.85 16.24 -12.10
C6N NDP X . 35.05 17.29 -12.99
P2B NDP X . 37.26 15.02 -26.56
O1X NDP X . 37.40 16.44 -26.21
O2X NDP X . 38.55 14.33 -26.79
O3X NDP X . 36.33 14.81 -27.74
C ACT Y . 20.58 8.86 7.39
O ACT Y . 20.99 9.56 8.31
OXT ACT Y . 19.64 7.93 7.42
CH3 ACT Y . 21.19 9.10 6.04
C ACT Z . 16.26 -23.34 5.62
O ACT Z . 15.64 -22.27 5.78
OXT ACT Z . 16.58 -23.96 4.49
CH3 ACT Z . 16.73 -24.04 6.89
C ACT AA . 22.92 -22.88 5.80
O ACT AA . 23.49 -22.00 6.50
OXT ACT AA . 22.03 -22.71 4.86
CH3 ACT AA . 23.33 -24.31 6.10
C ACT BA . 11.40 -6.30 19.41
O ACT BA . 10.92 -5.42 18.66
OXT ACT BA . 12.65 -6.50 19.76
CH3 ACT BA . 10.41 -7.28 19.99
#